data_1SA0
#
_entry.id   1SA0
#
_cell.length_a   328.690
_cell.length_b   328.691
_cell.length_c   54.679
_cell.angle_alpha   90.00
_cell.angle_beta   90.00
_cell.angle_gamma   120.00
#
_symmetry.space_group_name_H-M   'P 65'
#
loop_
_entity.id
_entity.type
_entity.pdbx_description
1 polymer 'Tubulin alpha chain'
2 polymer 'Tubulin beta chain'
3 polymer 'Stathmin 4'
4 non-polymer 'MAGNESIUM ION'
5 non-polymer "GUANOSINE-5'-TRIPHOSPHATE"
6 non-polymer "GUANOSINE-5'-DIPHOSPHATE"
7 non-polymer 2-MERCAPTO-N-[1,2,3,10-TETRAMETHOXY-9-OXO-5,6,7,9-TETRAHYDRO-BENZO[A]HEPTALEN-7-YL]ACETAMIDE
#
loop_
_entity_poly.entity_id
_entity_poly.type
_entity_poly.pdbx_seq_one_letter_code
_entity_poly.pdbx_strand_id
1 'polypeptide(L)'
;MRECISIHVGQAGVQIGNACWELYCLEHGIQPDGQMPSDKTIGGGDDSFNTFFSETGAGKHVPRAVFVDLEPTVIDEVRT
GTYRQLFHPEQLITGKEDAANNYARGHYTIGKEIIDLVLDRIRKLADQCTGLQGFSVFHSFGGGTGSGFTSLLMERLSVD
YGKKSKLEFSIYPAPQVSTAVVEPYNSILTTHTTLEHSDCAFMVDNEAIYDICRRNLDIERPTYTNLNRLIGQIVSSITA
SLRFDGALNVDLTEFQTNLVPYPRIHFPLATYAPVISAEKAYHEQLSVAEITNACFEPANQMVKCDPRHGKYMACCLLYR
GDVVPKDVNAAIATIKTKRTIQFVDWCPTGFKVGINYEPPTVVPGGDLAKVQRAVCMLSNTTAIAEAWARLDHKFDLMYA
KRAFVHWYVGEGMEEGEFSEAREDMAALEKDYEEVGVDSVEGEGEEEGEEY
;
A,C
2 'polypeptide(L)'
;MREIVHIQAGQCGNQIGAKFWEVISDEHGIDPTGSYHGDSDLQLERINVYYNEAAGNKYVPRAILVDLEPGTMDSVRSGP
FGQIFRPDNFVFGQSGAGNNWAKGHYTEGAELVDSVLDVVRKESESCDCLQGFQLTHSLGGGTGSGMGTLLISKIREEYP
DRIMNTFSVVPSPKVSDTVVEPYNATLSVHQLVENTDETYCIDNEALYDICFRTLKLTTPTYGDLNHLVSATMSGVTTCL
RFPGQLNADLRKLAVNMVPFPRLHFFMPGFAPLTSRGSQQYRALTVPELTQQMFDAKNMMAACDPRHGRYLTVAAVFRGR
MSMKEVDEQMLNVQNKNSSYFVEWIPNNVKTAVCDIPPRGLKMSATFIGNSTAIQELFKRISEQFTAMFRRKAFLHWYTG
EGMDEMEFTEAESNMNDLVSEYQQYQDATADEQGEFEEEGEEDEA
;
B,D
3 'polypeptide(L)'
;ADMEVIELNKCTSGQSFEVILKPPSFDGVPEFNASLPRRRDPSLEEIQKKLEAAEERRKYQEAELLKHLAEKREHEREVI
QKAIEENNNFIKMAKEKLAQKMESNKENREAHLAAMLERLQEKDKHAEEVRKNKELKEEASR
;
E
#
loop_
_chem_comp.id
_chem_comp.type
_chem_comp.name
_chem_comp.formula
CN2 non-polymer 2-MERCAPTO-N-[1,2,3,10-TETRAMETHOXY-9-OXO-5,6,7,9-TETRAHYDRO-BENZO[A]HEPTALEN-7-YL]ACETAMIDE 'C22 H25 N O6 S'
GDP RNA linking GUANOSINE-5'-DIPHOSPHATE 'C10 H15 N5 O11 P2'
GTP non-polymer GUANOSINE-5'-TRIPHOSPHATE 'C10 H16 N5 O14 P3'
MG non-polymer 'MAGNESIUM ION' 'Mg 2'
#
# COMPACT_ATOMS: atom_id res chain seq x y z
N ARG A 2 -62.90 22.40 -40.62
CA ARG A 2 -62.19 22.39 -41.93
C ARG A 2 -60.90 21.55 -41.94
N GLU A 3 -59.81 22.08 -41.40
CA GLU A 3 -58.54 21.35 -41.41
C GLU A 3 -58.29 20.57 -40.13
N CYS A 4 -57.08 20.02 -39.93
CA CYS A 4 -56.84 19.16 -38.76
C CYS A 4 -55.42 18.59 -38.51
N ILE A 5 -54.61 19.23 -37.67
CA ILE A 5 -53.23 18.78 -37.43
C ILE A 5 -53.00 17.67 -36.39
N SER A 6 -52.23 16.66 -36.78
CA SER A 6 -51.88 15.57 -35.88
C SER A 6 -50.46 15.82 -35.36
N ILE A 7 -50.23 15.58 -34.07
CA ILE A 7 -48.92 15.76 -33.46
C ILE A 7 -48.60 14.48 -32.73
N HIS A 8 -47.42 13.92 -32.96
CA HIS A 8 -47.05 12.71 -32.24
C HIS A 8 -45.78 12.91 -31.49
N VAL A 9 -45.84 12.95 -30.17
CA VAL A 9 -44.62 13.22 -29.42
C VAL A 9 -44.13 12.02 -28.63
N GLY A 10 -42.84 11.72 -28.79
CA GLY A 10 -42.18 10.66 -28.07
C GLY A 10 -42.60 9.23 -28.39
N GLN A 11 -41.58 8.37 -28.53
CA GLN A 11 -41.70 6.95 -28.90
C GLN A 11 -43.10 6.40 -29.13
N ALA A 12 -43.82 6.19 -28.02
CA ALA A 12 -45.18 5.67 -28.03
C ALA A 12 -46.01 6.52 -28.97
N GLY A 13 -46.04 7.83 -28.74
CA GLY A 13 -46.74 8.72 -29.66
C GLY A 13 -46.37 8.46 -31.13
N VAL A 14 -45.09 8.54 -31.42
CA VAL A 14 -44.62 8.33 -32.77
C VAL A 14 -45.13 7.02 -33.32
N GLN A 15 -44.72 5.91 -32.71
CA GLN A 15 -45.08 4.60 -33.23
C GLN A 15 -46.55 4.34 -33.38
N ILE A 16 -47.38 4.91 -32.50
CA ILE A 16 -48.83 4.72 -32.60
C ILE A 16 -49.30 5.39 -33.87
N GLY A 17 -48.88 6.63 -34.06
CA GLY A 17 -49.27 7.37 -35.25
C GLY A 17 -48.71 6.77 -36.51
N ASN A 18 -47.51 6.22 -36.38
CA ASN A 18 -46.87 5.57 -37.48
C ASN A 18 -47.77 4.48 -38.01
N ALA A 19 -48.53 3.84 -37.12
CA ALA A 19 -49.39 2.75 -37.51
C ALA A 19 -50.80 3.19 -37.88
N CYS A 20 -51.24 4.34 -37.38
CA CYS A 20 -52.56 4.82 -37.80
C CYS A 20 -52.49 5.78 -38.96
N TRP A 21 -51.29 6.21 -39.33
CA TRP A 21 -51.16 7.02 -40.53
C TRP A 21 -51.10 6.01 -41.66
N GLU A 22 -50.75 4.77 -41.33
CA GLU A 22 -50.69 3.74 -42.33
C GLU A 22 -52.07 3.15 -42.59
N LEU A 23 -52.93 3.14 -41.58
CA LEU A 23 -54.26 2.62 -41.75
C LEU A 23 -55.02 3.69 -42.47
N TYR A 24 -54.64 4.94 -42.23
CA TYR A 24 -55.30 6.05 -42.90
C TYR A 24 -55.05 5.87 -44.39
N CYS A 25 -53.79 5.83 -44.79
CA CYS A 25 -53.47 5.67 -46.19
C CYS A 25 -54.27 4.55 -46.82
N LEU A 26 -54.29 3.39 -46.16
CA LEU A 26 -54.97 2.24 -46.68
C LEU A 26 -56.46 2.51 -46.82
N GLU A 27 -57.02 3.25 -45.88
CA GLU A 27 -58.44 3.62 -45.90
C GLU A 27 -58.78 4.51 -47.08
N HIS A 28 -57.91 5.48 -47.36
CA HIS A 28 -58.14 6.42 -48.46
C HIS A 28 -57.37 6.09 -49.72
N GLY A 29 -56.71 4.94 -49.70
CA GLY A 29 -55.97 4.44 -50.84
C GLY A 29 -54.95 5.41 -51.40
N ILE A 30 -53.89 5.60 -50.64
CA ILE A 30 -52.79 6.46 -51.04
C ILE A 30 -51.55 5.57 -50.99
N GLN A 31 -51.05 5.20 -52.17
CA GLN A 31 -49.85 4.37 -52.19
C GLN A 31 -48.76 5.16 -51.49
N PRO A 32 -48.08 4.53 -50.54
CA PRO A 32 -47.03 5.15 -49.72
C PRO A 32 -46.40 6.36 -50.37
N ASP A 33 -45.51 6.16 -51.33
CA ASP A 33 -44.85 7.28 -52.00
C ASP A 33 -45.69 8.57 -52.00
N GLY A 34 -46.81 8.61 -52.71
CA GLY A 34 -47.54 9.85 -52.76
C GLY A 34 -49.02 9.91 -53.01
N GLN A 35 -49.43 9.73 -54.26
CA GLN A 35 -50.81 9.92 -54.65
C GLN A 35 -51.60 8.65 -54.98
N MET A 36 -52.91 8.84 -55.14
CA MET A 36 -53.86 7.79 -55.44
C MET A 36 -54.25 7.85 -56.89
N PRO A 37 -54.32 6.70 -57.55
CA PRO A 37 -54.81 6.65 -58.95
C PRO A 37 -56.33 6.73 -59.09
N ASP A 47 -63.07 17.63 -51.46
CA ASP A 47 -62.17 17.51 -50.32
C ASP A 47 -62.24 16.11 -49.65
N SER A 48 -63.25 15.86 -48.79
CA SER A 48 -63.47 14.58 -48.05
C SER A 48 -62.37 14.29 -47.03
N PHE A 49 -61.23 13.82 -47.55
CA PHE A 49 -60.01 13.43 -46.82
C PHE A 49 -58.94 14.53 -46.82
N ASN A 50 -59.34 15.70 -47.28
CA ASN A 50 -58.50 16.88 -47.16
C ASN A 50 -58.47 17.26 -45.70
N THR A 51 -59.45 16.76 -44.93
CA THR A 51 -59.53 17.00 -43.51
C THR A 51 -58.15 16.75 -42.92
N PHE A 52 -57.50 15.67 -43.37
CA PHE A 52 -56.20 15.27 -42.83
C PHE A 52 -54.94 15.39 -43.71
N PHE A 53 -55.10 15.57 -45.01
CA PHE A 53 -53.94 15.68 -45.89
C PHE A 53 -53.97 17.02 -46.65
N SER A 54 -52.80 17.49 -47.11
CA SER A 54 -52.70 18.74 -47.91
C SER A 54 -52.17 18.37 -49.30
N GLU A 55 -53.01 18.49 -50.34
CA GLU A 55 -52.62 18.09 -51.69
C GLU A 55 -51.39 18.84 -52.23
N THR A 56 -50.20 18.42 -51.80
CA THR A 56 -48.93 19.09 -52.18
C THR A 56 -48.31 18.61 -53.47
N GLY A 57 -47.70 19.55 -54.19
CA GLY A 57 -47.13 19.27 -55.49
C GLY A 57 -48.26 18.92 -56.44
N ALA A 58 -47.92 18.55 -57.66
CA ALA A 58 -48.93 18.15 -58.62
C ALA A 58 -48.95 16.62 -58.74
N GLY A 59 -48.88 15.96 -57.59
CA GLY A 59 -48.91 14.52 -57.51
C GLY A 59 -49.27 14.08 -56.12
N LYS A 60 -48.28 14.18 -55.23
CA LYS A 60 -48.30 13.76 -53.80
C LYS A 60 -49.54 14.09 -52.94
N HIS A 61 -49.74 13.35 -51.84
CA HIS A 61 -50.87 13.64 -50.96
C HIS A 61 -50.52 14.07 -49.50
N VAL A 62 -49.33 13.76 -48.99
CA VAL A 62 -48.81 14.18 -47.63
C VAL A 62 -49.71 14.58 -46.41
N PRO A 63 -49.46 13.96 -45.24
CA PRO A 63 -50.20 14.23 -44.00
C PRO A 63 -49.95 15.58 -43.37
N ARG A 64 -50.87 15.97 -42.49
CA ARG A 64 -50.77 17.22 -41.76
C ARG A 64 -50.34 16.79 -40.41
N ALA A 65 -49.13 16.29 -40.32
CA ALA A 65 -48.64 15.80 -39.05
C ALA A 65 -47.26 16.31 -38.72
N VAL A 66 -46.90 16.18 -37.45
CA VAL A 66 -45.56 16.50 -36.98
C VAL A 66 -45.17 15.43 -35.96
N PHE A 67 -43.95 14.92 -36.11
CA PHE A 67 -43.45 13.88 -35.24
C PHE A 67 -42.25 14.47 -34.50
N VAL A 68 -42.22 14.30 -33.17
CA VAL A 68 -41.12 14.80 -32.33
C VAL A 68 -40.68 13.82 -31.31
N ASP A 69 -39.40 13.61 -31.21
CA ASP A 69 -38.89 12.75 -30.15
C ASP A 69 -37.57 13.34 -29.69
N LEU A 70 -37.12 13.05 -28.48
CA LEU A 70 -35.88 13.69 -28.05
C LEU A 70 -34.57 12.95 -28.39
N GLU A 71 -34.69 11.77 -28.99
CA GLU A 71 -33.56 10.98 -29.51
C GLU A 71 -34.02 10.66 -30.91
N PRO A 72 -33.10 10.40 -31.84
CA PRO A 72 -33.49 9.98 -33.18
C PRO A 72 -34.18 8.61 -33.17
N THR A 73 -33.39 7.53 -33.17
CA THR A 73 -33.86 6.14 -33.15
C THR A 73 -35.22 5.92 -33.78
N VAL A 74 -36.29 6.23 -33.04
CA VAL A 74 -37.65 5.99 -33.53
C VAL A 74 -38.00 6.69 -34.84
N ILE A 75 -37.82 8.01 -34.87
CA ILE A 75 -38.08 8.80 -36.07
C ILE A 75 -37.21 8.36 -37.25
N ASP A 76 -35.97 7.95 -36.98
CA ASP A 76 -35.03 7.47 -37.99
C ASP A 76 -35.52 6.25 -38.74
N GLU A 77 -36.21 5.37 -38.03
CA GLU A 77 -36.79 4.19 -38.64
C GLU A 77 -37.98 4.59 -39.56
N VAL A 78 -38.55 5.78 -39.36
CA VAL A 78 -39.64 6.32 -40.18
C VAL A 78 -39.07 6.84 -41.48
N ARG A 79 -37.96 7.57 -41.41
CA ARG A 79 -37.31 8.04 -42.62
C ARG A 79 -36.57 6.93 -43.33
N THR A 80 -36.78 5.67 -42.89
CA THR A 80 -36.17 4.48 -43.50
C THR A 80 -37.19 3.59 -44.25
N GLY A 81 -38.11 2.98 -43.49
CA GLY A 81 -39.15 2.10 -44.01
C GLY A 81 -40.07 2.87 -44.92
N THR A 82 -40.70 2.19 -45.86
CA THR A 82 -41.63 2.87 -46.78
C THR A 82 -42.55 3.72 -45.93
N TYR A 83 -42.91 4.87 -46.52
CA TYR A 83 -43.65 5.95 -45.89
C TYR A 83 -42.55 7.02 -45.73
N ARG A 84 -41.35 6.62 -46.12
CA ARG A 84 -40.19 7.48 -46.09
C ARG A 84 -40.53 8.69 -46.94
N GLN A 85 -41.07 8.42 -48.13
CA GLN A 85 -41.45 9.45 -49.08
C GLN A 85 -42.72 10.19 -48.68
N LEU A 86 -43.63 9.50 -48.01
CA LEU A 86 -44.93 10.03 -47.60
C LEU A 86 -44.93 11.38 -46.88
N PHE A 87 -43.95 11.63 -46.01
CA PHE A 87 -43.88 12.89 -45.26
C PHE A 87 -42.89 13.87 -45.84
N HIS A 88 -42.82 15.04 -45.22
CA HIS A 88 -41.83 16.05 -45.59
C HIS A 88 -40.72 15.82 -44.60
N PRO A 89 -39.48 16.16 -44.93
CA PRO A 89 -38.38 15.95 -44.00
C PRO A 89 -38.59 16.84 -42.80
N GLU A 90 -39.22 17.99 -42.98
CA GLU A 90 -39.35 18.90 -41.87
C GLU A 90 -40.42 18.59 -40.84
N GLN A 91 -41.41 17.79 -41.18
CA GLN A 91 -42.40 17.46 -40.18
C GLN A 91 -41.90 16.42 -39.19
N LEU A 92 -40.69 15.92 -39.44
CA LEU A 92 -40.04 14.93 -38.58
C LEU A 92 -38.92 15.58 -37.80
N ILE A 93 -39.22 16.03 -36.59
CA ILE A 93 -38.22 16.68 -35.72
C ILE A 93 -37.66 15.66 -34.75
N THR A 94 -36.35 15.71 -34.57
CA THR A 94 -35.65 14.77 -33.72
C THR A 94 -34.63 15.52 -32.82
N GLY A 95 -34.26 14.93 -31.68
CA GLY A 95 -33.43 15.69 -30.76
C GLY A 95 -32.12 15.24 -30.12
N LYS A 96 -31.43 14.24 -30.67
CA LYS A 96 -30.08 13.83 -30.14
C LYS A 96 -29.96 13.33 -28.68
N GLU A 97 -30.33 14.18 -27.71
CA GLU A 97 -30.21 13.84 -26.31
C GLU A 97 -31.55 13.41 -25.77
N ASP A 98 -31.54 12.30 -25.04
CA ASP A 98 -32.76 11.71 -24.52
C ASP A 98 -33.48 12.42 -23.38
N ALA A 99 -34.76 12.10 -23.27
CA ALA A 99 -35.67 12.61 -22.24
C ALA A 99 -35.36 12.05 -20.87
N ALA A 100 -34.59 10.98 -20.86
CA ALA A 100 -34.15 10.35 -19.63
C ALA A 100 -35.18 9.63 -18.81
N ASN A 101 -36.45 9.83 -19.08
CA ASN A 101 -37.48 9.10 -18.36
C ASN A 101 -38.08 9.87 -17.22
N ASN A 102 -37.84 11.17 -17.18
CA ASN A 102 -38.46 12.00 -16.14
C ASN A 102 -39.00 13.38 -16.55
N TYR A 103 -40.32 13.48 -16.47
CA TYR A 103 -41.07 14.68 -16.81
C TYR A 103 -40.18 15.89 -16.66
N ALA A 104 -39.55 16.02 -15.50
CA ALA A 104 -38.70 17.17 -15.20
C ALA A 104 -37.70 17.52 -16.29
N ARG A 105 -37.25 16.52 -17.02
CA ARG A 105 -36.29 16.79 -18.06
C ARG A 105 -37.03 17.27 -19.26
N GLY A 106 -38.01 16.49 -19.69
CA GLY A 106 -38.81 16.82 -20.85
C GLY A 106 -39.53 18.17 -20.77
N HIS A 107 -40.07 18.49 -19.61
CA HIS A 107 -40.81 19.72 -19.44
C HIS A 107 -39.91 20.95 -19.26
N TYR A 108 -38.72 20.75 -18.69
CA TYR A 108 -37.81 21.86 -18.42
C TYR A 108 -36.49 21.83 -19.15
N THR A 109 -35.53 21.13 -18.57
CA THR A 109 -34.19 21.01 -19.12
C THR A 109 -34.07 20.77 -20.62
N ILE A 110 -34.37 19.54 -21.04
CA ILE A 110 -34.18 19.14 -22.43
C ILE A 110 -35.24 19.63 -23.40
N GLY A 111 -36.40 20.02 -22.88
CA GLY A 111 -37.51 20.48 -23.70
C GLY A 111 -37.28 21.85 -24.31
N LYS A 112 -37.24 22.86 -23.44
CA LYS A 112 -36.93 24.26 -23.77
C LYS A 112 -36.13 24.38 -25.06
N GLU A 113 -35.10 23.55 -25.19
CA GLU A 113 -34.19 23.57 -26.33
C GLU A 113 -34.81 23.24 -27.68
N ILE A 114 -35.81 22.37 -27.67
CA ILE A 114 -36.46 21.97 -28.93
C ILE A 114 -37.87 22.55 -29.14
N ILE A 115 -38.46 23.12 -28.09
CA ILE A 115 -39.83 23.68 -28.17
C ILE A 115 -40.03 24.75 -29.23
N ASP A 116 -39.07 25.66 -29.33
CA ASP A 116 -39.19 26.73 -30.28
C ASP A 116 -39.14 26.26 -31.73
N LEU A 117 -38.42 25.16 -31.97
CA LEU A 117 -38.33 24.60 -33.32
C LEU A 117 -39.57 23.79 -33.71
N VAL A 118 -40.20 23.15 -32.74
CA VAL A 118 -41.38 22.37 -33.02
C VAL A 118 -42.50 23.35 -33.22
N LEU A 119 -42.74 24.16 -32.19
CA LEU A 119 -43.81 25.15 -32.16
C LEU A 119 -43.96 25.94 -33.45
N ASP A 120 -42.81 26.27 -34.02
CA ASP A 120 -42.71 27.05 -35.24
C ASP A 120 -43.08 26.21 -36.46
N ARG A 121 -42.68 24.94 -36.49
CA ARG A 121 -42.98 24.09 -37.63
C ARG A 121 -44.44 23.69 -37.72
N ILE A 122 -45.07 23.49 -36.56
CA ILE A 122 -46.48 23.14 -36.56
C ILE A 122 -47.29 24.33 -37.01
N ARG A 123 -46.73 25.52 -36.82
CA ARG A 123 -47.34 26.76 -37.31
C ARG A 123 -47.08 26.91 -38.80
N LYS A 124 -46.05 26.22 -39.29
CA LYS A 124 -45.72 26.26 -40.71
C LYS A 124 -46.71 25.38 -41.45
N LEU A 125 -47.28 24.42 -40.73
CA LEU A 125 -48.27 23.50 -41.27
C LEU A 125 -49.65 24.10 -41.21
N ALA A 126 -49.94 24.82 -40.12
CA ALA A 126 -51.22 25.47 -39.90
C ALA A 126 -51.41 26.64 -40.82
N ASP A 127 -50.34 27.03 -41.49
CA ASP A 127 -50.40 28.18 -42.36
C ASP A 127 -51.06 27.94 -43.70
N GLN A 128 -51.07 26.69 -44.13
CA GLN A 128 -51.75 26.34 -45.37
C GLN A 128 -53.00 25.58 -44.94
N CYS A 129 -53.89 26.29 -44.23
CA CYS A 129 -55.12 25.71 -43.72
C CYS A 129 -56.14 26.83 -43.57
N THR A 130 -57.03 27.01 -44.54
CA THR A 130 -58.01 28.09 -44.43
C THR A 130 -59.03 27.78 -43.35
N GLY A 131 -58.75 28.27 -42.13
CA GLY A 131 -59.59 28.02 -40.97
C GLY A 131 -59.36 26.66 -40.31
N LEU A 132 -58.24 26.54 -39.59
CA LEU A 132 -57.86 25.32 -38.92
C LEU A 132 -58.87 24.94 -37.86
N GLN A 133 -58.86 23.69 -37.44
CA GLN A 133 -59.82 23.21 -36.47
C GLN A 133 -59.26 22.91 -35.09
N GLY A 134 -58.10 22.28 -35.03
CA GLY A 134 -57.53 21.94 -33.74
C GLY A 134 -56.49 20.86 -33.92
N PHE A 135 -55.94 20.38 -32.81
CA PHE A 135 -54.91 19.39 -32.92
C PHE A 135 -55.26 18.08 -32.26
N SER A 136 -54.87 16.98 -32.89
CA SER A 136 -55.01 15.66 -32.31
C SER A 136 -53.58 15.33 -31.88
N VAL A 137 -53.33 15.16 -30.58
CA VAL A 137 -51.99 14.88 -30.05
C VAL A 137 -51.83 13.48 -29.43
N PHE A 138 -50.84 12.70 -29.88
CA PHE A 138 -50.61 11.35 -29.36
C PHE A 138 -49.33 11.29 -28.57
N HIS A 139 -49.42 10.79 -27.33
CA HIS A 139 -48.29 10.71 -26.37
C HIS A 139 -48.44 9.66 -25.23
N SER A 140 -47.32 9.19 -24.69
CA SER A 140 -47.34 8.24 -23.55
C SER A 140 -47.68 8.95 -22.24
N PHE A 141 -48.25 8.23 -21.27
CA PHE A 141 -48.59 8.84 -19.96
C PHE A 141 -47.36 8.97 -19.08
N GLY A 142 -46.72 7.86 -18.76
CA GLY A 142 -45.45 7.89 -18.05
C GLY A 142 -44.52 7.84 -19.24
N GLY A 143 -43.22 7.97 -19.04
CA GLY A 143 -42.37 7.96 -20.22
C GLY A 143 -41.82 9.35 -20.33
N GLY A 144 -40.54 9.44 -20.71
CA GLY A 144 -39.79 10.67 -20.69
C GLY A 144 -40.40 11.93 -21.27
N THR A 145 -40.29 12.01 -22.58
CA THR A 145 -40.77 13.18 -23.26
C THR A 145 -42.27 13.12 -23.48
N GLY A 146 -42.84 11.92 -23.42
CA GLY A 146 -44.27 11.75 -23.57
C GLY A 146 -45.05 12.56 -22.55
N SER A 147 -44.55 12.61 -21.31
CA SER A 147 -45.19 13.36 -20.24
C SER A 147 -44.71 14.78 -20.20
N GLY A 148 -43.40 14.91 -20.21
CA GLY A 148 -42.74 16.20 -20.12
C GLY A 148 -43.04 17.15 -21.26
N PHE A 149 -42.45 16.87 -22.42
CA PHE A 149 -42.59 17.73 -23.59
C PHE A 149 -44.02 18.00 -23.96
N THR A 150 -44.86 16.96 -23.93
CA THR A 150 -46.29 17.10 -24.21
C THR A 150 -46.91 18.25 -23.43
N SER A 151 -46.80 18.13 -22.10
CA SER A 151 -47.27 19.13 -21.16
C SER A 151 -46.84 20.52 -21.57
N LEU A 152 -45.56 20.69 -21.90
CA LEU A 152 -45.04 21.99 -22.33
C LEU A 152 -45.60 22.44 -23.69
N LEU A 153 -45.76 21.50 -24.61
CA LEU A 153 -46.30 21.81 -25.93
C LEU A 153 -47.68 22.41 -25.76
N MET A 154 -48.55 21.65 -25.09
CA MET A 154 -49.92 22.05 -24.86
C MET A 154 -50.08 23.43 -24.21
N GLU A 155 -49.21 23.76 -23.23
CA GLU A 155 -49.26 25.06 -22.53
C GLU A 155 -49.13 26.13 -23.57
N ARG A 156 -48.09 25.97 -24.39
CA ARG A 156 -47.78 26.97 -25.40
C ARG A 156 -48.71 26.94 -26.60
N LEU A 157 -49.31 25.78 -26.89
CA LEU A 157 -50.26 25.65 -27.97
C LEU A 157 -51.47 26.48 -27.63
N SER A 158 -51.77 26.52 -26.34
CA SER A 158 -52.89 27.32 -25.83
C SER A 158 -52.59 28.79 -25.94
N VAL A 159 -51.31 29.14 -25.98
CA VAL A 159 -50.95 30.54 -26.10
C VAL A 159 -51.13 31.01 -27.54
N ASP A 160 -50.60 30.23 -28.48
CA ASP A 160 -50.63 30.58 -29.89
C ASP A 160 -51.96 30.28 -30.61
N TYR A 161 -52.78 29.40 -30.04
CA TYR A 161 -54.07 29.02 -30.63
C TYR A 161 -55.22 29.05 -29.62
N GLY A 162 -55.72 30.26 -29.35
CA GLY A 162 -56.75 30.51 -28.34
C GLY A 162 -57.91 29.53 -28.26
N LYS A 163 -58.79 29.62 -29.24
CA LYS A 163 -59.97 28.79 -29.29
C LYS A 163 -59.62 27.34 -29.63
N LYS A 164 -59.20 27.12 -30.88
CA LYS A 164 -58.85 25.79 -31.44
C LYS A 164 -58.72 24.69 -30.39
N SER A 165 -59.47 23.61 -30.56
CA SER A 165 -59.51 22.53 -29.59
C SER A 165 -58.31 21.59 -29.56
N LYS A 166 -58.09 21.01 -28.41
CA LYS A 166 -57.00 20.08 -28.29
C LYS A 166 -57.53 18.72 -27.81
N LEU A 167 -57.33 17.72 -28.65
CA LEU A 167 -57.75 16.35 -28.39
C LEU A 167 -56.54 15.48 -28.15
N GLU A 168 -56.35 15.00 -26.93
CA GLU A 168 -55.20 14.12 -26.68
C GLU A 168 -55.60 12.63 -26.72
N PHE A 169 -54.67 11.78 -27.16
CA PHE A 169 -54.81 10.33 -27.18
C PHE A 169 -53.67 9.82 -26.30
N SER A 170 -53.93 9.64 -25.00
CA SER A 170 -52.93 9.23 -23.99
C SER A 170 -52.76 7.72 -23.78
N ILE A 171 -51.54 7.26 -23.50
CA ILE A 171 -51.34 5.84 -23.26
C ILE A 171 -51.02 5.53 -21.80
N TYR A 172 -52.04 5.10 -21.06
CA TYR A 172 -51.98 4.75 -19.62
C TYR A 172 -51.20 3.46 -19.48
N PRO A 173 -50.17 3.49 -18.63
CA PRO A 173 -49.14 2.44 -18.54
C PRO A 173 -49.53 1.26 -17.72
N ALA A 174 -49.02 0.08 -18.10
CA ALA A 174 -49.38 -1.14 -17.38
C ALA A 174 -48.23 -2.12 -17.16
N PRO A 175 -48.01 -2.47 -15.88
CA PRO A 175 -46.95 -3.39 -15.42
C PRO A 175 -46.23 -4.31 -16.44
N GLN A 176 -47.02 -5.15 -17.12
CA GLN A 176 -46.56 -6.15 -18.12
C GLN A 176 -45.98 -5.60 -19.44
N VAL A 177 -46.71 -4.77 -20.19
CA VAL A 177 -46.08 -4.17 -21.39
C VAL A 177 -45.13 -3.06 -20.95
N SER A 178 -44.07 -3.58 -20.36
CA SER A 178 -43.01 -2.89 -19.66
C SER A 178 -43.08 -1.39 -19.51
N THR A 179 -43.15 -1.00 -18.23
CA THR A 179 -43.15 0.39 -17.81
C THR A 179 -41.77 0.71 -17.24
N ALA A 180 -41.75 1.69 -16.35
CA ALA A 180 -40.55 2.09 -15.66
C ALA A 180 -41.03 2.41 -14.26
N VAL A 181 -40.21 2.06 -13.29
CA VAL A 181 -40.48 2.30 -11.89
C VAL A 181 -41.09 3.66 -11.62
N VAL A 182 -40.48 4.69 -12.18
CA VAL A 182 -40.93 6.06 -11.99
C VAL A 182 -42.24 6.43 -12.75
N GLU A 183 -42.64 5.58 -13.70
CA GLU A 183 -43.85 5.82 -14.48
C GLU A 183 -45.00 6.58 -13.78
N PRO A 184 -45.52 6.06 -12.66
CA PRO A 184 -46.63 6.73 -11.95
C PRO A 184 -46.38 8.18 -11.59
N TYR A 185 -45.14 8.54 -11.29
CA TYR A 185 -44.87 9.92 -10.98
C TYR A 185 -45.20 10.67 -12.22
N ASN A 186 -44.55 10.29 -13.33
CA ASN A 186 -44.70 10.97 -14.62
C ASN A 186 -46.13 11.16 -15.08
N SER A 187 -46.95 10.11 -14.93
CA SER A 187 -48.33 10.17 -15.36
C SER A 187 -49.07 11.26 -14.60
N ILE A 188 -49.01 11.19 -13.28
CA ILE A 188 -49.68 12.16 -12.39
C ILE A 188 -49.24 13.56 -12.74
N LEU A 189 -47.94 13.70 -12.86
CA LEU A 189 -47.30 14.96 -13.16
C LEU A 189 -47.84 15.62 -14.40
N THR A 190 -47.79 14.94 -15.54
CA THR A 190 -48.29 15.51 -16.81
C THR A 190 -49.79 15.76 -16.79
N THR A 191 -50.52 14.71 -16.44
CA THR A 191 -51.97 14.78 -16.39
C THR A 191 -52.43 15.96 -15.53
N HIS A 192 -51.55 16.50 -14.68
CA HIS A 192 -51.94 17.66 -13.93
C HIS A 192 -51.85 18.92 -14.79
N THR A 193 -50.65 19.33 -15.17
CA THR A 193 -50.45 20.56 -15.98
C THR A 193 -51.31 20.54 -17.22
N THR A 194 -51.25 19.39 -17.88
CA THR A 194 -51.91 19.12 -19.15
C THR A 194 -53.45 19.14 -19.15
N LEU A 195 -54.05 18.97 -17.97
CA LEU A 195 -55.50 18.90 -17.82
C LEU A 195 -56.29 20.18 -18.10
N GLU A 196 -55.81 21.31 -17.60
CA GLU A 196 -56.54 22.55 -17.83
C GLU A 196 -56.36 23.07 -19.25
N HIS A 197 -55.70 22.28 -20.09
CA HIS A 197 -55.39 22.72 -21.44
C HIS A 197 -55.95 21.85 -22.57
N SER A 198 -56.44 20.66 -22.23
CA SER A 198 -57.00 19.73 -23.22
C SER A 198 -58.52 19.89 -23.23
N ASP A 199 -59.21 19.50 -24.30
CA ASP A 199 -60.67 19.64 -24.29
C ASP A 199 -61.33 18.34 -23.94
N CYS A 200 -60.74 17.27 -24.45
CA CYS A 200 -61.24 15.93 -24.29
C CYS A 200 -60.07 15.00 -24.62
N ALA A 201 -59.89 13.96 -23.80
CA ALA A 201 -58.77 13.05 -24.00
C ALA A 201 -59.19 11.60 -24.00
N PHE A 202 -58.52 10.80 -24.81
CA PHE A 202 -58.86 9.39 -24.94
C PHE A 202 -57.79 8.54 -24.33
N MET A 203 -58.07 7.96 -23.18
CA MET A 203 -57.07 7.14 -22.52
C MET A 203 -57.02 5.76 -23.08
N VAL A 204 -55.83 5.18 -23.15
CA VAL A 204 -55.67 3.83 -23.66
C VAL A 204 -54.76 3.03 -22.76
N ASP A 205 -55.37 2.10 -22.04
CA ASP A 205 -54.68 1.24 -21.09
C ASP A 205 -53.93 0.14 -21.82
N ASN A 206 -52.63 0.10 -21.64
CA ASN A 206 -51.80 -0.89 -22.32
C ASN A 206 -52.10 -2.30 -21.89
N GLU A 207 -52.66 -2.44 -20.69
CA GLU A 207 -53.04 -3.74 -20.19
C GLU A 207 -54.29 -4.17 -20.90
N ALA A 208 -55.15 -3.23 -21.25
CA ALA A 208 -56.40 -3.58 -21.91
C ALA A 208 -56.13 -4.09 -23.29
N ILE A 209 -55.17 -3.48 -23.96
CA ILE A 209 -54.84 -3.86 -25.32
C ILE A 209 -54.02 -5.13 -25.35
N TYR A 210 -53.18 -5.31 -24.35
CA TYR A 210 -52.39 -6.52 -24.23
C TYR A 210 -53.43 -7.60 -24.02
N ASP A 211 -54.40 -7.31 -23.18
CA ASP A 211 -55.46 -8.25 -22.89
C ASP A 211 -56.32 -8.65 -24.08
N ILE A 212 -56.66 -7.69 -24.92
CA ILE A 212 -57.49 -8.00 -26.07
C ILE A 212 -56.72 -8.88 -27.04
N CYS A 213 -55.42 -8.67 -27.12
CA CYS A 213 -54.60 -9.43 -28.05
C CYS A 213 -54.41 -10.85 -27.63
N ARG A 214 -54.74 -11.12 -26.39
CA ARG A 214 -54.63 -12.48 -25.88
C ARG A 214 -55.95 -13.22 -26.05
N ARG A 215 -57.02 -12.69 -25.45
CA ARG A 215 -58.30 -13.38 -25.55
C ARG A 215 -58.74 -13.51 -26.99
N ASN A 216 -58.37 -12.55 -27.84
CA ASN A 216 -58.89 -12.54 -29.20
C ASN A 216 -57.98 -12.95 -30.34
N LEU A 217 -56.86 -12.25 -30.49
CA LEU A 217 -55.92 -12.53 -31.56
C LEU A 217 -55.14 -13.77 -31.25
N ASP A 218 -55.12 -14.12 -29.97
CA ASP A 218 -54.44 -15.30 -29.48
C ASP A 218 -52.92 -15.27 -29.64
N ILE A 219 -52.30 -14.18 -29.19
CA ILE A 219 -50.84 -14.04 -29.25
C ILE A 219 -50.24 -14.17 -27.86
N GLU A 220 -49.37 -15.16 -27.70
CA GLU A 220 -48.74 -15.42 -26.43
C GLU A 220 -47.90 -14.23 -25.98
N ARG A 221 -47.14 -13.65 -26.91
CA ARG A 221 -46.28 -12.51 -26.56
C ARG A 221 -46.58 -11.33 -27.45
N PRO A 222 -47.59 -10.55 -27.10
CA PRO A 222 -47.98 -9.39 -27.91
C PRO A 222 -46.88 -8.32 -28.07
N THR A 223 -46.49 -8.01 -29.31
CA THR A 223 -45.49 -6.98 -29.64
C THR A 223 -46.12 -5.61 -29.58
N TYR A 224 -45.29 -4.57 -29.66
CA TYR A 224 -45.77 -3.20 -29.71
C TYR A 224 -46.51 -3.07 -31.03
N THR A 225 -45.80 -3.52 -32.07
CA THR A 225 -46.27 -3.50 -33.45
C THR A 225 -47.61 -4.27 -33.59
N ASN A 226 -47.87 -5.16 -32.63
CA ASN A 226 -49.11 -5.93 -32.53
C ASN A 226 -50.20 -5.12 -31.83
N LEU A 227 -49.80 -4.33 -30.85
CA LEU A 227 -50.69 -3.53 -30.04
C LEU A 227 -51.09 -2.35 -30.82
N ASN A 228 -50.09 -1.67 -31.35
CA ASN A 228 -50.35 -0.48 -32.12
C ASN A 228 -51.34 -0.68 -33.25
N ARG A 229 -51.25 -1.82 -33.94
CA ARG A 229 -52.16 -2.09 -35.07
C ARG A 229 -53.62 -1.99 -34.64
N LEU A 230 -53.90 -2.55 -33.45
CA LEU A 230 -55.21 -2.59 -32.83
C LEU A 230 -55.66 -1.20 -32.40
N ILE A 231 -54.78 -0.48 -31.69
CA ILE A 231 -55.03 0.90 -31.30
C ILE A 231 -55.32 1.73 -32.57
N GLY A 232 -54.57 1.43 -33.64
CA GLY A 232 -54.73 2.08 -34.91
C GLY A 232 -56.21 2.07 -35.21
N GLN A 233 -56.77 0.89 -35.25
CA GLN A 233 -58.18 0.72 -35.56
C GLN A 233 -59.14 1.55 -34.69
N ILE A 234 -58.95 1.52 -33.38
CA ILE A 234 -59.82 2.29 -32.50
C ILE A 234 -59.80 3.76 -32.91
N VAL A 235 -58.58 4.28 -33.08
CA VAL A 235 -58.35 5.67 -33.49
C VAL A 235 -59.00 6.00 -34.84
N SER A 236 -58.78 5.14 -35.82
CA SER A 236 -59.38 5.32 -37.13
C SER A 236 -60.86 5.53 -36.94
N SER A 237 -61.51 4.64 -36.19
CA SER A 237 -62.94 4.71 -35.98
C SER A 237 -63.34 6.00 -35.26
N ILE A 238 -62.46 6.49 -34.39
CA ILE A 238 -62.75 7.71 -33.67
C ILE A 238 -62.75 8.88 -34.63
N THR A 239 -61.62 9.12 -35.31
CA THR A 239 -61.52 10.21 -36.32
C THR A 239 -62.52 10.02 -37.46
N ALA A 240 -62.29 8.99 -38.27
CA ALA A 240 -63.18 8.63 -39.38
C ALA A 240 -64.24 9.67 -39.67
N SER A 241 -65.24 9.71 -38.79
CA SER A 241 -66.37 10.65 -38.87
C SER A 241 -66.04 11.99 -39.59
N LEU A 242 -64.91 12.61 -39.17
CA LEU A 242 -64.42 13.90 -39.69
C LEU A 242 -63.36 13.80 -40.80
N ARG A 243 -63.25 12.63 -41.41
CA ARG A 243 -62.32 12.42 -42.53
C ARG A 243 -63.08 12.08 -43.81
N PHE A 244 -64.25 11.47 -43.64
CA PHE A 244 -65.14 11.09 -44.74
C PHE A 244 -66.31 12.03 -44.84
N ASP A 245 -66.61 12.67 -43.72
CA ASP A 245 -67.70 13.62 -43.57
C ASP A 245 -69.09 12.95 -43.76
N GLY A 246 -69.77 12.82 -42.63
CA GLY A 246 -71.09 12.21 -42.58
C GLY A 246 -71.53 12.11 -41.15
N ALA A 247 -72.18 13.18 -40.68
CA ALA A 247 -72.73 13.32 -39.32
C ALA A 247 -71.90 12.78 -38.13
N LEU A 248 -72.34 13.13 -36.92
CA LEU A 248 -71.68 12.70 -35.67
C LEU A 248 -70.16 12.86 -35.62
N ASN A 249 -69.70 13.91 -34.94
CA ASN A 249 -68.27 14.24 -34.77
C ASN A 249 -67.57 14.55 -36.09
N VAL A 250 -68.15 15.51 -36.81
CA VAL A 250 -67.69 15.99 -38.10
C VAL A 250 -67.07 17.37 -37.85
N ASP A 251 -66.68 17.54 -36.60
CA ASP A 251 -66.21 18.81 -36.10
C ASP A 251 -65.58 18.59 -34.75
N LEU A 252 -64.38 19.08 -34.55
CA LEU A 252 -63.71 18.87 -33.28
C LEU A 252 -64.55 19.41 -32.13
N THR A 253 -65.21 20.54 -32.36
CA THR A 253 -66.05 21.12 -31.33
C THR A 253 -67.09 20.08 -30.90
N GLU A 254 -67.88 19.60 -31.86
CA GLU A 254 -68.94 18.58 -31.68
C GLU A 254 -68.53 17.29 -30.93
N PHE A 255 -67.21 17.11 -30.74
CA PHE A 255 -66.62 15.96 -30.05
C PHE A 255 -66.76 16.10 -28.56
N GLN A 256 -66.39 17.28 -28.07
CA GLN A 256 -66.52 17.63 -26.66
C GLN A 256 -68.01 17.85 -26.33
N THR A 257 -68.72 18.50 -27.26
CA THR A 257 -70.12 18.81 -27.06
C THR A 257 -70.94 17.56 -26.85
N ASN A 258 -70.46 16.45 -27.38
CA ASN A 258 -71.19 15.21 -27.23
C ASN A 258 -70.75 14.30 -26.11
N LEU A 259 -69.50 14.42 -25.67
CA LEU A 259 -69.01 13.54 -24.63
C LEU A 259 -68.73 14.20 -23.29
N VAL A 260 -68.18 15.41 -23.30
CA VAL A 260 -67.83 16.05 -22.05
C VAL A 260 -68.86 17.07 -21.58
N PRO A 261 -69.45 16.79 -20.44
CA PRO A 261 -70.43 17.68 -19.87
C PRO A 261 -69.75 18.66 -18.93
N TYR A 262 -68.54 18.32 -18.48
CA TYR A 262 -67.85 19.18 -17.53
C TYR A 262 -66.44 19.55 -17.94
N PRO A 263 -66.06 20.80 -17.67
CA PRO A 263 -64.78 21.33 -18.12
C PRO A 263 -63.66 20.39 -17.75
N ARG A 264 -63.82 19.65 -16.64
CA ARG A 264 -62.78 18.74 -16.17
C ARG A 264 -62.45 17.64 -17.14
N ILE A 265 -62.04 18.11 -18.35
CA ILE A 265 -61.47 17.43 -19.57
C ILE A 265 -61.91 16.01 -19.95
N HIS A 266 -62.89 15.55 -19.18
CA HIS A 266 -63.38 14.20 -19.16
C HIS A 266 -62.79 13.25 -20.21
N PHE A 267 -62.49 12.07 -19.71
CA PHE A 267 -61.83 11.08 -20.48
C PHE A 267 -62.85 10.02 -20.76
N PRO A 268 -63.29 9.97 -22.00
CA PRO A 268 -64.28 8.99 -22.39
C PRO A 268 -63.63 7.61 -22.51
N LEU A 269 -64.47 6.61 -22.28
CA LEU A 269 -64.10 5.22 -22.33
C LEU A 269 -64.49 4.67 -23.71
N ALA A 270 -63.50 4.15 -24.43
CA ALA A 270 -63.68 3.59 -25.80
C ALA A 270 -63.77 2.04 -25.85
N THR A 271 -64.69 1.50 -26.64
CA THR A 271 -64.85 0.04 -26.72
C THR A 271 -64.94 -0.40 -28.16
N TYR A 272 -63.97 -1.17 -28.69
CA TYR A 272 -64.06 -1.52 -30.12
C TYR A 272 -64.84 -2.78 -30.36
N ALA A 273 -65.64 -2.72 -31.43
CA ALA A 273 -66.59 -3.76 -31.88
C ALA A 273 -66.11 -5.22 -31.99
N PRO A 274 -65.96 -5.78 -33.19
CA PRO A 274 -65.49 -7.16 -33.30
C PRO A 274 -63.99 -7.23 -33.62
N VAL A 275 -63.18 -7.79 -32.72
CA VAL A 275 -61.76 -7.95 -33.01
C VAL A 275 -61.60 -9.42 -33.21
N ILE A 276 -61.30 -9.84 -34.43
CA ILE A 276 -61.13 -11.25 -34.72
C ILE A 276 -60.05 -11.56 -35.75
N SER A 277 -59.15 -12.46 -35.33
CA SER A 277 -57.98 -12.86 -36.09
C SER A 277 -58.23 -13.47 -37.46
N ALA A 278 -57.40 -13.06 -38.42
CA ALA A 278 -57.46 -13.60 -39.77
C ALA A 278 -57.15 -15.06 -39.56
N GLU A 279 -57.59 -15.90 -40.47
CA GLU A 279 -57.46 -17.34 -40.28
C GLU A 279 -58.85 -17.75 -39.84
N LYS A 280 -59.44 -16.94 -38.95
CA LYS A 280 -60.81 -17.11 -38.50
C LYS A 280 -61.63 -16.23 -39.47
N ALA A 281 -60.88 -15.52 -40.31
CA ALA A 281 -61.37 -14.59 -41.32
C ALA A 281 -62.58 -15.04 -42.12
N TYR A 282 -62.45 -16.15 -42.82
CA TYR A 282 -63.52 -16.62 -43.67
C TYR A 282 -64.67 -17.24 -42.88
N HIS A 283 -64.84 -16.84 -41.61
CA HIS A 283 -65.89 -17.42 -40.75
C HIS A 283 -67.34 -16.97 -41.08
N GLU A 284 -68.11 -16.56 -40.06
CA GLU A 284 -69.48 -16.05 -40.23
C GLU A 284 -69.52 -14.53 -39.90
N GLN A 285 -70.24 -13.74 -40.71
CA GLN A 285 -70.36 -12.29 -40.48
C GLN A 285 -71.10 -12.03 -39.14
N LEU A 286 -70.52 -11.20 -38.27
CA LEU A 286 -71.16 -10.96 -36.97
C LEU A 286 -72.36 -10.03 -37.07
N SER A 287 -73.46 -10.45 -36.46
CA SER A 287 -74.72 -9.68 -36.48
C SER A 287 -74.62 -8.28 -35.89
N VAL A 288 -75.40 -7.36 -36.44
CA VAL A 288 -75.44 -5.97 -36.00
C VAL A 288 -75.82 -5.89 -34.54
N ALA A 289 -76.69 -6.81 -34.14
CA ALA A 289 -77.16 -6.89 -32.78
C ALA A 289 -76.06 -7.40 -31.85
N GLU A 290 -75.26 -8.32 -32.35
CA GLU A 290 -74.20 -8.96 -31.58
C GLU A 290 -73.02 -8.06 -31.20
N ILE A 291 -72.53 -7.28 -32.15
CA ILE A 291 -71.40 -6.39 -31.91
C ILE A 291 -71.76 -5.27 -30.98
N THR A 292 -73.00 -4.84 -31.05
CA THR A 292 -73.49 -3.85 -30.13
C THR A 292 -73.45 -4.53 -28.76
N ASN A 293 -73.93 -5.77 -28.73
CA ASN A 293 -73.95 -6.58 -27.52
C ASN A 293 -72.57 -6.80 -26.91
N ALA A 294 -71.55 -6.76 -27.75
CA ALA A 294 -70.16 -6.94 -27.32
C ALA A 294 -69.56 -5.63 -26.86
N CYS A 295 -70.32 -4.57 -27.03
CA CYS A 295 -69.89 -3.23 -26.67
C CYS A 295 -70.14 -2.92 -25.23
N PHE A 296 -71.06 -3.67 -24.66
CA PHE A 296 -71.38 -3.53 -23.26
C PHE A 296 -70.86 -4.77 -22.61
N GLU A 297 -69.54 -4.88 -22.65
CA GLU A 297 -68.85 -6.03 -22.16
C GLU A 297 -67.48 -5.54 -21.70
N PRO A 298 -67.18 -5.69 -20.40
CA PRO A 298 -65.90 -5.21 -19.85
C PRO A 298 -64.66 -5.74 -20.53
N ALA A 299 -64.69 -7.03 -20.92
CA ALA A 299 -63.56 -7.73 -21.52
C ALA A 299 -63.08 -7.13 -22.84
N ASN A 300 -63.81 -6.15 -23.31
CA ASN A 300 -63.56 -5.51 -24.58
C ASN A 300 -63.34 -4.00 -24.49
N GLN A 301 -63.01 -3.51 -23.30
CA GLN A 301 -62.84 -2.06 -23.13
C GLN A 301 -61.48 -1.54 -23.67
N MET A 302 -61.01 -0.39 -23.20
CA MET A 302 -59.75 0.18 -23.64
C MET A 302 -59.00 0.67 -22.44
N VAL A 303 -59.69 0.62 -21.30
CA VAL A 303 -59.17 0.99 -19.99
C VAL A 303 -59.80 -0.01 -19.05
N LYS A 304 -58.93 -0.85 -18.50
CA LYS A 304 -59.35 -1.91 -17.62
C LYS A 304 -60.04 -1.33 -16.39
N CYS A 305 -61.30 -1.73 -16.20
CA CYS A 305 -62.17 -1.35 -15.08
C CYS A 305 -63.55 -1.90 -15.37
N ASP A 306 -64.59 -1.37 -14.74
CA ASP A 306 -65.95 -1.85 -15.07
C ASP A 306 -67.11 -0.90 -14.68
N PRO A 307 -67.89 -0.52 -15.69
CA PRO A 307 -69.00 0.42 -15.52
C PRO A 307 -70.29 -0.20 -15.05
N ARG A 308 -70.32 -1.50 -14.78
CA ARG A 308 -71.54 -2.11 -14.20
C ARG A 308 -71.57 -1.63 -12.74
N HIS A 309 -70.46 -1.01 -12.35
CA HIS A 309 -70.18 -0.44 -11.03
C HIS A 309 -70.58 1.05 -10.94
N GLY A 310 -69.94 1.92 -11.73
CA GLY A 310 -70.24 3.35 -11.79
C GLY A 310 -71.50 3.69 -12.60
N LYS A 311 -71.53 4.89 -13.18
CA LYS A 311 -72.68 5.34 -13.96
C LYS A 311 -72.26 5.92 -15.31
N TYR A 312 -73.22 6.11 -16.22
CA TYR A 312 -72.95 6.68 -17.53
C TYR A 312 -73.55 8.07 -17.57
N MET A 313 -72.83 9.04 -18.11
CA MET A 313 -73.36 10.38 -18.25
C MET A 313 -73.24 10.93 -19.67
N ALA A 314 -73.29 10.02 -20.67
CA ALA A 314 -73.20 10.33 -22.10
C ALA A 314 -72.63 9.12 -22.86
N CYS A 315 -73.48 8.44 -23.63
CA CYS A 315 -73.08 7.28 -24.45
C CYS A 315 -73.12 7.65 -25.93
N CYS A 316 -72.22 7.06 -26.68
CA CYS A 316 -72.11 7.34 -28.11
C CYS A 316 -71.89 6.05 -28.90
N LEU A 317 -72.60 5.86 -30.00
CA LEU A 317 -72.35 4.68 -30.78
C LEU A 317 -71.84 5.09 -32.15
N LEU A 318 -70.64 4.65 -32.52
CA LEU A 318 -70.11 4.99 -33.84
C LEU A 318 -69.92 3.71 -34.64
N TYR A 319 -70.84 3.47 -35.59
CA TYR A 319 -70.84 2.30 -36.46
C TYR A 319 -70.09 2.57 -37.76
N ARG A 320 -69.66 1.50 -38.41
CA ARG A 320 -68.92 1.62 -39.66
C ARG A 320 -69.23 0.41 -40.51
N GLY A 321 -69.62 0.67 -41.76
CA GLY A 321 -69.88 -0.40 -42.70
C GLY A 321 -71.32 -0.55 -43.15
N ASP A 322 -71.69 -1.79 -43.44
CA ASP A 322 -73.03 -2.08 -43.89
C ASP A 322 -74.01 -2.11 -42.73
N VAL A 323 -74.74 -1.01 -42.51
CA VAL A 323 -75.67 -0.92 -41.37
C VAL A 323 -76.82 0.06 -41.55
N VAL A 324 -78.05 -0.41 -41.40
CA VAL A 324 -79.22 0.44 -41.48
C VAL A 324 -79.65 0.75 -40.05
N PRO A 325 -80.15 1.96 -39.78
CA PRO A 325 -80.61 2.33 -38.44
C PRO A 325 -81.66 1.41 -37.88
N LYS A 326 -82.57 0.97 -38.74
CA LYS A 326 -83.63 0.07 -38.33
C LYS A 326 -83.16 -1.01 -37.35
N ASP A 327 -81.96 -1.59 -37.59
CA ASP A 327 -81.41 -2.63 -36.70
C ASP A 327 -80.76 -2.03 -35.48
N VAL A 328 -79.93 -1.03 -35.72
CA VAL A 328 -79.22 -0.33 -34.67
C VAL A 328 -80.19 0.00 -33.55
N ASN A 329 -81.44 0.23 -33.94
CA ASN A 329 -82.48 0.51 -32.99
C ASN A 329 -82.85 -0.73 -32.19
N ALA A 330 -83.30 -1.78 -32.89
CA ALA A 330 -83.72 -3.03 -32.26
C ALA A 330 -82.58 -3.69 -31.47
N ALA A 331 -81.36 -3.30 -31.78
CA ALA A 331 -80.22 -3.81 -31.05
C ALA A 331 -80.10 -3.06 -29.74
N ILE A 332 -80.38 -1.76 -29.78
CA ILE A 332 -80.35 -0.92 -28.60
C ILE A 332 -81.46 -1.38 -27.68
N ALA A 333 -82.67 -1.55 -28.24
CA ALA A 333 -83.83 -1.97 -27.45
C ALA A 333 -83.48 -3.18 -26.58
N THR A 334 -83.01 -4.25 -27.22
CA THR A 334 -82.65 -5.47 -26.52
C THR A 334 -81.38 -5.34 -25.69
N ILE A 335 -80.51 -4.38 -26.03
CA ILE A 335 -79.30 -4.13 -25.23
C ILE A 335 -79.66 -3.46 -23.89
N LYS A 336 -80.89 -2.97 -23.75
CA LYS A 336 -81.34 -2.34 -22.51
C LYS A 336 -82.06 -3.33 -21.61
N THR A 337 -82.93 -4.17 -22.21
CA THR A 337 -83.82 -5.18 -21.55
C THR A 337 -83.24 -6.07 -20.43
N LYS A 338 -82.14 -6.77 -20.74
CA LYS A 338 -81.44 -7.62 -19.78
C LYS A 338 -79.98 -7.15 -19.72
N ARG A 339 -79.79 -5.92 -19.22
CA ARG A 339 -78.47 -5.32 -19.05
C ARG A 339 -78.44 -4.25 -17.94
N THR A 340 -77.21 -3.76 -17.69
CA THR A 340 -76.94 -2.70 -16.70
C THR A 340 -76.90 -1.30 -17.39
N ILE A 341 -78.11 -0.77 -17.58
CA ILE A 341 -78.35 0.54 -18.17
C ILE A 341 -77.60 1.59 -17.35
N GLN A 342 -77.98 1.73 -16.06
CA GLN A 342 -77.39 2.64 -15.05
C GLN A 342 -76.89 4.01 -15.54
N PHE A 343 -77.81 4.83 -16.06
CA PHE A 343 -77.49 6.18 -16.55
C PHE A 343 -77.58 7.15 -15.36
N VAL A 344 -76.92 8.28 -15.45
CA VAL A 344 -76.88 9.18 -14.31
C VAL A 344 -77.87 10.31 -14.15
N ASP A 345 -78.69 10.15 -13.12
CA ASP A 345 -79.62 11.16 -12.63
C ASP A 345 -80.13 12.30 -13.55
N TRP A 346 -79.24 13.25 -13.87
CA TRP A 346 -79.58 14.47 -14.62
C TRP A 346 -79.19 14.47 -16.09
N CYS A 347 -79.15 13.31 -16.73
CA CYS A 347 -78.67 13.27 -18.09
C CYS A 347 -79.44 12.29 -18.95
N PRO A 348 -80.13 12.78 -19.97
CA PRO A 348 -81.00 11.97 -20.85
C PRO A 348 -80.85 10.41 -20.80
N THR A 349 -80.28 9.88 -21.89
CA THR A 349 -79.94 8.49 -22.16
C THR A 349 -79.33 8.60 -23.58
N GLY A 350 -78.36 9.53 -23.70
CA GLY A 350 -77.61 9.87 -24.92
C GLY A 350 -77.87 9.07 -26.19
N PHE A 351 -76.91 8.24 -26.56
CA PHE A 351 -76.99 7.41 -27.76
C PHE A 351 -77.07 8.20 -29.06
N LYS A 352 -76.08 9.05 -29.26
CA LYS A 352 -75.97 9.79 -30.50
C LYS A 352 -75.35 8.70 -31.37
N VAL A 353 -76.15 8.16 -32.28
CA VAL A 353 -75.68 7.09 -33.14
C VAL A 353 -75.17 7.68 -34.43
N GLY A 354 -74.06 7.16 -34.90
CA GLY A 354 -73.51 7.63 -36.15
C GLY A 354 -73.10 6.44 -36.99
N ILE A 355 -73.53 6.41 -38.23
CA ILE A 355 -73.15 5.32 -39.09
C ILE A 355 -72.33 5.87 -40.21
N ASN A 356 -71.23 5.19 -40.52
CA ASN A 356 -70.34 5.60 -41.58
C ASN A 356 -70.12 4.49 -42.59
N TYR A 357 -71.07 4.37 -43.51
CA TYR A 357 -71.13 3.36 -44.56
C TYR A 357 -69.83 2.77 -45.05
N GLU A 358 -68.79 3.59 -45.10
CA GLU A 358 -67.47 3.19 -45.56
C GLU A 358 -66.91 2.05 -44.68
N PRO A 359 -66.77 0.87 -45.28
CA PRO A 359 -66.35 -0.35 -44.58
C PRO A 359 -64.97 -0.33 -43.93
N PRO A 360 -64.82 -1.11 -42.86
CA PRO A 360 -63.58 -1.12 -42.07
C PRO A 360 -62.45 -1.88 -42.75
N THR A 361 -61.50 -1.14 -43.30
CA THR A 361 -60.36 -1.76 -43.98
C THR A 361 -59.30 -2.07 -42.94
N VAL A 362 -58.59 -3.17 -43.12
CA VAL A 362 -57.53 -3.51 -42.17
C VAL A 362 -56.23 -3.78 -42.91
N VAL A 363 -55.11 -3.64 -42.22
CA VAL A 363 -53.79 -3.84 -42.78
C VAL A 363 -53.65 -5.23 -43.40
N PRO A 364 -52.87 -5.35 -44.47
CA PRO A 364 -52.82 -6.58 -45.27
C PRO A 364 -52.21 -7.79 -44.59
N GLY A 365 -51.02 -7.66 -44.01
CA GLY A 365 -50.38 -8.77 -43.34
C GLY A 365 -50.77 -8.84 -41.87
N GLY A 366 -51.76 -8.02 -41.49
CA GLY A 366 -52.26 -7.86 -40.13
C GLY A 366 -52.74 -9.13 -39.46
N ASP A 367 -53.16 -9.01 -38.21
CA ASP A 367 -53.59 -10.19 -37.47
C ASP A 367 -55.09 -10.26 -37.35
N LEU A 368 -55.76 -9.16 -37.70
CA LEU A 368 -57.21 -9.07 -37.70
C LEU A 368 -57.72 -9.18 -39.13
N ALA A 369 -58.93 -9.70 -39.30
CA ALA A 369 -59.45 -9.90 -40.64
C ALA A 369 -60.37 -8.80 -41.08
N LYS A 370 -60.71 -8.77 -42.37
CA LYS A 370 -61.65 -7.81 -42.89
C LYS A 370 -62.95 -8.13 -42.17
N VAL A 371 -63.74 -7.11 -41.87
CA VAL A 371 -65.02 -7.36 -41.23
C VAL A 371 -66.12 -6.57 -41.91
N GLN A 372 -67.26 -7.21 -42.07
CA GLN A 372 -68.41 -6.61 -42.70
C GLN A 372 -68.93 -5.29 -42.07
N ARG A 373 -68.88 -5.22 -40.74
CA ARG A 373 -69.38 -4.06 -39.99
C ARG A 373 -68.74 -3.99 -38.59
N ALA A 374 -68.43 -2.79 -38.12
CA ALA A 374 -67.83 -2.63 -36.79
C ALA A 374 -68.39 -1.42 -36.04
N VAL A 375 -68.36 -1.48 -34.71
CA VAL A 375 -68.92 -0.43 -33.84
C VAL A 375 -67.85 0.22 -32.95
N CYS A 376 -68.15 1.38 -32.37
CA CYS A 376 -67.14 2.04 -31.57
C CYS A 376 -67.45 2.48 -30.13
N MET A 377 -68.67 2.97 -29.88
CA MET A 377 -69.09 3.32 -28.50
C MET A 377 -68.12 4.12 -27.60
N LEU A 378 -68.34 5.41 -27.52
CA LEU A 378 -67.51 6.24 -26.67
C LEU A 378 -68.39 6.69 -25.55
N SER A 379 -68.08 6.23 -24.34
CA SER A 379 -68.89 6.55 -23.17
C SER A 379 -68.12 7.34 -22.11
N ASN A 380 -68.78 8.31 -21.49
CA ASN A 380 -68.15 9.04 -20.41
C ASN A 380 -68.75 8.60 -19.12
N THR A 381 -68.12 7.58 -18.51
CA THR A 381 -68.59 6.99 -17.26
C THR A 381 -67.83 7.49 -16.06
N THR A 382 -68.36 7.23 -14.89
CA THR A 382 -67.71 7.64 -13.64
C THR A 382 -66.73 6.55 -13.22
N ALA A 383 -66.89 5.37 -13.79
CA ALA A 383 -66.04 4.24 -13.43
C ALA A 383 -64.66 4.29 -14.05
N ILE A 384 -64.44 5.28 -14.92
CA ILE A 384 -63.15 5.43 -15.56
C ILE A 384 -62.20 6.00 -14.52
N ALA A 385 -62.75 6.54 -13.44
CA ALA A 385 -61.93 7.07 -12.35
C ALA A 385 -61.27 5.96 -11.55
N GLU A 386 -61.63 4.71 -11.83
CA GLU A 386 -61.04 3.56 -11.15
C GLU A 386 -59.58 3.43 -11.56
N ALA A 387 -59.25 4.10 -12.66
CA ALA A 387 -57.91 4.09 -13.20
C ALA A 387 -57.14 5.22 -12.61
N TRP A 388 -57.82 6.31 -12.28
CA TRP A 388 -57.15 7.43 -11.64
C TRP A 388 -56.75 7.04 -10.23
N ALA A 389 -57.40 6.02 -9.70
CA ALA A 389 -57.11 5.53 -8.35
C ALA A 389 -55.87 4.65 -8.38
N ARG A 390 -55.92 3.65 -9.24
CA ARG A 390 -54.83 2.68 -9.43
C ARG A 390 -53.47 3.36 -9.58
N LEU A 391 -53.48 4.55 -10.17
CA LEU A 391 -52.28 5.33 -10.40
C LEU A 391 -51.90 6.12 -9.16
N ASP A 392 -52.87 6.79 -8.57
CA ASP A 392 -52.61 7.56 -7.38
C ASP A 392 -51.93 6.70 -6.32
N HIS A 393 -52.51 5.54 -6.02
CA HIS A 393 -51.98 4.59 -5.01
C HIS A 393 -50.49 4.34 -5.23
N LYS A 394 -50.12 3.97 -6.46
CA LYS A 394 -48.73 3.74 -6.82
C LYS A 394 -47.96 5.00 -6.43
N PHE A 395 -48.30 6.14 -7.03
CA PHE A 395 -47.67 7.42 -6.74
C PHE A 395 -47.60 7.74 -5.24
N ASP A 396 -48.76 7.79 -4.60
CA ASP A 396 -48.87 8.09 -3.17
C ASP A 396 -47.91 7.28 -2.33
N LEU A 397 -47.82 6.00 -2.66
CA LEU A 397 -47.05 5.04 -1.89
C LEU A 397 -45.57 5.18 -2.08
N MET A 398 -45.16 5.70 -3.23
CA MET A 398 -43.76 5.92 -3.52
C MET A 398 -43.37 7.25 -2.92
N TYR A 399 -44.19 8.26 -3.18
CA TYR A 399 -43.94 9.60 -2.64
C TYR A 399 -43.85 9.62 -1.11
N ALA A 400 -44.44 8.61 -0.47
CA ALA A 400 -44.41 8.47 0.97
C ALA A 400 -42.99 8.39 1.45
N LYS A 401 -42.02 8.29 0.54
CA LYS A 401 -40.63 8.20 0.92
C LYS A 401 -39.68 8.98 -0.02
N ARG A 402 -40.25 9.88 -0.81
CA ARG A 402 -39.48 10.66 -1.79
C ARG A 402 -38.73 9.72 -2.73
N ALA A 403 -39.27 8.51 -2.84
CA ALA A 403 -38.73 7.42 -3.65
C ALA A 403 -37.73 7.79 -4.70
N PHE A 404 -38.13 8.60 -5.67
CA PHE A 404 -37.18 8.92 -6.71
C PHE A 404 -37.19 10.38 -6.95
N VAL A 405 -37.96 11.10 -6.16
CA VAL A 405 -38.10 12.55 -6.29
C VAL A 405 -36.83 13.33 -6.57
N HIS A 406 -35.72 12.92 -5.97
CA HIS A 406 -34.48 13.67 -6.11
C HIS A 406 -33.99 13.84 -7.54
N TRP A 407 -34.37 12.96 -8.43
CA TRP A 407 -33.97 13.08 -9.83
C TRP A 407 -34.67 14.24 -10.50
N TYR A 408 -35.86 14.55 -10.01
CA TYR A 408 -36.66 15.64 -10.55
C TYR A 408 -36.20 16.94 -9.95
N VAL A 409 -35.95 16.97 -8.64
CA VAL A 409 -35.48 18.19 -8.01
C VAL A 409 -34.17 18.52 -8.70
N GLY A 410 -33.52 17.47 -9.18
CA GLY A 410 -32.25 17.57 -9.85
C GLY A 410 -32.24 18.42 -11.09
N GLU A 411 -33.25 18.24 -11.93
CA GLU A 411 -33.33 19.00 -13.18
C GLU A 411 -33.79 20.41 -12.92
N GLY A 412 -34.39 20.62 -11.76
CA GLY A 412 -34.83 21.95 -11.39
C GLY A 412 -36.30 22.10 -11.03
N MET A 413 -36.92 21.03 -10.55
CA MET A 413 -38.30 21.08 -10.15
C MET A 413 -38.42 21.29 -8.65
N GLU A 414 -39.58 21.74 -8.22
CA GLU A 414 -39.85 21.95 -6.79
C GLU A 414 -40.54 20.73 -6.18
N GLU A 415 -40.20 20.41 -4.94
CA GLU A 415 -40.84 19.30 -4.26
C GLU A 415 -42.31 19.63 -4.17
N GLY A 416 -42.61 20.93 -4.14
CA GLY A 416 -43.96 21.45 -4.09
C GLY A 416 -44.83 21.07 -5.29
N GLU A 417 -44.25 21.10 -6.50
CA GLU A 417 -44.99 20.75 -7.70
C GLU A 417 -45.48 19.31 -7.66
N PHE A 418 -44.82 18.47 -6.86
CA PHE A 418 -45.24 17.09 -6.71
C PHE A 418 -46.51 17.04 -5.86
N SER A 419 -46.54 17.81 -4.78
CA SER A 419 -47.72 17.88 -3.92
C SER A 419 -48.85 18.47 -4.75
N GLU A 420 -48.64 19.71 -5.19
CA GLU A 420 -49.57 20.49 -6.01
C GLU A 420 -50.23 19.71 -7.16
N ALA A 421 -49.55 18.70 -7.68
CA ALA A 421 -50.08 17.88 -8.77
C ALA A 421 -50.91 16.73 -8.24
N ARG A 422 -50.41 16.01 -7.23
CA ARG A 422 -51.20 14.94 -6.65
C ARG A 422 -52.43 15.58 -6.05
N GLU A 423 -52.25 16.81 -5.59
CA GLU A 423 -53.31 17.60 -5.01
C GLU A 423 -54.52 17.79 -5.91
N ASP A 424 -54.27 17.79 -7.23
CA ASP A 424 -55.32 17.93 -8.26
C ASP A 424 -55.97 16.58 -8.49
N MET A 425 -55.15 15.55 -8.47
CA MET A 425 -55.61 14.18 -8.65
C MET A 425 -56.48 13.76 -7.49
N ALA A 426 -56.26 14.35 -6.33
CA ALA A 426 -57.09 14.07 -5.17
C ALA A 426 -58.42 14.67 -5.50
N ALA A 427 -58.38 15.89 -6.07
CA ALA A 427 -59.56 16.67 -6.43
C ALA A 427 -60.39 16.04 -7.52
N LEU A 428 -59.74 15.69 -8.63
CA LEU A 428 -60.41 15.04 -9.74
C LEU A 428 -61.16 13.79 -9.27
N GLU A 429 -60.47 12.86 -8.63
CA GLU A 429 -61.09 11.65 -8.10
C GLU A 429 -62.30 11.99 -7.26
N LYS A 430 -62.32 13.18 -6.67
CA LYS A 430 -63.46 13.63 -5.88
C LYS A 430 -64.60 14.03 -6.80
N ASP A 431 -64.28 14.85 -7.82
CA ASP A 431 -65.26 15.32 -8.82
C ASP A 431 -65.95 14.15 -9.46
N TYR A 432 -65.15 13.20 -9.92
CA TYR A 432 -65.67 12.01 -10.57
C TYR A 432 -66.73 11.32 -9.73
N GLU A 433 -66.38 11.05 -8.47
CA GLU A 433 -67.28 10.40 -7.53
C GLU A 433 -68.49 11.27 -7.21
N GLU A 434 -68.28 12.58 -7.21
CA GLU A 434 -69.32 13.56 -6.90
C GLU A 434 -70.46 13.63 -7.90
N VAL A 435 -70.18 13.22 -9.14
CA VAL A 435 -71.19 13.23 -10.17
C VAL A 435 -72.20 12.13 -9.96
N GLY A 436 -71.86 11.09 -9.20
CA GLY A 436 -72.80 10.00 -8.91
C GLY A 436 -74.08 10.48 -8.23
N VAL A 437 -75.25 10.10 -8.79
CA VAL A 437 -76.63 10.49 -8.35
C VAL A 437 -76.77 11.62 -7.30
N ARG B 2 -26.03 6.11 -25.79
CA ARG B 2 -25.60 6.79 -27.03
C ARG B 2 -24.10 6.58 -27.37
N GLU B 3 -23.24 6.18 -26.41
CA GLU B 3 -21.76 6.04 -26.62
C GLU B 3 -20.92 6.19 -25.34
N ILE B 4 -20.17 5.15 -24.90
CA ILE B 4 -19.41 5.28 -23.63
C ILE B 4 -17.90 4.99 -23.68
N VAL B 5 -17.10 5.76 -22.91
CA VAL B 5 -15.63 5.56 -22.82
C VAL B 5 -15.33 4.74 -21.58
N HIS B 6 -14.23 4.02 -21.64
CA HIS B 6 -13.91 3.10 -20.57
C HIS B 6 -12.52 3.27 -20.01
N ILE B 7 -12.45 3.82 -18.81
CA ILE B 7 -11.19 3.97 -18.09
C ILE B 7 -10.94 2.68 -17.29
N GLN B 8 -9.70 2.22 -17.27
CA GLN B 8 -9.35 0.97 -16.61
C GLN B 8 -7.98 1.14 -15.93
N ALA B 9 -7.96 1.28 -14.59
CA ALA B 9 -6.74 1.62 -13.86
C ALA B 9 -6.34 0.80 -12.64
N GLY B 10 -5.04 0.51 -12.52
CA GLY B 10 -4.48 -0.19 -11.38
C GLY B 10 -4.53 -1.70 -11.48
N GLN B 11 -3.37 -2.35 -11.35
CA GLN B 11 -3.21 -3.83 -11.49
C GLN B 11 -4.47 -4.69 -11.52
N CYS B 12 -5.31 -4.56 -10.49
CA CYS B 12 -6.56 -5.32 -10.45
C CYS B 12 -7.46 -4.86 -11.59
N GLY B 13 -7.84 -3.59 -11.55
CA GLY B 13 -8.64 -3.01 -12.61
C GLY B 13 -8.14 -3.46 -13.97
N ASN B 14 -6.88 -3.21 -14.28
CA ASN B 14 -6.31 -3.58 -15.58
C ASN B 14 -6.49 -5.05 -15.95
N GLN B 15 -6.21 -5.93 -15.00
CA GLN B 15 -6.38 -7.36 -15.20
C GLN B 15 -7.87 -7.71 -15.41
N ILE B 16 -8.72 -7.18 -14.54
CA ILE B 16 -10.16 -7.42 -14.57
C ILE B 16 -10.74 -7.02 -15.90
N GLY B 17 -10.43 -5.79 -16.32
CA GLY B 17 -10.95 -5.22 -17.54
C GLY B 17 -10.43 -5.91 -18.77
N ALA B 18 -9.17 -6.34 -18.72
CA ALA B 18 -8.55 -7.03 -19.84
C ALA B 18 -9.39 -8.25 -20.19
N LYS B 19 -9.84 -8.98 -19.18
CA LYS B 19 -10.67 -10.14 -19.44
C LYS B 19 -12.01 -9.67 -19.95
N PHE B 20 -12.53 -8.56 -19.41
CA PHE B 20 -13.80 -8.03 -19.87
C PHE B 20 -13.70 -7.82 -21.37
N TRP B 21 -12.69 -7.05 -21.78
CA TRP B 21 -12.48 -6.70 -23.18
C TRP B 21 -12.44 -7.89 -24.12
N GLU B 22 -11.50 -8.81 -23.89
CA GLU B 22 -11.39 -9.99 -24.73
C GLU B 22 -12.64 -10.87 -24.67
N VAL B 23 -13.48 -10.67 -23.66
CA VAL B 23 -14.68 -11.48 -23.52
C VAL B 23 -15.83 -10.93 -24.37
N ILE B 24 -15.95 -9.60 -24.43
CA ILE B 24 -16.98 -8.97 -25.23
C ILE B 24 -16.55 -8.94 -26.69
N SER B 25 -15.24 -8.86 -26.89
CA SER B 25 -14.71 -8.79 -28.25
C SER B 25 -15.01 -10.05 -29.03
N ASP B 26 -14.96 -11.19 -28.36
CA ASP B 26 -15.26 -12.45 -29.02
C ASP B 26 -16.79 -12.64 -29.09
N GLU B 27 -17.53 -11.85 -28.31
CA GLU B 27 -19.00 -11.91 -28.35
C GLU B 27 -19.44 -11.24 -29.63
N HIS B 28 -18.78 -10.13 -29.93
CA HIS B 28 -19.01 -9.33 -31.11
C HIS B 28 -18.28 -9.86 -32.34
N GLY B 29 -17.31 -10.76 -32.12
CA GLY B 29 -16.52 -11.34 -33.19
C GLY B 29 -15.44 -10.44 -33.71
N ILE B 30 -14.47 -10.13 -32.86
CA ILE B 30 -13.38 -9.25 -33.20
C ILE B 30 -12.04 -9.93 -32.92
N ASP B 31 -11.14 -9.81 -33.88
CA ASP B 31 -9.81 -10.39 -33.82
C ASP B 31 -8.89 -9.57 -32.96
N PRO B 32 -7.73 -10.13 -32.59
CA PRO B 32 -6.74 -9.38 -31.82
C PRO B 32 -6.56 -7.96 -32.36
N THR B 33 -6.80 -7.77 -33.66
CA THR B 33 -6.76 -6.45 -34.29
C THR B 33 -7.90 -6.41 -35.28
N GLY B 34 -7.85 -7.34 -36.22
CA GLY B 34 -8.85 -7.47 -37.26
C GLY B 34 -10.25 -7.18 -36.77
N SER B 35 -11.15 -7.13 -37.74
CA SER B 35 -12.55 -6.84 -37.47
C SER B 35 -13.36 -8.13 -37.34
N TYR B 36 -14.60 -8.02 -37.79
CA TYR B 36 -15.58 -9.06 -37.75
C TYR B 36 -15.14 -10.39 -38.41
N HIS B 37 -15.72 -11.47 -37.90
CA HIS B 37 -15.53 -12.85 -38.36
C HIS B 37 -16.49 -13.66 -37.47
N GLY B 38 -17.59 -14.12 -38.06
CA GLY B 38 -18.60 -14.86 -37.32
C GLY B 38 -19.94 -14.63 -37.98
N ASP B 39 -20.59 -15.73 -38.38
CA ASP B 39 -21.87 -15.71 -39.10
C ASP B 39 -23.05 -14.92 -38.47
N SER B 40 -22.82 -14.32 -37.30
CA SER B 40 -23.82 -13.48 -36.63
C SER B 40 -23.89 -12.10 -37.35
N ASP B 41 -24.96 -11.33 -37.12
CA ASP B 41 -25.14 -10.06 -37.83
C ASP B 41 -25.42 -8.92 -36.92
N LEU B 42 -26.20 -9.22 -35.88
CA LEU B 42 -26.58 -8.25 -34.88
C LEU B 42 -25.35 -7.49 -34.42
N GLN B 43 -24.61 -8.09 -33.48
CA GLN B 43 -23.37 -7.56 -32.89
C GLN B 43 -23.08 -6.10 -33.19
N LEU B 44 -22.90 -5.82 -34.47
CA LEU B 44 -22.52 -4.50 -34.94
C LEU B 44 -23.44 -3.30 -34.67
N GLU B 45 -24.76 -3.50 -34.49
CA GLU B 45 -25.65 -2.35 -34.20
C GLU B 45 -24.99 -1.39 -33.22
N ARG B 46 -25.02 -1.80 -31.96
CA ARG B 46 -24.48 -0.96 -30.92
C ARG B 46 -22.99 -1.23 -30.61
N ILE B 47 -22.21 -1.66 -31.61
CA ILE B 47 -20.76 -1.89 -31.41
C ILE B 47 -20.09 -0.53 -31.18
N ASN B 48 -20.80 0.47 -31.70
CA ASN B 48 -20.53 1.85 -31.53
C ASN B 48 -20.20 2.14 -30.07
N VAL B 49 -21.13 1.78 -29.19
CA VAL B 49 -21.10 2.05 -27.74
C VAL B 49 -19.81 1.77 -27.04
N TYR B 50 -19.21 0.62 -27.34
CA TYR B 50 -17.95 0.23 -26.70
C TYR B 50 -16.72 0.24 -27.61
N TYR B 51 -16.86 0.68 -28.86
CA TYR B 51 -15.71 0.70 -29.77
C TYR B 51 -15.65 1.90 -30.75
N ASN B 52 -14.74 2.83 -30.48
CA ASN B 52 -14.44 3.92 -31.41
C ASN B 52 -13.64 3.17 -32.48
N GLU B 53 -14.00 3.27 -33.75
CA GLU B 53 -13.29 2.50 -34.78
C GLU B 53 -12.39 3.36 -35.67
N ALA B 54 -11.13 2.95 -35.83
CA ALA B 54 -10.09 3.70 -36.59
C ALA B 54 -9.79 3.23 -38.03
N ALA B 55 -8.57 3.55 -38.51
CA ALA B 55 -8.07 3.26 -39.88
C ALA B 55 -8.44 1.90 -40.51
N GLY B 56 -8.87 1.93 -41.79
CA GLY B 56 -9.28 0.75 -42.53
C GLY B 56 -10.48 0.01 -41.93
N ASN B 57 -10.29 -1.27 -41.59
CA ASN B 57 -11.33 -2.07 -40.94
C ASN B 57 -11.26 -1.86 -39.42
N LYS B 58 -10.17 -2.37 -38.82
CA LYS B 58 -9.84 -2.26 -37.38
C LYS B 58 -10.95 -1.77 -36.43
N TYR B 59 -10.98 -2.31 -35.21
CA TYR B 59 -12.02 -1.84 -34.29
C TYR B 59 -11.63 -1.07 -33.02
N VAL B 60 -10.44 -1.31 -32.48
CA VAL B 60 -9.92 -0.59 -31.30
C VAL B 60 -10.94 -0.05 -30.26
N PRO B 61 -11.05 -0.68 -29.10
CA PRO B 61 -11.96 -0.23 -28.04
C PRO B 61 -11.67 1.16 -27.53
N ARG B 62 -12.70 1.84 -27.06
CA ARG B 62 -12.58 3.17 -26.49
C ARG B 62 -12.12 2.92 -25.09
N ALA B 63 -10.84 2.60 -24.93
CA ALA B 63 -10.32 2.30 -23.61
C ALA B 63 -9.03 3.04 -23.27
N ILE B 64 -8.98 3.51 -22.03
CA ILE B 64 -7.83 4.18 -21.46
C ILE B 64 -7.23 3.26 -20.41
N LEU B 65 -5.91 3.07 -20.46
CA LEU B 65 -5.23 2.19 -19.52
C LEU B 65 -4.30 2.97 -18.57
N VAL B 66 -4.54 2.85 -17.27
CA VAL B 66 -3.76 3.62 -16.31
C VAL B 66 -3.14 2.78 -15.21
N ASP B 67 -1.93 3.16 -14.79
CA ASP B 67 -1.22 2.50 -13.68
C ASP B 67 -0.01 3.32 -13.27
N LEU B 68 0.56 3.03 -12.09
CA LEU B 68 1.73 3.75 -11.61
C LEU B 68 3.03 2.92 -11.60
N GLU B 69 3.01 1.80 -12.34
CA GLU B 69 4.14 0.88 -12.54
C GLU B 69 3.94 0.09 -13.83
N PRO B 70 4.93 0.12 -14.74
CA PRO B 70 4.83 -0.55 -16.04
C PRO B 70 4.29 -1.98 -16.03
N GLY B 71 5.05 -2.92 -15.47
CA GLY B 71 4.69 -4.32 -15.41
C GLY B 71 3.30 -4.78 -15.82
N THR B 72 2.30 -4.46 -15.00
CA THR B 72 0.89 -4.86 -15.20
C THR B 72 0.33 -4.55 -16.59
N MET B 73 0.81 -3.48 -17.19
CA MET B 73 0.37 -3.06 -18.51
C MET B 73 0.98 -3.93 -19.60
N ASP B 74 2.27 -4.21 -19.47
CA ASP B 74 3.01 -5.02 -20.43
C ASP B 74 2.59 -6.48 -20.32
N SER B 75 1.83 -6.75 -19.26
CA SER B 75 1.22 -8.05 -19.00
C SER B 75 0.07 -8.18 -19.98
N VAL B 76 -0.64 -7.08 -20.21
CA VAL B 76 -1.74 -7.06 -21.16
C VAL B 76 -1.19 -7.08 -22.57
N ARG B 77 -0.27 -6.16 -22.89
CA ARG B 77 0.29 -6.04 -24.24
C ARG B 77 0.80 -7.38 -24.75
N SER B 78 1.61 -8.05 -23.94
CA SER B 78 2.11 -9.37 -24.30
C SER B 78 1.17 -10.41 -23.67
N GLY B 79 -0.12 -10.36 -24.04
CA GLY B 79 -1.10 -11.26 -23.45
C GLY B 79 -2.25 -11.72 -24.31
N PRO B 80 -3.48 -11.57 -23.81
CA PRO B 80 -4.71 -12.02 -24.52
C PRO B 80 -4.99 -11.29 -25.84
N PHE B 81 -5.65 -10.13 -25.74
CA PHE B 81 -5.89 -9.28 -26.90
C PHE B 81 -5.01 -8.04 -26.74
N GLY B 82 -3.70 -8.29 -26.58
CA GLY B 82 -2.72 -7.26 -26.34
C GLY B 82 -2.64 -6.23 -27.43
N GLN B 83 -2.72 -6.69 -28.67
CA GLN B 83 -2.62 -5.81 -29.82
C GLN B 83 -3.83 -4.92 -30.04
N ILE B 84 -4.96 -5.25 -29.40
CA ILE B 84 -6.21 -4.53 -29.64
C ILE B 84 -6.28 -3.05 -29.25
N PHE B 85 -5.69 -2.69 -28.12
CA PHE B 85 -5.77 -1.33 -27.59
C PHE B 85 -4.89 -0.33 -28.33
N ARG B 86 -5.33 0.93 -28.41
CA ARG B 86 -4.57 1.97 -29.08
C ARG B 86 -3.31 2.34 -28.29
N PRO B 87 -2.15 2.17 -28.93
CA PRO B 87 -0.84 2.41 -28.29
C PRO B 87 -0.74 3.61 -27.34
N ASP B 88 -0.88 4.85 -27.80
CA ASP B 88 -0.74 6.00 -26.89
C ASP B 88 -1.99 6.21 -26.04
N ASN B 89 -2.71 5.12 -25.79
CA ASN B 89 -3.83 5.17 -24.89
C ASN B 89 -3.40 4.63 -23.53
N PHE B 90 -2.27 3.93 -23.51
CA PHE B 90 -1.69 3.39 -22.28
C PHE B 90 -1.02 4.55 -21.55
N VAL B 91 -1.20 4.64 -20.25
CA VAL B 91 -0.52 5.69 -19.49
C VAL B 91 0.28 5.07 -18.33
N PHE B 92 1.59 4.91 -18.56
CA PHE B 92 2.52 4.33 -17.59
C PHE B 92 2.69 5.20 -16.37
N GLY B 93 3.14 4.59 -15.29
CA GLY B 93 3.43 5.29 -14.05
C GLY B 93 4.92 5.44 -13.78
N GLN B 94 5.65 4.34 -13.94
CA GLN B 94 7.11 4.31 -13.76
C GLN B 94 7.51 4.26 -12.28
N SER B 95 7.11 5.31 -11.54
CA SER B 95 7.46 5.52 -10.14
C SER B 95 6.85 4.47 -9.21
N GLY B 96 7.13 4.63 -7.91
CA GLY B 96 6.58 3.76 -6.88
C GLY B 96 5.08 3.64 -7.03
N ALA B 97 4.60 2.42 -6.80
CA ALA B 97 3.17 2.09 -6.90
C ALA B 97 2.39 2.80 -5.81
N GLY B 98 2.42 2.22 -4.63
CA GLY B 98 1.74 2.74 -3.48
C GLY B 98 1.28 1.60 -2.59
N ASN B 99 0.10 1.08 -2.91
CA ASN B 99 -0.61 0.11 -2.07
C ASN B 99 -0.88 0.84 -0.78
N ASN B 100 -1.08 2.15 -0.99
CA ASN B 100 -1.35 3.18 0.00
C ASN B 100 -2.05 4.32 -0.75
N TRP B 101 -3.31 4.50 -0.38
CA TRP B 101 -4.21 5.45 -1.01
C TRP B 101 -3.56 6.76 -1.20
N ALA B 102 -3.13 7.35 -0.09
CA ALA B 102 -2.50 8.67 -0.11
C ALA B 102 -1.68 8.86 -1.38
N LYS B 103 -0.65 8.03 -1.56
CA LYS B 103 0.24 8.14 -2.70
C LYS B 103 -0.50 8.33 -4.04
N GLY B 104 -1.58 7.57 -4.24
CA GLY B 104 -2.35 7.63 -5.48
C GLY B 104 -3.35 8.76 -5.68
N HIS B 105 -3.85 9.31 -4.57
CA HIS B 105 -4.80 10.42 -4.58
C HIS B 105 -4.13 11.78 -4.25
N TYR B 106 -2.82 11.80 -4.06
CA TYR B 106 -2.12 13.06 -3.80
C TYR B 106 -0.79 13.14 -4.49
N THR B 107 0.26 12.59 -3.86
CA THR B 107 1.63 12.66 -4.37
C THR B 107 1.91 11.97 -5.70
N GLU B 108 2.20 10.66 -5.71
CA GLU B 108 2.50 9.98 -6.98
C GLU B 108 1.32 9.98 -7.93
N GLY B 109 0.13 10.15 -7.38
CA GLY B 109 -1.09 10.22 -8.17
C GLY B 109 -1.15 11.48 -9.01
N ALA B 110 -1.44 12.62 -8.36
CA ALA B 110 -1.54 13.93 -9.02
C ALA B 110 -0.54 14.09 -10.17
N GLU B 111 0.67 13.59 -9.96
CA GLU B 111 1.73 13.56 -10.96
C GLU B 111 1.24 13.17 -12.35
N LEU B 112 0.47 12.08 -12.41
CA LEU B 112 -0.03 11.52 -13.67
C LEU B 112 -1.35 12.11 -14.16
N VAL B 113 -2.32 12.16 -13.26
CA VAL B 113 -3.66 12.66 -13.56
C VAL B 113 -3.89 13.39 -14.87
N ASP B 114 -3.26 14.54 -15.02
CA ASP B 114 -3.38 15.39 -16.20
C ASP B 114 -3.12 14.66 -17.53
N SER B 115 -2.04 13.87 -17.58
CA SER B 115 -1.67 13.10 -18.77
C SER B 115 -2.68 12.00 -19.11
N VAL B 116 -3.48 11.60 -18.13
CA VAL B 116 -4.53 10.63 -18.36
C VAL B 116 -5.75 11.44 -18.73
N LEU B 117 -6.14 12.34 -17.83
CA LEU B 117 -7.28 13.21 -18.01
C LEU B 117 -7.27 13.77 -19.43
N ASP B 118 -6.08 14.11 -19.92
CA ASP B 118 -6.01 14.63 -21.27
C ASP B 118 -5.91 13.64 -22.43
N VAL B 119 -6.22 12.40 -22.10
CA VAL B 119 -6.31 11.32 -23.08
C VAL B 119 -7.74 10.84 -23.05
N VAL B 120 -8.39 10.97 -21.88
CA VAL B 120 -9.81 10.67 -21.80
C VAL B 120 -10.47 11.83 -22.53
N ARG B 121 -9.85 13.01 -22.43
CA ARG B 121 -10.38 14.20 -23.07
C ARG B 121 -10.42 14.05 -24.59
N LYS B 122 -9.45 13.34 -25.17
CA LYS B 122 -9.43 13.17 -26.63
C LYS B 122 -10.39 12.06 -27.09
N GLU B 123 -10.62 11.08 -26.24
CA GLU B 123 -11.53 10.01 -26.58
C GLU B 123 -12.95 10.50 -26.50
N SER B 124 -13.21 11.29 -25.47
CA SER B 124 -14.52 11.85 -25.20
C SER B 124 -14.98 12.84 -26.27
N GLU B 125 -14.17 13.85 -26.49
CA GLU B 125 -14.50 14.85 -27.47
C GLU B 125 -14.54 14.23 -28.86
N SER B 126 -14.02 13.01 -29.00
CA SER B 126 -14.08 12.33 -30.29
C SER B 126 -15.46 11.72 -30.48
N CYS B 127 -16.01 11.22 -29.37
CA CYS B 127 -17.34 10.67 -29.33
C CYS B 127 -18.39 11.56 -29.99
N ASP B 128 -19.26 10.96 -30.80
CA ASP B 128 -20.33 11.69 -31.47
C ASP B 128 -21.36 12.25 -30.46
N CYS B 129 -21.77 11.44 -29.49
CA CYS B 129 -22.62 11.89 -28.38
C CYS B 129 -22.29 11.06 -27.12
N LEU B 130 -21.35 11.56 -26.30
CA LEU B 130 -20.86 10.88 -25.09
C LEU B 130 -21.89 10.61 -24.03
N GLN B 131 -21.99 9.34 -23.64
CA GLN B 131 -22.94 8.87 -22.62
C GLN B 131 -22.42 8.96 -21.21
N GLY B 132 -21.14 8.63 -21.04
CA GLY B 132 -20.53 8.64 -19.74
C GLY B 132 -19.36 7.69 -19.67
N PHE B 133 -18.73 7.65 -18.50
CA PHE B 133 -17.56 6.81 -18.29
C PHE B 133 -17.82 5.69 -17.34
N GLN B 134 -17.15 4.58 -17.58
CA GLN B 134 -17.16 3.47 -16.65
C GLN B 134 -15.69 3.12 -16.34
N LEU B 135 -15.35 2.96 -15.05
CA LEU B 135 -13.98 2.64 -14.62
C LEU B 135 -13.94 1.37 -13.77
N THR B 136 -12.87 0.59 -13.94
CA THR B 136 -12.66 -0.64 -13.18
C THR B 136 -11.41 -0.43 -12.38
N HIS B 137 -11.44 -0.86 -11.12
CA HIS B 137 -10.35 -0.66 -10.16
C HIS B 137 -10.68 -1.37 -8.87
N SER B 138 -9.70 -1.51 -7.98
CA SER B 138 -9.88 -2.12 -6.65
C SER B 138 -10.00 -1.06 -5.56
N LEU B 139 -10.73 -1.34 -4.50
CA LEU B 139 -10.86 -0.38 -3.43
C LEU B 139 -9.78 -0.47 -2.37
N GLY B 140 -9.12 -1.63 -2.35
CA GLY B 140 -7.99 -1.92 -1.48
C GLY B 140 -6.76 -1.56 -2.30
N GLY B 141 -5.58 -1.51 -1.71
CA GLY B 141 -4.44 -1.09 -2.50
C GLY B 141 -4.60 0.38 -2.96
N GLY B 142 -3.70 0.90 -3.79
CA GLY B 142 -3.77 2.32 -4.09
C GLY B 142 -3.61 2.91 -5.47
N THR B 143 -2.88 2.22 -6.35
CA THR B 143 -2.66 2.76 -7.70
C THR B 143 -3.93 2.84 -8.58
N GLY B 144 -5.09 2.59 -7.98
CA GLY B 144 -6.33 2.60 -8.71
C GLY B 144 -7.45 2.90 -7.77
N SER B 145 -7.24 2.69 -6.49
CA SER B 145 -8.27 3.00 -5.55
C SER B 145 -8.07 4.43 -5.10
N GLY B 146 -6.86 4.92 -5.29
CA GLY B 146 -6.46 6.24 -4.86
C GLY B 146 -6.34 7.17 -6.03
N MET B 147 -5.79 6.67 -7.13
CA MET B 147 -5.74 7.48 -8.32
C MET B 147 -7.13 7.46 -8.93
N GLY B 148 -7.74 6.29 -8.92
CA GLY B 148 -9.07 6.11 -9.46
C GLY B 148 -10.04 7.08 -8.85
N THR B 149 -10.23 7.01 -7.53
CA THR B 149 -11.16 7.93 -6.87
C THR B 149 -10.82 9.36 -7.20
N LEU B 150 -9.55 9.61 -7.58
CA LEU B 150 -9.10 10.94 -7.98
C LEU B 150 -9.54 11.21 -9.41
N LEU B 151 -9.18 10.29 -10.30
CA LEU B 151 -9.56 10.41 -11.71
C LEU B 151 -11.00 10.82 -11.79
N ILE B 152 -11.87 10.13 -11.04
CA ILE B 152 -13.31 10.40 -11.10
C ILE B 152 -13.70 11.76 -10.51
N SER B 153 -13.02 12.15 -9.43
CA SER B 153 -13.30 13.45 -8.83
C SER B 153 -12.97 14.54 -9.83
N LYS B 154 -12.14 14.20 -10.80
CA LYS B 154 -11.71 15.16 -11.79
C LYS B 154 -12.48 15.01 -13.06
N ILE B 155 -13.21 13.90 -13.21
CA ILE B 155 -14.06 13.72 -14.39
C ILE B 155 -15.32 14.58 -14.17
N ARG B 156 -15.98 14.41 -13.02
CA ARG B 156 -17.07 15.31 -12.65
C ARG B 156 -16.26 16.58 -12.50
N GLU B 157 -16.78 17.70 -12.94
CA GLU B 157 -16.03 18.98 -12.91
C GLU B 157 -15.78 19.28 -14.36
N GLU B 158 -15.29 18.28 -15.10
CA GLU B 158 -15.11 18.47 -16.54
C GLU B 158 -16.29 17.89 -17.29
N TYR B 159 -17.08 17.08 -16.58
CA TYR B 159 -18.23 16.39 -17.14
C TYR B 159 -19.31 16.18 -16.09
N PRO B 160 -19.88 17.25 -15.51
CA PRO B 160 -20.94 17.11 -14.50
C PRO B 160 -22.10 16.39 -15.17
N ASP B 161 -22.33 16.91 -16.36
CA ASP B 161 -23.18 16.46 -17.44
C ASP B 161 -23.51 14.98 -17.45
N ARG B 162 -22.53 14.22 -17.93
CA ARG B 162 -22.59 12.78 -18.12
C ARG B 162 -22.47 12.02 -16.80
N ILE B 163 -22.78 10.72 -16.83
CA ILE B 163 -22.74 9.91 -15.60
C ILE B 163 -21.53 8.99 -15.42
N MET B 164 -21.22 8.78 -14.14
CA MET B 164 -20.09 8.00 -13.65
C MET B 164 -20.40 6.58 -13.18
N ASN B 165 -19.82 5.62 -13.88
CA ASN B 165 -20.09 4.23 -13.59
C ASN B 165 -18.85 3.45 -13.18
N THR B 166 -18.93 2.65 -12.14
CA THR B 166 -17.76 1.89 -11.74
C THR B 166 -18.06 0.48 -11.30
N PHE B 167 -17.07 -0.37 -11.52
CA PHE B 167 -17.06 -1.72 -11.06
C PHE B 167 -15.90 -1.66 -10.12
N SER B 168 -16.16 -1.76 -8.82
CA SER B 168 -15.11 -1.71 -7.79
C SER B 168 -15.01 -2.99 -6.93
N VAL B 169 -13.86 -3.66 -6.96
CA VAL B 169 -13.66 -4.86 -6.17
C VAL B 169 -13.34 -4.53 -4.73
N VAL B 170 -14.29 -4.73 -3.83
CA VAL B 170 -14.09 -4.48 -2.42
C VAL B 170 -13.32 -5.68 -1.81
N PRO B 171 -12.27 -5.43 -1.03
CA PRO B 171 -11.39 -6.50 -0.56
C PRO B 171 -11.77 -7.12 0.78
N SER B 172 -11.12 -8.26 1.06
CA SER B 172 -11.42 -9.07 2.25
C SER B 172 -10.17 -9.48 2.97
N PRO B 173 -10.35 -10.03 4.17
CA PRO B 173 -9.23 -10.53 4.99
C PRO B 173 -8.54 -11.77 4.39
N LYS B 174 -9.28 -12.64 3.69
CA LYS B 174 -8.69 -13.82 3.02
C LYS B 174 -8.48 -13.39 1.56
N VAL B 175 -7.35 -13.83 0.99
CA VAL B 175 -6.93 -13.45 -0.39
C VAL B 175 -6.74 -11.92 -0.52
N SER B 176 -5.68 -11.47 0.16
CA SER B 176 -5.30 -10.07 0.30
C SER B 176 -3.78 -9.98 0.46
N ASP B 177 -3.18 -8.94 -0.12
CA ASP B 177 -1.72 -8.75 -0.04
C ASP B 177 -1.23 -7.77 1.05
N THR B 178 -2.14 -6.91 1.53
CA THR B 178 -1.82 -5.85 2.51
C THR B 178 -2.65 -5.77 3.77
N VAL B 179 -1.99 -5.40 4.86
CA VAL B 179 -2.65 -5.21 6.14
C VAL B 179 -3.53 -3.96 6.12
N VAL B 180 -3.14 -2.99 5.30
CA VAL B 180 -3.83 -1.70 5.25
C VAL B 180 -5.15 -1.61 4.48
N GLU B 181 -5.46 -2.59 3.62
CA GLU B 181 -6.68 -2.57 2.77
C GLU B 181 -7.89 -1.84 3.33
N PRO B 182 -8.32 -2.19 4.54
CA PRO B 182 -9.40 -1.47 5.23
C PRO B 182 -9.27 0.07 5.21
N TYR B 183 -8.04 0.61 5.29
CA TYR B 183 -7.77 2.05 5.24
C TYR B 183 -8.01 2.54 3.84
N ASN B 184 -7.40 1.85 2.88
CA ASN B 184 -7.59 2.17 1.49
C ASN B 184 -9.06 2.06 1.08
N ALA B 185 -9.76 1.03 1.53
CA ALA B 185 -11.14 0.81 1.15
C ALA B 185 -12.04 1.91 1.65
N THR B 186 -12.00 2.12 2.96
CA THR B 186 -12.83 3.13 3.59
C THR B 186 -12.65 4.47 2.95
N LEU B 187 -11.38 4.78 2.64
CA LEU B 187 -11.00 6.06 2.04
C LEU B 187 -11.59 6.35 0.68
N SER B 188 -11.92 5.27 -0.04
CA SER B 188 -12.49 5.36 -1.38
C SER B 188 -13.99 5.32 -1.29
N VAL B 189 -14.50 4.38 -0.50
CA VAL B 189 -15.95 4.23 -0.34
C VAL B 189 -16.58 5.60 -0.22
N HIS B 190 -16.00 6.41 0.64
CA HIS B 190 -16.42 7.79 0.90
C HIS B 190 -16.43 8.56 -0.43
N GLN B 191 -15.33 8.50 -1.15
CA GLN B 191 -15.23 9.17 -2.43
C GLN B 191 -16.31 8.67 -3.36
N LEU B 192 -16.49 7.35 -3.50
CA LEU B 192 -17.49 6.80 -4.42
C LEU B 192 -18.86 7.35 -4.12
N VAL B 193 -19.26 7.27 -2.85
CA VAL B 193 -20.54 7.81 -2.43
C VAL B 193 -20.82 9.18 -3.05
N GLU B 194 -19.81 10.04 -3.09
CA GLU B 194 -20.03 11.40 -3.54
C GLU B 194 -20.03 11.68 -5.00
N ASN B 195 -19.11 11.09 -5.75
CA ASN B 195 -19.08 11.42 -7.18
C ASN B 195 -19.45 10.33 -8.22
N THR B 196 -20.26 9.33 -7.85
CA THR B 196 -20.70 8.37 -8.87
C THR B 196 -22.20 8.14 -8.82
N ASP B 197 -22.75 7.76 -9.97
CA ASP B 197 -24.18 7.56 -10.10
C ASP B 197 -24.56 6.14 -9.80
N GLU B 198 -23.76 5.18 -10.27
CA GLU B 198 -23.93 3.76 -9.93
C GLU B 198 -22.59 3.06 -9.74
N THR B 199 -22.49 2.22 -8.72
CA THR B 199 -21.29 1.42 -8.49
C THR B 199 -21.67 -0.01 -8.21
N TYR B 200 -21.05 -0.93 -8.96
CA TYR B 200 -21.24 -2.37 -8.82
C TYR B 200 -20.21 -2.83 -7.84
N CYS B 201 -20.60 -3.65 -6.87
CA CYS B 201 -19.63 -4.13 -5.88
C CYS B 201 -19.26 -5.52 -6.19
N ILE B 202 -17.98 -5.76 -6.38
CA ILE B 202 -17.57 -7.10 -6.62
C ILE B 202 -16.78 -7.37 -5.38
N ASP B 203 -17.32 -8.14 -4.47
CA ASP B 203 -16.59 -8.47 -3.25
C ASP B 203 -15.64 -9.64 -3.52
N ASN B 204 -14.40 -9.55 -3.07
CA ASN B 204 -13.47 -10.65 -3.28
C ASN B 204 -13.71 -11.81 -2.30
N GLU B 205 -14.29 -11.48 -1.14
CA GLU B 205 -14.67 -12.49 -0.15
C GLU B 205 -15.73 -13.35 -0.82
N ALA B 206 -16.74 -12.69 -1.41
CA ALA B 206 -17.79 -13.39 -2.12
C ALA B 206 -17.15 -14.28 -3.19
N LEU B 207 -16.32 -13.65 -4.00
CA LEU B 207 -15.60 -14.28 -5.11
C LEU B 207 -14.89 -15.56 -4.71
N TYR B 208 -14.03 -15.48 -3.71
CA TYR B 208 -13.32 -16.68 -3.22
C TYR B 208 -14.30 -17.77 -2.79
N ASP B 209 -15.35 -17.37 -2.08
CA ASP B 209 -16.39 -18.27 -1.60
C ASP B 209 -17.05 -19.05 -2.74
N ILE B 210 -17.29 -18.39 -3.87
CA ILE B 210 -17.92 -19.03 -5.01
C ILE B 210 -17.03 -20.13 -5.63
N CYS B 211 -15.72 -19.94 -5.59
CA CYS B 211 -14.80 -20.88 -6.23
C CYS B 211 -14.56 -22.14 -5.41
N PHE B 212 -14.37 -21.96 -4.12
CA PHE B 212 -14.07 -23.05 -3.21
C PHE B 212 -15.31 -23.56 -2.48
N ARG B 213 -16.09 -22.66 -1.88
CA ARG B 213 -17.31 -23.05 -1.14
C ARG B 213 -18.37 -23.73 -2.04
N THR B 214 -18.35 -23.38 -3.32
CA THR B 214 -19.26 -23.99 -4.32
C THR B 214 -18.61 -24.10 -5.71
N LEU B 215 -17.56 -24.92 -5.81
CA LEU B 215 -16.91 -25.29 -7.09
C LEU B 215 -15.58 -26.03 -7.03
N LYS B 216 -15.45 -26.87 -6.00
CA LYS B 216 -14.29 -27.73 -5.75
C LYS B 216 -12.88 -27.15 -6.09
N LEU B 217 -12.81 -25.89 -6.51
CA LEU B 217 -11.55 -25.23 -6.88
C LEU B 217 -10.76 -24.80 -5.65
N THR B 218 -9.74 -25.62 -5.29
CA THR B 218 -8.87 -25.41 -4.13
C THR B 218 -8.21 -24.03 -4.16
N THR B 219 -6.94 -23.97 -4.59
CA THR B 219 -6.21 -22.70 -4.69
C THR B 219 -6.81 -21.80 -5.78
N PRO B 220 -7.57 -20.79 -5.38
CA PRO B 220 -8.21 -19.91 -6.35
C PRO B 220 -7.19 -18.86 -6.82
N THR B 221 -6.76 -18.96 -8.09
CA THR B 221 -5.80 -18.02 -8.68
C THR B 221 -6.45 -16.69 -8.71
N TYR B 222 -5.70 -15.69 -9.10
CA TYR B 222 -6.35 -14.43 -9.36
C TYR B 222 -7.15 -14.69 -10.68
N GLY B 223 -6.68 -15.70 -11.42
CA GLY B 223 -7.26 -16.15 -12.67
C GLY B 223 -8.70 -16.58 -12.50
N ASP B 224 -8.94 -17.88 -12.36
CA ASP B 224 -10.30 -18.36 -12.12
C ASP B 224 -10.76 -17.67 -10.83
N LEU B 225 -11.33 -16.49 -11.03
CA LEU B 225 -11.79 -15.59 -9.98
C LEU B 225 -12.11 -14.36 -10.78
N ASN B 226 -11.20 -14.01 -11.68
CA ASN B 226 -11.43 -12.92 -12.61
C ASN B 226 -12.48 -13.40 -13.59
N HIS B 227 -12.37 -14.69 -13.98
CA HIS B 227 -13.31 -15.32 -14.91
C HIS B 227 -14.74 -15.08 -14.46
N LEU B 228 -14.96 -15.02 -13.13
CA LEU B 228 -16.29 -14.74 -12.58
C LEU B 228 -16.67 -13.30 -12.86
N VAL B 229 -15.84 -12.37 -12.40
CA VAL B 229 -16.05 -10.94 -12.57
C VAL B 229 -16.24 -10.59 -14.04
N SER B 230 -15.38 -11.14 -14.87
CA SER B 230 -15.38 -10.93 -16.31
C SER B 230 -16.68 -11.39 -16.96
N ALA B 231 -17.22 -12.52 -16.53
CA ALA B 231 -18.47 -13.00 -17.08
C ALA B 231 -19.61 -12.15 -16.59
N THR B 232 -19.55 -11.76 -15.33
CA THR B 232 -20.58 -10.96 -14.74
C THR B 232 -20.66 -9.62 -15.43
N MET B 233 -19.52 -9.03 -15.68
CA MET B 233 -19.49 -7.73 -16.33
C MET B 233 -20.09 -7.71 -17.72
N SER B 234 -19.94 -8.79 -18.47
CA SER B 234 -20.56 -8.88 -19.79
C SER B 234 -22.08 -8.95 -19.63
N GLY B 235 -22.54 -9.72 -18.64
CA GLY B 235 -23.95 -9.85 -18.37
C GLY B 235 -24.57 -8.52 -18.01
N VAL B 236 -23.88 -7.77 -17.17
CA VAL B 236 -24.42 -6.52 -16.72
C VAL B 236 -24.61 -5.49 -17.84
N THR B 237 -23.76 -5.53 -18.85
CA THR B 237 -23.81 -4.56 -19.94
C THR B 237 -24.61 -4.96 -21.16
N THR B 238 -24.79 -6.26 -21.35
CA THR B 238 -25.49 -6.80 -22.54
C THR B 238 -26.53 -5.85 -23.17
N CYS B 239 -27.53 -5.49 -22.41
CA CYS B 239 -28.60 -4.60 -22.85
C CYS B 239 -28.10 -3.26 -23.44
N LEU B 240 -26.94 -2.74 -23.02
CA LEU B 240 -26.46 -1.56 -23.73
C LEU B 240 -25.57 -1.83 -24.91
N ARG B 241 -25.08 -3.05 -25.07
CA ARG B 241 -24.26 -3.34 -26.22
C ARG B 241 -24.90 -4.23 -27.29
N PHE B 242 -26.20 -4.46 -27.30
CA PHE B 242 -26.65 -5.51 -28.21
C PHE B 242 -27.89 -5.52 -29.12
N PRO B 243 -29.08 -5.50 -28.52
CA PRO B 243 -30.29 -5.78 -29.28
C PRO B 243 -30.99 -4.59 -29.91
N GLY B 244 -32.19 -4.38 -29.40
CA GLY B 244 -33.16 -3.41 -29.84
C GLY B 244 -34.40 -3.95 -29.14
N GLN B 245 -34.32 -3.90 -27.81
CA GLN B 245 -35.40 -4.29 -26.90
C GLN B 245 -35.54 -3.04 -26.02
N LEU B 246 -34.50 -2.79 -25.20
CA LEU B 246 -34.47 -1.61 -24.38
C LEU B 246 -33.81 -0.56 -25.25
N ASN B 247 -32.49 -0.48 -25.09
CA ASN B 247 -31.51 0.46 -25.69
C ASN B 247 -30.49 0.96 -24.63
N ALA B 248 -31.04 1.20 -23.43
CA ALA B 248 -30.30 1.56 -22.23
C ALA B 248 -29.46 2.86 -22.24
N ASP B 249 -30.08 3.94 -21.80
CA ASP B 249 -29.39 5.18 -21.72
C ASP B 249 -28.36 5.19 -20.64
N LEU B 250 -28.20 4.09 -19.89
CA LEU B 250 -27.25 4.01 -18.75
C LEU B 250 -27.61 5.06 -17.70
N ARG B 251 -28.38 6.05 -18.17
CA ARG B 251 -28.93 7.09 -17.34
C ARG B 251 -30.29 6.57 -16.99
N LYS B 252 -30.97 5.98 -17.96
CA LYS B 252 -32.26 5.41 -17.68
C LYS B 252 -32.03 4.35 -16.61
N LEU B 253 -30.96 3.58 -16.76
CA LEU B 253 -30.60 2.56 -15.80
C LEU B 253 -30.38 3.20 -14.45
N ALA B 254 -29.76 4.36 -14.42
CA ALA B 254 -29.54 5.01 -13.15
C ALA B 254 -30.85 5.51 -12.58
N VAL B 255 -31.50 6.44 -13.25
CA VAL B 255 -32.77 6.98 -12.77
C VAL B 255 -33.77 5.94 -12.25
N ASN B 256 -33.63 4.70 -12.72
CA ASN B 256 -34.56 3.64 -12.36
C ASN B 256 -34.12 2.62 -11.32
N MET B 257 -32.83 2.57 -11.05
CA MET B 257 -32.33 1.62 -10.09
C MET B 257 -32.02 2.27 -8.76
N VAL B 258 -31.66 3.55 -8.79
CA VAL B 258 -31.27 4.26 -7.57
C VAL B 258 -32.31 5.24 -7.08
N PRO B 259 -33.12 4.82 -6.14
CA PRO B 259 -34.17 5.66 -5.61
C PRO B 259 -33.59 6.78 -4.76
N PHE B 260 -32.49 6.52 -4.08
CA PHE B 260 -31.93 7.55 -3.24
C PHE B 260 -30.52 8.02 -3.58
N PRO B 261 -30.38 9.35 -3.55
CA PRO B 261 -29.19 10.01 -4.05
C PRO B 261 -27.93 9.23 -3.76
N ARG B 262 -27.73 8.81 -2.50
CA ARG B 262 -26.48 8.16 -2.07
C ARG B 262 -26.04 6.90 -2.84
N LEU B 263 -25.88 7.17 -4.15
CA LEU B 263 -25.47 6.32 -5.34
C LEU B 263 -25.68 4.78 -5.29
N HIS B 264 -26.34 4.39 -4.23
CA HIS B 264 -26.60 3.02 -3.95
C HIS B 264 -25.83 1.99 -4.81
N PHE B 265 -25.24 1.09 -4.06
CA PHE B 265 -24.34 0.09 -4.58
C PHE B 265 -25.10 -1.19 -4.83
N PHE B 266 -24.87 -1.69 -6.03
CA PHE B 266 -25.51 -2.86 -6.52
C PHE B 266 -24.74 -4.14 -6.20
N MET B 267 -25.45 -5.18 -5.78
CA MET B 267 -24.79 -6.48 -5.70
C MET B 267 -25.26 -7.30 -6.92
N PRO B 268 -24.29 -7.75 -7.72
CA PRO B 268 -24.53 -8.53 -8.93
C PRO B 268 -24.52 -10.02 -8.69
N GLY B 269 -25.15 -10.79 -9.57
CA GLY B 269 -25.22 -12.24 -9.44
C GLY B 269 -25.32 -12.91 -10.79
N PHE B 270 -24.67 -14.05 -10.94
CA PHE B 270 -24.66 -14.73 -12.23
C PHE B 270 -25.39 -16.07 -12.19
N ALA B 271 -25.77 -16.59 -13.35
CA ALA B 271 -26.52 -17.85 -13.44
C ALA B 271 -25.68 -19.13 -13.35
N PRO B 272 -25.26 -19.72 -14.48
CA PRO B 272 -24.41 -20.93 -14.44
C PRO B 272 -22.94 -20.51 -14.28
N LEU B 273 -22.05 -21.33 -13.71
CA LEU B 273 -20.67 -20.83 -13.52
C LEU B 273 -19.51 -21.84 -13.46
N THR B 274 -18.28 -21.27 -13.54
CA THR B 274 -16.94 -21.94 -13.43
C THR B 274 -16.12 -22.06 -14.76
N SER B 275 -14.77 -22.04 -14.65
CA SER B 275 -13.83 -22.22 -15.80
C SER B 275 -12.91 -23.45 -15.64
N LEU B 284 -29.87 -26.44 -17.01
CA LEU B 284 -30.15 -25.03 -16.79
C LEU B 284 -31.56 -24.75 -17.32
N THR B 285 -32.54 -25.24 -16.59
CA THR B 285 -33.95 -25.23 -17.00
C THR B 285 -34.72 -23.89 -17.11
N VAL B 286 -34.32 -22.87 -16.35
CA VAL B 286 -34.97 -21.54 -16.28
C VAL B 286 -35.53 -21.37 -14.87
N PRO B 287 -36.54 -22.15 -14.48
CA PRO B 287 -36.94 -22.15 -13.09
C PRO B 287 -35.66 -22.44 -12.32
N GLU B 288 -34.83 -23.33 -12.87
CA GLU B 288 -33.54 -23.72 -12.28
C GLU B 288 -32.54 -22.56 -12.28
N LEU B 289 -32.66 -21.74 -13.32
CA LEU B 289 -31.80 -20.57 -13.49
C LEU B 289 -32.17 -19.43 -12.52
N THR B 290 -33.47 -19.14 -12.37
CA THR B 290 -33.92 -18.11 -11.46
C THR B 290 -33.57 -18.48 -10.03
N GLN B 291 -33.98 -19.69 -9.60
CA GLN B 291 -33.72 -20.18 -8.24
C GLN B 291 -32.29 -19.98 -7.82
N GLN B 292 -31.40 -20.02 -8.80
CA GLN B 292 -29.97 -19.86 -8.60
C GLN B 292 -29.51 -18.39 -8.58
N MET B 293 -30.00 -17.61 -9.53
CA MET B 293 -29.63 -16.19 -9.68
C MET B 293 -30.13 -15.30 -8.54
N PHE B 294 -31.02 -15.85 -7.72
CA PHE B 294 -31.61 -15.15 -6.59
C PHE B 294 -31.14 -15.75 -5.27
N ASP B 295 -30.08 -16.54 -5.34
CA ASP B 295 -29.52 -17.19 -4.17
C ASP B 295 -28.27 -16.48 -3.66
N ALA B 296 -28.18 -16.33 -2.34
CA ALA B 296 -27.03 -15.70 -1.68
C ALA B 296 -25.73 -16.35 -2.16
N LYS B 297 -25.72 -17.68 -2.08
CA LYS B 297 -24.67 -18.57 -2.53
C LYS B 297 -24.20 -18.24 -3.96
N ASN B 298 -24.87 -17.28 -4.60
CA ASN B 298 -24.58 -16.89 -5.98
C ASN B 298 -24.47 -15.37 -6.25
N MET B 299 -24.33 -14.59 -5.18
CA MET B 299 -24.19 -13.13 -5.29
C MET B 299 -22.72 -12.82 -5.45
N MET B 300 -22.42 -11.69 -6.04
CA MET B 300 -21.04 -11.29 -6.28
C MET B 300 -20.46 -10.49 -5.11
N ALA B 301 -21.30 -10.19 -4.12
CA ALA B 301 -20.83 -9.48 -2.93
C ALA B 301 -21.14 -10.30 -1.71
N ALA B 302 -20.22 -10.28 -0.73
CA ALA B 302 -20.45 -11.04 0.50
C ALA B 302 -21.59 -10.40 1.26
N CYS B 303 -22.79 -10.92 1.01
CA CYS B 303 -24.01 -10.46 1.61
C CYS B 303 -24.92 -11.65 1.62
N ASP B 304 -26.20 -11.38 1.84
CA ASP B 304 -27.22 -12.39 1.88
C ASP B 304 -28.55 -11.66 1.94
N PRO B 305 -29.12 -11.42 0.78
CA PRO B 305 -30.42 -10.75 0.71
C PRO B 305 -31.38 -11.70 1.43
N ARG B 306 -31.68 -11.35 2.66
CA ARG B 306 -32.57 -12.11 3.54
C ARG B 306 -32.50 -11.16 4.70
N HIS B 307 -31.25 -10.85 5.05
CA HIS B 307 -30.92 -9.91 6.10
C HIS B 307 -31.09 -8.56 5.44
N GLY B 308 -32.19 -8.38 4.73
CA GLY B 308 -32.41 -7.12 4.05
C GLY B 308 -33.25 -7.23 2.81
N ARG B 309 -34.06 -6.20 2.61
CA ARG B 309 -34.99 -6.10 1.51
C ARG B 309 -34.29 -5.58 0.27
N TYR B 310 -34.93 -5.73 -0.89
CA TYR B 310 -34.39 -5.22 -2.14
C TYR B 310 -35.10 -3.91 -2.43
N LEU B 311 -34.34 -2.90 -2.81
CA LEU B 311 -34.94 -1.62 -3.13
C LEU B 311 -35.51 -1.73 -4.53
N THR B 312 -34.67 -2.14 -5.47
CA THR B 312 -35.07 -2.39 -6.86
C THR B 312 -34.14 -3.44 -7.39
N VAL B 313 -34.67 -4.27 -8.28
CA VAL B 313 -33.89 -5.34 -8.88
C VAL B 313 -34.06 -5.31 -10.38
N ALA B 314 -33.01 -5.73 -11.07
CA ALA B 314 -33.00 -5.72 -12.50
C ALA B 314 -32.29 -6.97 -12.97
N ALA B 315 -32.98 -7.78 -13.76
CA ALA B 315 -32.39 -9.02 -14.22
C ALA B 315 -32.38 -9.07 -15.71
N VAL B 316 -31.31 -9.65 -16.27
CA VAL B 316 -31.17 -9.78 -17.72
C VAL B 316 -30.77 -11.23 -18.15
N PHE B 317 -31.71 -11.91 -18.81
CA PHE B 317 -31.51 -13.29 -19.27
C PHE B 317 -30.73 -13.35 -20.56
N ARG B 318 -30.49 -14.55 -21.06
CA ARG B 318 -29.72 -14.72 -22.28
C ARG B 318 -29.89 -16.09 -22.92
N GLY B 319 -30.09 -16.12 -24.23
CA GLY B 319 -30.25 -17.37 -24.96
C GLY B 319 -31.66 -17.63 -25.45
N ARG B 320 -31.76 -18.48 -26.47
CA ARG B 320 -33.06 -18.81 -27.01
C ARG B 320 -33.92 -19.52 -25.95
N MET B 321 -34.80 -18.76 -25.31
CA MET B 321 -35.76 -19.33 -24.35
C MET B 321 -37.03 -18.48 -24.39
N SER B 322 -38.17 -19.07 -24.03
CA SER B 322 -39.47 -18.37 -24.07
C SER B 322 -39.77 -17.44 -22.88
N MET B 323 -39.83 -16.13 -23.15
CA MET B 323 -40.16 -15.10 -22.13
C MET B 323 -41.46 -15.49 -21.35
N LYS B 324 -42.39 -16.17 -22.03
CA LYS B 324 -43.62 -16.67 -21.39
C LYS B 324 -43.23 -17.35 -20.07
N GLU B 325 -42.18 -18.19 -20.10
CA GLU B 325 -41.73 -18.86 -18.90
C GLU B 325 -41.04 -17.89 -17.95
N VAL B 326 -40.15 -17.07 -18.49
CA VAL B 326 -39.40 -16.09 -17.69
C VAL B 326 -40.32 -15.20 -16.83
N ASP B 327 -41.23 -14.47 -17.48
CA ASP B 327 -42.17 -13.56 -16.80
C ASP B 327 -42.95 -14.26 -15.69
N GLU B 328 -43.17 -15.56 -15.91
CA GLU B 328 -43.88 -16.45 -15.00
C GLU B 328 -43.04 -16.83 -13.79
N GLN B 329 -41.80 -17.20 -14.04
CA GLN B 329 -40.89 -17.59 -12.98
C GLN B 329 -40.46 -16.35 -12.20
N MET B 330 -40.22 -15.24 -12.91
CA MET B 330 -39.83 -13.98 -12.28
C MET B 330 -40.90 -13.46 -11.34
N LEU B 331 -42.16 -13.82 -11.57
CA LEU B 331 -43.25 -13.42 -10.68
C LEU B 331 -43.26 -14.38 -9.50
N ASN B 332 -42.92 -15.64 -9.80
CA ASN B 332 -42.90 -16.69 -8.80
C ASN B 332 -41.77 -16.60 -7.78
N VAL B 333 -40.83 -15.68 -7.99
CA VAL B 333 -39.76 -15.51 -7.01
C VAL B 333 -40.24 -14.52 -5.97
N GLN B 334 -40.71 -13.37 -6.45
CA GLN B 334 -41.25 -12.31 -5.61
C GLN B 334 -42.67 -12.68 -5.25
N ASN B 335 -42.79 -13.86 -4.68
CA ASN B 335 -44.03 -14.39 -4.20
C ASN B 335 -43.68 -15.40 -3.13
N LYS B 336 -42.86 -16.38 -3.50
CA LYS B 336 -42.38 -17.37 -2.54
C LYS B 336 -41.45 -16.59 -1.63
N ASN B 337 -41.10 -15.37 -2.06
CA ASN B 337 -40.25 -14.45 -1.32
C ASN B 337 -40.79 -13.01 -1.26
N SER B 338 -42.08 -12.85 -1.56
CA SER B 338 -42.76 -11.54 -1.65
C SER B 338 -42.63 -10.61 -0.43
N SER B 339 -41.99 -11.05 0.62
CA SER B 339 -41.81 -10.17 1.75
C SER B 339 -40.53 -9.36 1.58
N TYR B 340 -39.58 -9.86 0.78
CA TYR B 340 -38.25 -9.23 0.58
C TYR B 340 -38.10 -8.21 -0.56
N PHE B 341 -39.23 -7.69 -0.98
CA PHE B 341 -39.23 -6.69 -2.01
C PHE B 341 -40.04 -5.53 -1.44
N VAL B 342 -39.32 -4.52 -0.97
CA VAL B 342 -39.92 -3.31 -0.45
C VAL B 342 -41.25 -3.02 -1.16
N GLU B 343 -42.35 -2.84 -0.43
CA GLU B 343 -43.63 -2.62 -1.09
C GLU B 343 -43.99 -1.15 -1.26
N TRP B 344 -43.04 -0.25 -0.98
CA TRP B 344 -43.34 1.17 -1.18
C TRP B 344 -42.82 1.68 -2.52
N ILE B 345 -42.32 0.76 -3.34
CA ILE B 345 -41.89 1.04 -4.70
C ILE B 345 -42.59 -0.03 -5.52
N PRO B 346 -43.54 0.35 -6.36
CA PRO B 346 -44.33 -0.56 -7.18
C PRO B 346 -43.57 -1.54 -8.06
N ASN B 347 -43.82 -1.63 -9.35
CA ASN B 347 -43.15 -2.63 -10.17
C ASN B 347 -41.67 -2.40 -10.15
N ASN B 348 -41.07 -2.81 -9.04
CA ASN B 348 -39.66 -2.60 -8.74
C ASN B 348 -38.72 -3.73 -9.13
N VAL B 349 -39.14 -4.57 -10.06
CA VAL B 349 -38.28 -5.64 -10.49
C VAL B 349 -38.56 -5.84 -11.97
N LYS B 350 -37.58 -5.46 -12.79
CA LYS B 350 -37.71 -5.53 -14.23
C LYS B 350 -36.76 -6.50 -14.87
N THR B 351 -37.26 -7.23 -15.86
CA THR B 351 -36.50 -8.28 -16.54
C THR B 351 -36.37 -8.05 -18.02
N ALA B 352 -35.16 -8.30 -18.51
CA ALA B 352 -34.81 -8.11 -19.91
C ALA B 352 -34.28 -9.40 -20.45
N VAL B 353 -34.66 -9.73 -21.68
CA VAL B 353 -34.17 -10.95 -22.30
C VAL B 353 -33.49 -10.63 -23.60
N CYS B 354 -32.34 -11.28 -23.83
CA CYS B 354 -31.60 -11.13 -25.08
C CYS B 354 -31.26 -12.53 -25.57
N ASP B 355 -31.22 -12.73 -26.88
CA ASP B 355 -31.02 -14.10 -27.38
C ASP B 355 -29.67 -14.48 -27.97
N ILE B 356 -28.61 -13.77 -27.59
CA ILE B 356 -27.27 -14.17 -28.05
C ILE B 356 -26.46 -14.74 -26.87
N PRO B 357 -26.38 -16.08 -26.83
CA PRO B 357 -25.66 -16.80 -25.76
C PRO B 357 -24.25 -16.28 -25.50
N PRO B 358 -23.83 -16.32 -24.24
CA PRO B 358 -22.45 -15.96 -23.86
C PRO B 358 -21.44 -17.04 -24.28
N ARG B 359 -20.24 -17.00 -23.68
CA ARG B 359 -19.20 -18.04 -23.90
C ARG B 359 -19.88 -19.39 -23.62
N GLY B 360 -19.27 -20.52 -23.95
CA GLY B 360 -19.93 -21.82 -23.71
C GLY B 360 -21.44 -21.63 -23.62
N LEU B 361 -21.97 -21.79 -22.40
CA LEU B 361 -23.38 -21.58 -22.01
C LEU B 361 -24.50 -21.46 -23.07
N LYS B 362 -25.43 -22.41 -23.05
CA LYS B 362 -26.60 -22.39 -23.94
C LYS B 362 -27.64 -21.40 -23.37
N MET B 363 -27.70 -21.32 -22.04
CA MET B 363 -28.62 -20.46 -21.31
C MET B 363 -27.83 -19.72 -20.27
N SER B 364 -28.23 -18.50 -19.94
CA SER B 364 -27.53 -17.68 -18.93
C SER B 364 -28.39 -16.55 -18.40
N ALA B 365 -28.12 -16.11 -17.17
CA ALA B 365 -28.82 -14.99 -16.59
C ALA B 365 -27.87 -14.26 -15.69
N THR B 366 -28.15 -12.99 -15.46
CA THR B 366 -27.32 -12.22 -14.56
C THR B 366 -28.28 -11.31 -13.81
N PHE B 367 -27.82 -10.73 -12.70
CA PHE B 367 -28.73 -10.03 -11.82
C PHE B 367 -28.10 -8.83 -11.20
N ILE B 368 -28.83 -7.72 -11.17
CA ILE B 368 -28.33 -6.48 -10.56
C ILE B 368 -29.24 -6.13 -9.39
N GLY B 369 -28.69 -6.00 -8.20
CA GLY B 369 -29.54 -5.71 -7.07
C GLY B 369 -29.20 -4.59 -6.10
N ASN B 370 -30.10 -3.61 -6.01
CA ASN B 370 -29.96 -2.55 -5.04
C ASN B 370 -30.62 -2.99 -3.75
N SER B 371 -29.86 -3.69 -2.90
CA SER B 371 -30.41 -4.25 -1.66
C SER B 371 -29.77 -3.77 -0.39
N THR B 372 -30.59 -3.37 0.57
CA THR B 372 -30.15 -2.84 1.86
C THR B 372 -29.29 -3.79 2.64
N ALA B 373 -29.12 -5.00 2.11
CA ALA B 373 -28.30 -6.01 2.74
C ALA B 373 -26.85 -5.74 2.45
N ILE B 374 -26.62 -4.91 1.42
CA ILE B 374 -25.28 -4.47 1.08
C ILE B 374 -24.67 -3.82 2.32
N GLN B 375 -25.54 -3.29 3.18
CA GLN B 375 -25.16 -2.67 4.46
C GLN B 375 -24.13 -3.57 5.13
N GLU B 376 -24.40 -4.86 5.11
CA GLU B 376 -23.57 -5.90 5.71
C GLU B 376 -22.13 -5.83 5.27
N LEU B 377 -21.91 -5.48 4.00
CA LEU B 377 -20.56 -5.39 3.44
C LEU B 377 -19.83 -4.16 3.96
N PHE B 378 -20.48 -3.00 3.92
CA PHE B 378 -19.86 -1.77 4.40
C PHE B 378 -19.51 -1.90 5.88
N LYS B 379 -20.40 -2.53 6.63
CA LYS B 379 -20.21 -2.75 8.05
C LYS B 379 -18.94 -3.55 8.36
N ARG B 380 -18.66 -4.56 7.55
CA ARG B 380 -17.51 -5.46 7.79
C ARG B 380 -16.16 -4.86 7.42
N ILE B 381 -16.14 -3.87 6.52
CA ILE B 381 -14.88 -3.22 6.22
C ILE B 381 -14.70 -2.13 7.28
N SER B 382 -15.80 -1.53 7.72
CA SER B 382 -15.75 -0.50 8.78
C SER B 382 -15.37 -1.09 10.15
N GLU B 383 -15.47 -2.42 10.20
CA GLU B 383 -15.17 -3.22 11.39
C GLU B 383 -13.68 -3.41 11.59
N GLN B 384 -12.96 -3.60 10.48
CA GLN B 384 -11.51 -3.78 10.51
C GLN B 384 -10.88 -2.39 10.46
N PHE B 385 -11.65 -1.40 10.04
CA PHE B 385 -11.11 -0.04 9.98
C PHE B 385 -11.00 0.54 11.39
N THR B 386 -12.16 0.74 12.03
CA THR B 386 -12.25 1.28 13.41
C THR B 386 -11.55 0.35 14.39
N ALA B 387 -11.28 -0.87 13.93
CA ALA B 387 -10.58 -1.86 14.72
C ALA B 387 -9.07 -1.62 14.67
N MET B 388 -8.63 -0.84 13.69
CA MET B 388 -7.23 -0.51 13.49
C MET B 388 -6.97 0.96 13.77
N PHE B 389 -7.86 1.81 13.28
CA PHE B 389 -7.72 3.25 13.49
C PHE B 389 -7.98 3.61 14.93
N ARG B 390 -8.40 2.61 15.69
CA ARG B 390 -8.60 2.72 17.12
C ARG B 390 -7.34 3.36 17.71
N ARG B 391 -6.35 2.51 17.98
CA ARG B 391 -5.05 2.89 18.50
C ARG B 391 -4.16 3.25 17.30
N LYS B 392 -4.64 4.19 16.47
CA LYS B 392 -3.96 4.62 15.23
C LYS B 392 -2.91 3.64 14.73
N ALA B 393 -3.29 2.69 13.88
CA ALA B 393 -2.38 1.67 13.38
C ALA B 393 -1.40 2.18 12.38
N PHE B 394 -1.12 1.36 11.39
CA PHE B 394 -0.20 1.69 10.33
C PHE B 394 -0.38 3.08 9.72
N LEU B 395 -1.20 3.90 10.38
CA LEU B 395 -1.53 5.25 9.94
C LEU B 395 -0.38 6.17 9.54
N HIS B 396 0.72 6.11 10.28
CA HIS B 396 1.87 6.95 9.99
C HIS B 396 2.36 6.85 8.55
N TRP B 397 1.92 5.83 7.80
CA TRP B 397 2.30 5.68 6.41
C TRP B 397 1.62 6.71 5.55
N TYR B 398 0.46 7.18 6.01
CA TYR B 398 -0.31 8.20 5.31
C TYR B 398 0.02 9.59 5.87
N THR B 399 -0.08 9.77 7.17
CA THR B 399 0.29 11.03 7.82
C THR B 399 1.47 11.58 7.04
N GLY B 400 2.44 10.70 6.80
CA GLY B 400 3.68 11.03 6.13
C GLY B 400 3.55 11.52 4.71
N GLU B 401 2.64 10.96 3.94
CA GLU B 401 2.48 11.41 2.55
C GLU B 401 1.67 12.71 2.41
N GLY B 402 1.30 13.30 3.56
CA GLY B 402 0.64 14.59 3.58
C GLY B 402 -0.76 14.71 4.12
N MET B 403 -1.39 13.59 4.43
CA MET B 403 -2.78 13.57 4.87
C MET B 403 -2.97 13.99 6.30
N ASP B 404 -4.18 14.44 6.63
CA ASP B 404 -4.47 14.79 8.01
C ASP B 404 -5.20 13.70 8.78
N GLU B 405 -4.91 13.64 10.08
CA GLU B 405 -5.48 12.67 10.99
C GLU B 405 -7.00 12.63 10.91
N MET B 406 -7.63 13.80 10.85
CA MET B 406 -9.10 13.90 10.84
C MET B 406 -9.77 13.62 9.50
N GLU B 407 -8.97 13.44 8.45
CA GLU B 407 -9.50 13.09 7.14
C GLU B 407 -9.87 11.60 7.15
N PHE B 408 -9.40 10.90 8.17
CA PHE B 408 -9.71 9.50 8.37
C PHE B 408 -11.04 9.51 9.10
N THR B 409 -11.15 10.20 10.25
CA THR B 409 -12.43 10.25 10.98
C THR B 409 -13.58 10.75 10.08
N GLU B 410 -13.27 11.74 9.24
CA GLU B 410 -14.24 12.30 8.31
C GLU B 410 -14.74 11.30 7.31
N ALA B 411 -13.91 10.31 6.99
CA ALA B 411 -14.30 9.26 6.05
C ALA B 411 -15.08 8.19 6.77
N GLU B 412 -14.56 7.76 7.91
CA GLU B 412 -15.21 6.77 8.76
C GLU B 412 -16.64 7.23 9.09
N SER B 413 -16.76 8.50 9.49
CA SER B 413 -18.05 9.09 9.84
C SER B 413 -19.04 9.09 8.69
N ASN B 414 -18.59 9.49 7.51
CA ASN B 414 -19.45 9.48 6.34
C ASN B 414 -19.95 8.05 6.05
N MET B 415 -19.04 7.09 6.16
CA MET B 415 -19.33 5.69 5.83
C MET B 415 -20.35 4.99 6.71
N ASN B 416 -20.27 5.23 8.03
CA ASN B 416 -21.18 4.63 9.01
C ASN B 416 -22.60 5.14 8.83
N ASP B 417 -22.71 6.36 8.31
CA ASP B 417 -23.99 6.97 8.01
C ASP B 417 -24.62 6.15 6.92
N LEU B 418 -23.81 5.81 5.90
CA LEU B 418 -24.26 5.01 4.78
C LEU B 418 -24.90 3.70 5.23
N VAL B 419 -24.40 3.19 6.36
CA VAL B 419 -24.93 1.98 6.97
C VAL B 419 -26.21 2.38 7.68
N SER B 420 -26.15 3.51 8.38
CA SER B 420 -27.27 4.04 9.17
C SER B 420 -28.40 4.59 8.32
N GLU B 421 -28.22 4.53 7.01
CA GLU B 421 -29.23 4.99 6.06
C GLU B 421 -29.86 3.78 5.41
N TYR B 422 -29.02 2.84 5.01
CA TYR B 422 -29.48 1.58 4.42
C TYR B 422 -30.32 0.85 5.45
N GLN B 423 -29.90 0.97 6.72
CA GLN B 423 -30.61 0.33 7.84
C GLN B 423 -31.88 1.11 8.20
N GLN B 424 -31.99 2.32 7.67
CA GLN B 424 -33.15 3.17 7.88
C GLN B 424 -34.26 2.78 6.92
N TYR B 425 -33.87 2.25 5.77
CA TYR B 425 -34.84 1.91 4.75
C TYR B 425 -35.28 0.47 4.80
N GLN B 426 -35.22 -0.15 5.95
CA GLN B 426 -35.88 -1.42 6.07
C GLN B 426 -37.10 -1.04 6.94
N ASP B 427 -37.87 -0.11 6.38
CA ASP B 427 -39.03 0.56 7.00
C ASP B 427 -40.37 -0.10 6.71
N ALA B 428 -41.30 0.64 6.08
CA ALA B 428 -42.64 0.11 5.76
C ALA B 428 -43.46 1.05 4.87
N ARG C 2 12.62 -0.01 -8.18
CA ARG C 2 13.57 -0.21 -9.31
C ARG C 2 14.99 -0.69 -8.91
N GLU C 3 15.86 0.22 -8.46
CA GLU C 3 17.23 -0.17 -8.13
C GLU C 3 17.39 -0.50 -6.64
N CYS C 4 18.62 -0.67 -6.13
CA CYS C 4 18.85 -1.06 -4.71
C CYS C 4 20.29 -1.18 -4.14
N ILE C 5 20.81 -0.13 -3.52
CA ILE C 5 22.20 -0.15 -3.02
C ILE C 5 22.46 -0.86 -1.69
N SER C 6 23.48 -1.69 -1.69
CA SER C 6 23.92 -2.38 -0.47
C SER C 6 25.16 -1.65 0.06
N ILE C 7 25.20 -1.39 1.37
CA ILE C 7 26.34 -0.74 2.03
C ILE C 7 26.78 -1.67 3.16
N HIS C 8 28.06 -1.98 3.26
CA HIS C 8 28.55 -2.81 4.36
C HIS C 8 29.61 -2.07 5.11
N VAL C 9 29.32 -1.67 6.35
CA VAL C 9 30.30 -0.93 7.10
C VAL C 9 30.85 -1.73 8.23
N GLY C 10 32.18 -1.77 8.30
CA GLY C 10 32.90 -2.40 9.37
C GLY C 10 32.84 -3.92 9.49
N GLN C 11 34.01 -4.49 9.79
CA GLN C 11 34.29 -5.95 9.88
C GLN C 11 33.09 -6.88 9.71
N ALA C 12 32.24 -6.92 10.74
CA ALA C 12 31.03 -7.73 10.71
C ALA C 12 30.25 -7.38 9.46
N GLY C 13 29.92 -6.11 9.29
CA GLY C 13 29.21 -5.68 8.10
C GLY C 13 29.86 -6.26 6.86
N VAL C 14 31.13 -5.94 6.65
CA VAL C 14 31.84 -6.42 5.48
C VAL C 14 31.73 -7.93 5.32
N GLN C 15 32.21 -8.69 6.30
CA GLN C 15 32.22 -10.15 6.20
C GLN C 15 30.87 -10.81 5.97
N ILE C 16 29.81 -10.23 6.55
CA ILE C 16 28.46 -10.76 6.36
C ILE C 16 28.11 -10.62 4.90
N GLY C 17 28.28 -9.41 4.37
CA GLY C 17 27.98 -9.14 2.98
C GLY C 17 28.85 -9.92 2.02
N ASN C 18 30.09 -10.12 2.44
CA ASN C 18 31.03 -10.89 1.66
C ASN C 18 30.44 -12.26 1.39
N ALA C 19 29.72 -12.77 2.40
CA ALA C 19 29.12 -14.10 2.30
C ALA C 19 27.74 -14.14 1.67
N CYS C 20 26.98 -13.06 1.73
CA CYS C 20 25.69 -13.07 1.07
C CYS C 20 25.75 -12.46 -0.33
N TRP C 21 26.87 -11.88 -0.69
CA TRP C 21 27.02 -11.43 -2.07
C TRP C 21 27.48 -12.66 -2.85
N GLU C 22 28.03 -13.63 -2.14
CA GLU C 22 28.48 -14.87 -2.74
C GLU C 22 27.31 -15.84 -2.93
N LEU C 23 26.32 -15.77 -2.04
CA LEU C 23 25.15 -16.62 -2.16
C LEU C 23 24.32 -16.02 -3.25
N TYR C 24 24.39 -14.69 -3.39
CA TYR C 24 23.65 -14.00 -4.44
C TYR C 24 24.14 -14.52 -5.77
N CYS C 25 25.45 -14.42 -6.00
CA CYS C 25 26.05 -14.89 -7.24
C CYS C 25 25.65 -16.32 -7.57
N LEU C 26 25.74 -17.20 -6.58
CA LEU C 26 25.38 -18.59 -6.79
C LEU C 26 23.91 -18.75 -7.14
N GLU C 27 23.05 -17.93 -6.54
CA GLU C 27 21.62 -17.93 -6.80
C GLU C 27 21.31 -17.52 -8.25
N HIS C 28 21.98 -16.47 -8.72
CA HIS C 28 21.75 -15.94 -10.07
C HIS C 28 22.76 -16.45 -11.09
N GLY C 29 23.64 -17.34 -10.63
CA GLY C 29 24.64 -17.94 -11.48
C GLY C 29 25.53 -16.94 -12.20
N ILE C 30 26.43 -16.32 -11.44
CA ILE C 30 27.38 -15.38 -11.99
C ILE C 30 28.77 -15.89 -11.58
N GLN C 31 29.49 -16.48 -12.54
CA GLN C 31 30.84 -16.99 -12.29
C GLN C 31 31.66 -15.82 -11.77
N PRO C 32 32.20 -15.92 -10.55
CA PRO C 32 32.95 -14.82 -9.91
C PRO C 32 33.48 -13.76 -10.89
N ASP C 33 34.39 -14.18 -11.79
CA ASP C 33 35.02 -13.34 -12.82
C ASP C 33 34.17 -12.14 -13.25
N GLY C 34 32.97 -12.44 -13.76
CA GLY C 34 32.08 -11.39 -14.21
C GLY C 34 30.67 -11.76 -14.57
N GLN C 35 30.50 -12.37 -15.74
CA GLN C 35 29.17 -12.66 -16.28
C GLN C 35 28.73 -14.12 -16.28
N MET C 36 27.45 -14.31 -16.64
CA MET C 36 26.77 -15.61 -16.73
C MET C 36 26.69 -16.13 -18.17
N ASP C 47 15.32 -7.53 -16.93
CA ASP C 47 15.99 -7.10 -15.70
C ASP C 47 16.07 -8.20 -14.61
N SER C 48 15.10 -8.24 -13.68
CA SER C 48 15.02 -9.24 -12.58
C SER C 48 16.24 -9.26 -11.66
N PHE C 49 17.38 -9.70 -12.22
CA PHE C 49 18.68 -9.76 -11.56
C PHE C 49 19.25 -8.36 -11.40
N ASN C 50 18.64 -7.39 -12.09
CA ASN C 50 19.08 -6.00 -12.12
C ASN C 50 18.84 -5.17 -10.87
N THR C 51 17.94 -5.63 -10.01
CA THR C 51 17.64 -4.90 -8.79
C THR C 51 18.90 -4.68 -7.99
N PHE C 52 19.80 -5.66 -8.04
CA PHE C 52 21.03 -5.62 -7.27
C PHE C 52 22.33 -5.46 -8.04
N PHE C 53 22.32 -5.71 -9.34
CA PHE C 53 23.54 -5.59 -10.15
C PHE C 53 23.39 -4.56 -11.29
N SER C 54 24.51 -3.97 -11.75
CA SER C 54 24.53 -3.02 -12.87
C SER C 54 25.35 -3.60 -14.03
N GLU C 55 24.68 -4.00 -15.11
CA GLU C 55 25.33 -4.65 -16.26
C GLU C 55 26.45 -3.82 -16.87
N THR C 56 27.61 -3.79 -16.22
CA THR C 56 28.77 -2.99 -16.66
C THR C 56 29.72 -3.65 -17.65
N GLY C 57 30.25 -2.84 -18.56
CA GLY C 57 31.09 -3.34 -19.62
C GLY C 57 30.22 -4.19 -20.52
N ALA C 58 30.82 -4.78 -21.56
CA ALA C 58 30.08 -5.67 -22.47
C ALA C 58 30.33 -7.14 -22.10
N GLY C 59 30.34 -7.42 -20.78
CA GLY C 59 30.55 -8.75 -20.27
C GLY C 59 30.09 -8.87 -18.84
N LYS C 60 30.88 -8.27 -17.94
CA LYS C 60 30.72 -8.26 -16.47
C LYS C 60 29.32 -7.98 -15.89
N HIS C 61 29.08 -8.37 -14.64
CA HIS C 61 27.78 -8.12 -14.01
C HIS C 61 27.77 -7.24 -12.72
N VAL C 62 28.90 -7.11 -12.03
CA VAL C 62 29.11 -6.23 -10.81
C VAL C 62 27.95 -5.75 -9.86
N PRO C 63 28.15 -5.91 -8.53
CA PRO C 63 27.16 -5.49 -7.52
C PRO C 63 27.04 -4.00 -7.31
N ARG C 64 25.90 -3.61 -6.75
CA ARG C 64 25.62 -2.23 -6.42
C ARG C 64 25.89 -2.17 -4.94
N ALA C 65 27.16 -2.26 -4.59
CA ALA C 65 27.51 -2.24 -3.19
C ALA C 65 28.68 -1.32 -2.90
N VAL C 66 28.86 -1.02 -1.62
CA VAL C 66 30.00 -0.26 -1.14
C VAL C 66 30.43 -0.88 0.19
N PHE C 67 31.73 -1.12 0.33
CA PHE C 67 32.29 -1.72 1.54
C PHE C 67 33.18 -0.66 2.19
N VAL C 68 33.02 -0.42 3.49
CA VAL C 68 33.84 0.56 4.20
C VAL C 68 34.30 0.04 5.52
N ASP C 69 35.57 0.19 5.82
CA ASP C 69 36.06 -0.19 7.13
C ASP C 69 37.12 0.80 7.49
N LEU C 70 37.38 1.03 8.77
CA LEU C 70 38.41 2.03 9.08
C LEU C 70 39.89 1.53 9.16
N GLU C 71 40.09 0.23 8.93
CA GLU C 71 41.40 -0.39 8.81
C GLU C 71 41.27 -1.21 7.52
N PRO C 72 42.36 -1.48 6.80
CA PRO C 72 42.27 -2.33 5.62
C PRO C 72 41.90 -3.77 6.01
N THR C 73 42.88 -4.57 6.44
CA THR C 73 42.71 -5.98 6.84
C THR C 73 41.56 -6.72 6.16
N VAL C 74 40.34 -6.51 6.66
CA VAL C 74 39.15 -7.20 6.15
C VAL C 74 38.89 -7.02 4.67
N ILE C 75 38.82 -5.77 4.23
CA ILE C 75 38.60 -5.42 2.83
C ILE C 75 39.70 -5.94 1.94
N ASP C 76 40.92 -5.97 2.47
CA ASP C 76 42.09 -6.45 1.74
C ASP C 76 41.96 -7.91 1.31
N GLU C 77 41.28 -8.71 2.13
CA GLU C 77 41.08 -10.13 1.84
C GLU C 77 40.07 -10.29 0.73
N VAL C 78 39.24 -9.26 0.56
CA VAL C 78 38.23 -9.24 -0.49
C VAL C 78 38.91 -8.99 -1.82
N ARG C 79 39.80 -8.01 -1.86
CA ARG C 79 40.54 -7.74 -3.09
C ARG C 79 41.61 -8.81 -3.30
N THR C 80 41.58 -9.87 -2.50
CA THR C 80 42.53 -11.00 -2.59
C THR C 80 41.86 -12.30 -3.11
N GLY C 81 40.96 -12.90 -2.31
CA GLY C 81 40.25 -14.11 -2.68
C GLY C 81 39.36 -13.88 -3.86
N THR C 82 39.02 -14.93 -4.59
CA THR C 82 38.14 -14.79 -5.77
C THR C 82 36.94 -13.97 -5.34
N TYR C 83 36.46 -13.18 -6.31
CA TYR C 83 35.41 -12.17 -6.14
C TYR C 83 36.22 -10.88 -6.22
N ARG C 84 37.54 -11.05 -6.29
CA ARG C 84 38.46 -9.93 -6.42
C ARG C 84 38.06 -9.13 -7.65
N GLN C 85 37.78 -9.86 -8.72
CA GLN C 85 37.36 -9.29 -10.00
C GLN C 85 35.94 -8.76 -9.99
N LEU C 86 35.10 -9.42 -9.21
CA LEU C 86 33.67 -9.11 -9.10
C LEU C 86 33.28 -7.65 -8.87
N PHE C 87 34.03 -6.94 -8.03
CA PHE C 87 33.72 -5.55 -7.71
C PHE C 87 34.58 -4.58 -8.47
N HIS C 88 34.32 -3.30 -8.25
CA HIS C 88 35.14 -2.24 -8.82
C HIS C 88 36.10 -1.93 -7.68
N PRO C 89 37.27 -1.38 -7.97
CA PRO C 89 38.21 -1.02 -6.89
C PRO C 89 37.67 0.11 -6.03
N GLU C 90 36.86 0.99 -6.62
CA GLU C 90 36.27 2.13 -5.93
C GLU C 90 35.25 1.81 -4.87
N GLN C 91 34.46 0.77 -5.10
CA GLN C 91 33.39 0.42 -4.15
C GLN C 91 33.94 -0.15 -2.84
N LEU C 92 35.24 -0.36 -2.81
CA LEU C 92 35.93 -0.87 -1.64
C LEU C 92 36.73 0.25 -1.01
N ILE C 93 36.15 0.92 -0.01
CA ILE C 93 36.83 2.00 0.70
C ILE C 93 37.43 1.46 2.00
N THR C 94 38.65 1.88 2.30
CA THR C 94 39.38 1.41 3.47
C THR C 94 40.05 2.62 4.16
N GLY C 95 40.33 2.51 5.45
CA GLY C 95 40.85 3.69 6.15
C GLY C 95 42.10 3.77 7.02
N LYS C 96 43.06 2.84 6.90
CA LYS C 96 44.33 2.95 7.64
C LYS C 96 44.32 2.91 9.19
N GLU C 97 43.65 3.91 9.80
CA GLU C 97 43.54 4.05 11.26
C GLU C 97 42.27 3.38 11.76
N ASP C 98 42.39 2.57 12.80
CA ASP C 98 41.24 1.87 13.33
C ASP C 98 40.21 2.71 14.10
N ALA C 99 39.01 2.14 14.19
CA ALA C 99 37.86 2.70 14.90
C ALA C 99 38.05 2.68 16.40
N ALA C 100 38.98 1.84 16.84
CA ALA C 100 39.34 1.70 18.26
C ALA C 100 38.35 1.01 19.16
N ASN C 101 37.14 0.75 18.69
CA ASN C 101 36.19 0.04 19.51
C ASN C 101 35.27 0.97 20.30
N ASN C 102 35.27 2.24 19.96
CA ASN C 102 34.34 3.18 20.63
C ASN C 102 33.58 4.19 19.74
N TYR C 103 32.27 4.01 19.66
CA TYR C 103 31.37 4.85 18.88
C TYR C 103 31.97 6.25 18.77
N ALA C 104 32.30 6.84 19.91
CA ALA C 104 32.83 8.19 19.91
C ALA C 104 33.88 8.44 18.86
N ARG C 105 34.62 7.41 18.49
CA ARG C 105 35.68 7.56 17.50
C ARG C 105 35.09 7.46 16.13
N GLY C 106 34.33 6.39 15.90
CA GLY C 106 33.71 6.16 14.60
C GLY C 106 32.76 7.25 14.15
N HIS C 107 32.02 7.82 15.09
CA HIS C 107 31.03 8.85 14.78
C HIS C 107 31.58 10.26 14.66
N TYR C 108 32.70 10.51 15.33
CA TYR C 108 33.30 11.84 15.35
C TYR C 108 34.73 11.89 14.82
N THR C 109 35.69 11.63 15.71
CA THR C 109 37.11 11.70 15.40
C THR C 109 37.56 11.06 14.10
N ILE C 110 37.61 9.73 14.08
CA ILE C 110 38.09 9.00 12.92
C ILE C 110 37.13 8.94 11.70
N GLY C 111 35.83 9.12 11.94
CA GLY C 111 34.85 9.04 10.87
C GLY C 111 34.91 10.23 9.94
N LYS C 112 34.67 11.41 10.50
CA LYS C 112 34.70 12.69 9.82
C LYS C 112 35.64 12.65 8.63
N GLU C 113 36.81 12.05 8.85
CA GLU C 113 37.83 11.98 7.83
C GLU C 113 37.50 11.16 6.59
N ILE C 114 36.70 10.11 6.76
CA ILE C 114 36.36 9.25 5.62
C ILE C 114 34.91 9.38 5.10
N ILE C 115 34.05 10.07 5.83
CA ILE C 115 32.64 10.23 5.46
C ILE C 115 32.42 10.87 4.11
N ASP C 116 33.14 11.95 3.85
CA ASP C 116 32.98 12.65 2.60
C ASP C 116 33.34 11.77 1.40
N LEU C 117 34.34 10.91 1.56
CA LEU C 117 34.76 10.02 0.47
C LEU C 117 33.81 8.85 0.25
N VAL C 118 33.12 8.41 1.29
CA VAL C 118 32.20 7.32 1.15
C VAL C 118 30.96 7.90 0.54
N LEU C 119 30.39 8.87 1.25
CA LEU C 119 29.17 9.54 0.86
C LEU C 119 29.09 9.88 -0.64
N ASP C 120 30.23 10.32 -1.16
CA ASP C 120 30.35 10.72 -2.55
C ASP C 120 30.36 9.50 -3.48
N ARG C 121 31.02 8.41 -3.07
CA ARG C 121 31.07 7.22 -3.92
C ARG C 121 29.76 6.48 -4.02
N ILE C 122 29.00 6.47 -2.93
CA ILE C 122 27.71 5.78 -2.94
C ILE C 122 26.78 6.55 -3.83
N ARG C 123 27.03 7.86 -3.96
CA ARG C 123 26.26 8.70 -4.86
C ARG C 123 26.70 8.48 -6.30
N LYS C 124 27.94 7.98 -6.45
CA LYS C 124 28.51 7.67 -7.75
C LYS C 124 27.83 6.41 -8.26
N LEU C 125 27.35 5.60 -7.31
CA LEU C 125 26.65 4.34 -7.61
C LEU C 125 25.19 4.57 -7.94
N ALA C 126 24.58 5.45 -7.16
CA ALA C 126 23.17 5.82 -7.29
C ALA C 126 22.91 6.64 -8.53
N ASP C 127 23.98 7.05 -9.20
CA ASP C 127 23.83 7.87 -10.38
C ASP C 127 23.47 7.09 -11.62
N GLN C 128 23.81 5.81 -11.63
CA GLN C 128 23.45 4.94 -12.75
C GLN C 128 22.31 4.07 -12.22
N CYS C 129 21.20 4.72 -11.89
CA CYS C 129 20.04 4.04 -11.33
C CYS C 129 18.81 4.88 -11.61
N THR C 130 18.09 4.59 -12.69
CA THR C 130 16.92 5.38 -13.03
C THR C 130 15.81 5.14 -12.02
N GLY C 131 15.76 5.98 -10.99
CA GLY C 131 14.78 5.88 -9.92
C GLY C 131 15.17 4.89 -8.83
N LEU C 132 16.19 5.26 -8.04
CA LEU C 132 16.66 4.40 -6.96
C LEU C 132 15.56 4.09 -5.96
N GLN C 133 15.80 3.09 -5.12
CA GLN C 133 14.78 2.68 -4.17
C GLN C 133 15.12 2.94 -2.73
N GLY C 134 16.32 2.54 -2.33
CA GLY C 134 16.75 2.73 -0.95
C GLY C 134 18.03 1.97 -0.68
N PHE C 135 18.50 2.02 0.55
CA PHE C 135 19.73 1.32 0.87
C PHE C 135 19.56 0.21 1.87
N SER C 136 20.26 -0.90 1.65
CA SER C 136 20.27 -1.97 2.63
C SER C 136 21.65 -1.82 3.29
N VAL C 137 21.70 -1.57 4.60
CA VAL C 137 22.96 -1.34 5.30
C VAL C 137 23.26 -2.42 6.32
N PHE C 138 24.44 -3.06 6.23
CA PHE C 138 24.86 -4.12 7.16
C PHE C 138 25.97 -3.62 8.07
N HIS C 139 25.78 -3.73 9.39
CA HIS C 139 26.74 -3.26 10.42
C HIS C 139 26.61 -3.94 11.79
N SER C 140 27.68 -3.95 12.55
CA SER C 140 27.69 -4.53 13.92
C SER C 140 27.02 -3.58 14.92
N PHE C 141 26.49 -4.13 16.03
CA PHE C 141 25.81 -3.28 17.03
C PHE C 141 26.82 -2.64 17.95
N GLY C 142 27.59 -3.47 18.65
CA GLY C 142 28.69 -2.95 19.44
C GLY C 142 29.78 -3.06 18.41
N GLY C 143 30.98 -2.57 18.68
CA GLY C 143 31.99 -2.67 17.65
C GLY C 143 32.26 -1.28 17.16
N GLY C 144 33.54 -1.00 16.94
CA GLY C 144 34.05 0.32 16.62
C GLY C 144 33.29 1.17 15.62
N THR C 145 33.60 0.93 14.37
CA THR C 145 32.99 1.69 13.29
C THR C 145 31.60 1.18 12.95
N GLY C 146 31.28 -0.05 13.37
CA GLY C 146 29.96 -0.60 13.14
C GLY C 146 28.87 0.26 13.76
N SER C 147 29.15 0.75 14.96
CA SER C 147 28.22 1.60 15.68
C SER C 147 28.37 3.07 15.30
N GLY C 148 29.61 3.54 15.37
CA GLY C 148 29.95 4.92 15.12
C GLY C 148 29.69 5.42 13.73
N PHE C 149 30.51 4.97 12.79
CA PHE C 149 30.40 5.38 11.39
C PHE C 149 29.00 5.19 10.82
N THR C 150 28.41 4.02 11.06
CA THR C 150 27.05 3.72 10.62
C THR C 150 26.12 4.86 10.97
N SER C 151 26.00 5.11 12.27
CA SER C 151 25.19 6.21 12.76
C SER C 151 25.41 7.51 11.99
N LEU C 152 26.66 7.87 11.74
CA LEU C 152 26.97 9.07 11.01
C LEU C 152 26.55 8.97 9.56
N LEU C 153 26.74 7.80 8.94
CA LEU C 153 26.38 7.59 7.54
C LEU C 153 24.89 7.85 7.36
N MET C 154 24.11 7.15 8.18
CA MET C 154 22.66 7.25 8.16
C MET C 154 22.17 8.68 8.36
N GLU C 155 22.79 9.44 9.25
CA GLU C 155 22.38 10.83 9.48
C GLU C 155 22.49 11.51 8.15
N ARG C 156 23.67 11.38 7.54
CA ARG C 156 23.94 12.08 6.29
C ARG C 156 23.21 11.54 5.07
N LEU C 157 22.92 10.24 5.07
CA LEU C 157 22.17 9.66 3.97
C LEU C 157 20.78 10.26 3.94
N SER C 158 20.26 10.59 5.12
CA SER C 158 18.96 11.18 5.27
C SER C 158 18.96 12.59 4.74
N VAL C 159 20.13 13.23 4.75
CA VAL C 159 20.21 14.58 4.24
C VAL C 159 20.24 14.60 2.73
N ASP C 160 21.01 13.68 2.13
CA ASP C 160 21.15 13.60 0.67
C ASP C 160 20.03 12.79 -0.05
N TYR C 161 19.34 11.94 0.70
CA TYR C 161 18.25 11.11 0.14
C TYR C 161 16.95 11.17 0.98
N GLY C 162 16.18 12.26 0.79
CA GLY C 162 14.96 12.51 1.55
C GLY C 162 14.03 11.32 1.85
N LYS C 163 13.26 10.95 0.82
CA LYS C 163 12.32 9.83 0.89
C LYS C 163 13.07 8.49 1.09
N LYS C 164 13.71 8.01 0.02
CA LYS C 164 14.45 6.74 -0.05
C LYS C 164 14.62 6.04 1.31
N SER C 165 14.09 4.83 1.40
CA SER C 165 14.10 4.07 2.65
C SER C 165 15.45 3.52 3.04
N LYS C 166 15.59 3.33 4.33
CA LYS C 166 16.81 2.77 4.85
C LYS C 166 16.49 1.52 5.67
N LEU C 167 17.02 0.39 5.21
CA LEU C 167 16.84 -0.89 5.85
C LEU C 167 18.12 -1.37 6.45
N GLU C 168 18.21 -1.40 7.77
CA GLU C 168 19.44 -1.85 8.40
C GLU C 168 19.37 -3.35 8.80
N PHE C 169 20.51 -4.02 8.74
CA PHE C 169 20.67 -5.42 9.14
C PHE C 169 21.72 -5.39 10.25
N SER C 170 21.27 -5.25 11.49
CA SER C 170 22.15 -5.11 12.65
C SER C 170 22.58 -6.44 13.36
N ILE C 171 23.79 -6.48 13.92
CA ILE C 171 24.22 -7.69 14.60
C ILE C 171 24.33 -7.44 16.09
N TYR C 172 23.32 -7.90 16.83
CA TYR C 172 23.23 -7.79 18.30
C TYR C 172 24.23 -8.75 18.91
N PRO C 173 25.07 -8.23 19.79
CA PRO C 173 26.24 -8.94 20.33
C PRO C 173 25.97 -9.91 21.44
N ALA C 174 26.78 -10.97 21.52
CA ALA C 174 26.55 -11.97 22.55
C ALA C 174 27.82 -12.55 23.17
N PRO C 175 27.88 -12.44 24.49
CA PRO C 175 29.02 -12.88 25.32
C PRO C 175 30.08 -13.87 24.74
N GLN C 176 29.62 -15.03 24.28
CA GLN C 176 30.44 -16.15 23.72
C GLN C 176 31.11 -15.88 22.37
N VAL C 177 30.37 -15.55 21.29
CA VAL C 177 31.07 -15.20 20.02
C VAL C 177 31.68 -13.81 20.18
N SER C 178 32.68 -13.84 21.04
CA SER C 178 33.44 -12.73 21.58
C SER C 178 33.02 -11.31 21.19
N THR C 179 32.74 -10.57 22.27
CA THR C 179 32.38 -9.16 22.22
C THR C 179 33.55 -8.36 22.80
N ALA C 180 33.22 -7.20 23.35
CA ALA C 180 34.19 -6.36 23.99
C ALA C 180 33.43 -5.78 25.16
N VAL C 181 34.12 -5.68 26.29
CA VAL C 181 33.59 -5.13 27.51
C VAL C 181 32.67 -3.93 27.29
N VAL C 182 33.11 -2.99 26.45
CA VAL C 182 32.38 -1.74 26.16
C VAL C 182 31.19 -1.91 25.18
N GLU C 183 31.10 -3.08 24.56
CA GLU C 183 30.03 -3.37 23.60
C GLU C 183 28.65 -2.75 23.94
N PRO C 184 28.07 -3.06 25.10
CA PRO C 184 26.76 -2.52 25.45
C PRO C 184 26.68 -1.00 25.34
N TYR C 185 27.76 -0.27 25.61
CA TYR C 185 27.69 1.16 25.52
C TYR C 185 27.42 1.44 24.07
N ASN C 186 28.31 0.93 23.22
CA ASN C 186 28.25 1.17 21.77
C ASN C 186 26.90 0.90 21.18
N SER C 187 26.31 -0.26 21.52
CA SER C 187 25.01 -0.68 21.01
C SER C 187 23.93 0.35 21.31
N ILE C 188 23.80 0.68 22.59
CA ILE C 188 22.83 1.68 23.05
C ILE C 188 23.05 3.00 22.34
N LEU C 189 24.31 3.39 22.29
CA LEU C 189 24.69 4.63 21.68
C LEU C 189 24.20 4.78 20.22
N THR C 190 24.58 3.86 19.34
CA THR C 190 24.22 3.91 17.91
C THR C 190 22.72 3.78 17.70
N THR C 191 22.16 2.75 18.33
CA THR C 191 20.74 2.47 18.22
C THR C 191 19.92 3.69 18.62
N HIS C 192 20.50 4.63 19.35
CA HIS C 192 19.76 5.81 19.66
C HIS C 192 19.73 6.75 18.47
N THR C 193 20.89 7.29 18.07
CA THR C 193 20.98 8.25 16.95
C THR C 193 20.36 7.69 15.68
N THR C 194 20.73 6.44 15.44
CA THR C 194 20.37 5.68 14.25
C THR C 194 18.88 5.37 14.08
N LEU C 195 18.15 5.36 15.19
CA LEU C 195 16.73 5.00 15.23
C LEU C 195 15.78 5.94 14.51
N GLU C 196 15.95 7.26 14.66
CA GLU C 196 15.00 8.14 13.97
C GLU C 196 15.28 8.26 12.48
N HIS C 197 16.23 7.46 11.99
CA HIS C 197 16.68 7.54 10.61
C HIS C 197 16.52 6.28 9.79
N SER C 198 16.20 5.16 10.44
CA SER C 198 16.02 3.90 9.72
C SER C 198 14.52 3.70 9.51
N ASP C 199 14.11 2.86 8.56
CA ASP C 199 12.69 2.66 8.40
C ASP C 199 12.26 1.36 9.06
N CYS C 200 13.12 0.37 8.96
CA CYS C 200 12.87 -0.94 9.50
C CYS C 200 14.23 -1.62 9.61
N ALA C 201 14.46 -2.31 10.71
CA ALA C 201 15.75 -2.97 10.92
C ALA C 201 15.61 -4.42 11.33
N PHE C 202 16.55 -5.24 10.86
CA PHE C 202 16.54 -6.65 11.14
C PHE C 202 17.65 -7.02 12.09
N MET C 203 17.32 -7.30 13.33
CA MET C 203 18.34 -7.65 14.31
C MET C 203 18.76 -9.10 14.25
N VAL C 204 20.04 -9.37 14.43
CA VAL C 204 20.53 -10.74 14.41
C VAL C 204 21.41 -10.98 15.61
N ASP C 205 20.91 -11.82 16.51
CA ASP C 205 21.58 -12.15 17.75
C ASP C 205 22.64 -13.19 17.45
N ASN C 206 23.89 -12.85 17.76
CA ASN C 206 25.02 -13.76 17.53
C ASN C 206 24.95 -15.00 18.40
N GLU C 207 24.20 -14.92 19.50
CA GLU C 207 24.00 -16.08 20.36
C GLU C 207 23.02 -17.02 19.68
N ALA C 208 22.03 -16.46 18.99
CA ALA C 208 21.01 -17.26 18.34
C ALA C 208 21.58 -18.06 17.20
N ILE C 209 22.51 -17.46 16.47
CA ILE C 209 23.14 -18.12 15.34
C ILE C 209 24.20 -19.11 15.81
N TYR C 210 24.90 -18.78 16.89
CA TYR C 210 25.90 -19.66 17.46
C TYR C 210 25.08 -20.86 17.87
N ASP C 211 23.93 -20.59 18.49
CA ASP C 211 23.02 -21.62 18.96
C ASP C 211 22.48 -22.56 17.89
N ILE C 212 22.07 -22.00 16.77
CA ILE C 212 21.52 -22.83 15.70
C ILE C 212 22.62 -23.72 15.09
N CYS C 213 23.84 -23.22 15.06
CA CYS C 213 24.97 -23.99 14.51
C CYS C 213 25.35 -25.17 15.38
N ARG C 214 24.89 -25.14 16.64
CA ARG C 214 25.19 -26.20 17.57
C ARG C 214 24.11 -27.25 17.51
N ARG C 215 22.87 -26.86 17.82
CA ARG C 215 21.76 -27.82 17.81
C ARG C 215 21.56 -28.46 16.44
N ASN C 216 21.91 -27.76 15.37
CA ASN C 216 21.63 -28.25 14.02
C ASN C 216 22.79 -28.72 13.15
N LEU C 217 23.77 -27.85 12.94
CA LEU C 217 24.90 -28.17 12.09
C LEU C 217 25.84 -29.10 12.83
N ASP C 218 25.74 -29.03 14.14
CA ASP C 218 26.55 -29.85 15.02
C ASP C 218 28.04 -29.49 15.00
N ILE C 219 28.36 -28.20 15.16
CA ILE C 219 29.76 -27.74 15.22
C ILE C 219 30.11 -27.34 16.64
N GLU C 220 31.11 -28.00 17.20
CA GLU C 220 31.58 -27.71 18.54
C GLU C 220 32.10 -26.28 18.64
N ARG C 221 32.87 -25.84 17.65
CA ARG C 221 33.41 -24.47 17.67
C ARG C 221 32.99 -23.69 16.42
N PRO C 222 31.81 -23.09 16.43
CA PRO C 222 31.32 -22.31 15.29
C PRO C 222 32.18 -21.07 14.92
N THR C 223 32.71 -21.05 13.68
CA THR C 223 33.53 -19.93 13.17
C THR C 223 32.65 -18.80 12.70
N TYR C 224 33.25 -17.66 12.38
CA TYR C 224 32.53 -16.52 11.84
C TYR C 224 32.05 -16.96 10.47
N THR C 225 33.00 -17.47 9.71
CA THR C 225 32.76 -17.99 8.36
C THR C 225 31.63 -19.06 8.38
N ASN C 226 31.40 -19.67 9.55
CA ASN C 226 30.34 -20.66 9.77
C ASN C 226 28.99 -19.99 10.04
N LEU C 227 29.05 -18.88 10.79
CA LEU C 227 27.88 -18.11 11.19
C LEU C 227 27.38 -17.32 10.03
N ASN C 228 28.32 -16.63 9.40
CA ASN C 228 27.98 -15.80 8.26
C ASN C 228 27.23 -16.55 7.20
N ARG C 229 27.68 -17.78 6.90
CA ARG C 229 27.02 -18.60 5.86
C ARG C 229 25.52 -18.72 6.11
N LEU C 230 25.16 -18.97 7.37
CA LEU C 230 23.78 -19.13 7.84
C LEU C 230 23.01 -17.82 7.77
N ILE C 231 23.63 -16.75 8.26
CA ILE C 231 23.05 -15.43 8.16
C ILE C 231 22.80 -15.11 6.67
N GLY C 232 23.77 -15.47 5.84
CA GLY C 232 23.69 -15.27 4.40
C GLY C 232 22.33 -15.70 3.98
N GLN C 233 22.00 -16.95 4.27
CA GLN C 233 20.73 -17.54 3.88
C GLN C 233 19.51 -16.76 4.35
N ILE C 234 19.50 -16.34 5.61
CA ILE C 234 18.37 -15.58 6.15
C ILE C 234 18.16 -14.32 5.33
N VAL C 235 19.26 -13.62 5.07
CA VAL C 235 19.25 -12.39 4.26
C VAL C 235 18.78 -12.62 2.85
N SER C 236 19.28 -13.70 2.23
CA SER C 236 18.88 -14.06 0.87
C SER C 236 17.38 -14.17 0.83
N SER C 237 16.82 -14.96 1.72
CA SER C 237 15.38 -15.15 1.77
C SER C 237 14.63 -13.86 2.03
N ILE C 238 15.27 -12.92 2.76
CA ILE C 238 14.62 -11.64 3.02
C ILE C 238 14.57 -10.84 1.75
N THR C 239 15.73 -10.50 1.15
CA THR C 239 15.74 -9.75 -0.11
C THR C 239 14.99 -10.52 -1.19
N ALA C 240 15.55 -11.65 -1.62
CA ALA C 240 14.97 -12.53 -2.64
C ALA C 240 13.77 -11.89 -3.36
N SER C 241 12.62 -11.86 -2.67
CA SER C 241 11.36 -11.29 -3.16
C SER C 241 11.51 -10.16 -4.21
N LEU C 242 12.38 -9.19 -3.88
CA LEU C 242 12.67 -8.03 -4.75
C LEU C 242 13.92 -8.19 -5.63
N ARG C 243 14.32 -9.43 -5.91
CA ARG C 243 15.44 -9.69 -6.81
C ARG C 243 15.04 -10.57 -8.00
N PHE C 244 13.87 -11.21 -7.92
CA PHE C 244 13.52 -12.29 -8.87
C PHE C 244 12.50 -12.28 -10.06
N ASP C 245 11.46 -11.45 -10.09
CA ASP C 245 11.12 -10.41 -9.12
C ASP C 245 9.65 -10.52 -8.62
N GLY C 246 8.73 -10.69 -9.59
CA GLY C 246 7.28 -10.75 -9.42
C GLY C 246 6.77 -11.85 -8.51
N ALA C 247 6.90 -11.60 -7.20
CA ALA C 247 6.54 -12.57 -6.16
C ALA C 247 5.97 -11.99 -4.84
N LEU C 248 6.80 -11.98 -3.79
CA LEU C 248 6.38 -11.57 -2.44
C LEU C 248 6.33 -10.07 -2.13
N ASN C 249 7.32 -9.60 -1.37
CA ASN C 249 7.43 -8.21 -0.89
C ASN C 249 8.12 -7.22 -1.90
N VAL C 250 7.37 -6.86 -2.96
CA VAL C 250 7.87 -5.96 -4.07
C VAL C 250 8.04 -4.43 -3.74
N ASP C 251 9.20 -3.87 -4.14
CA ASP C 251 9.59 -2.43 -3.99
C ASP C 251 9.83 -1.75 -2.60
N LEU C 252 10.53 -2.43 -1.67
CA LEU C 252 10.78 -1.95 -0.28
C LEU C 252 9.41 -1.49 0.24
N THR C 253 9.23 -0.21 0.57
CA THR C 253 7.88 0.30 0.97
C THR C 253 6.91 -0.86 1.36
N GLU C 254 6.26 -1.49 0.37
CA GLU C 254 5.29 -2.61 0.58
C GLU C 254 5.82 -3.84 1.33
N PHE C 255 7.11 -3.80 1.57
CA PHE C 255 7.86 -4.74 2.36
C PHE C 255 7.61 -4.33 3.82
N GLN C 256 8.06 -3.11 4.17
CA GLN C 256 7.90 -2.48 5.49
C GLN C 256 6.42 -2.16 5.86
N THR C 257 5.68 -1.54 4.95
CA THR C 257 4.25 -1.27 5.09
C THR C 257 3.60 -2.52 5.60
N ASN C 258 4.32 -3.62 5.52
CA ASN C 258 3.82 -4.88 5.97
C ASN C 258 4.24 -5.26 7.39
N LEU C 259 5.37 -4.75 7.85
CA LEU C 259 5.85 -5.14 9.16
C LEU C 259 5.78 -4.07 10.22
N VAL C 260 6.10 -2.84 9.88
CA VAL C 260 6.09 -1.81 10.90
C VAL C 260 4.84 -0.97 10.93
N PRO C 261 4.13 -1.04 12.05
CA PRO C 261 2.91 -0.28 12.24
C PRO C 261 3.19 1.05 12.89
N TYR C 262 4.33 1.16 13.54
CA TYR C 262 4.68 2.40 14.22
C TYR C 262 6.06 2.96 13.90
N PRO C 263 6.12 4.29 13.77
CA PRO C 263 7.32 4.96 13.27
C PRO C 263 8.50 4.46 14.04
N ARG C 264 8.30 4.01 15.27
CA ARG C 264 9.41 3.56 16.11
C ARG C 264 10.14 2.33 15.58
N ILE C 265 10.65 2.54 14.34
CA ILE C 265 11.54 1.72 13.45
C ILE C 265 11.43 0.18 13.44
N HIS C 266 10.44 -0.28 14.22
CA HIS C 266 10.23 -1.66 14.58
C HIS C 266 11.17 -2.71 14.01
N PHE C 267 11.64 -3.56 14.89
CA PHE C 267 12.61 -4.53 14.52
C PHE C 267 11.86 -5.83 14.49
N PRO C 268 11.67 -6.34 13.29
CA PRO C 268 10.98 -7.61 13.12
C PRO C 268 11.88 -8.76 13.52
N LEU C 269 11.23 -9.83 13.98
CA LEU C 269 11.90 -11.04 14.41
C LEU C 269 11.89 -12.05 13.25
N ALA C 270 13.09 -12.48 12.84
CA ALA C 270 13.28 -13.43 11.71
C ALA C 270 13.49 -14.89 12.16
N THR C 271 12.87 -15.85 11.47
CA THR C 271 13.00 -17.27 11.83
C THR C 271 13.23 -18.10 10.56
N TYR C 272 14.42 -18.69 10.40
CA TYR C 272 14.65 -19.50 9.19
C TYR C 272 14.13 -20.92 9.28
N ALA C 273 13.58 -21.39 8.16
CA ALA C 273 12.93 -22.71 8.01
C ALA C 273 13.69 -23.98 8.41
N PRO C 274 14.15 -24.82 7.47
CA PRO C 274 14.88 -26.02 7.84
C PRO C 274 16.38 -25.82 7.68
N VAL C 275 17.12 -25.88 8.78
CA VAL C 275 18.57 -25.78 8.72
C VAL C 275 19.03 -27.18 9.00
N ILE C 276 19.64 -27.83 8.01
CA ILE C 276 20.12 -29.18 8.22
C ILE C 276 21.40 -29.48 7.43
N SER C 277 22.38 -30.00 8.17
CA SER C 277 23.72 -30.29 7.69
C SER C 277 23.84 -31.34 6.59
N ALA C 278 24.75 -31.08 5.65
CA ALA C 278 25.06 -32.01 4.58
C ALA C 278 25.82 -33.17 5.23
N GLU C 279 26.23 -34.17 4.45
CA GLU C 279 26.98 -35.33 4.95
C GLU C 279 26.30 -36.03 6.13
N GLN C 285 12.87 -35.28 2.36
CA GLN C 285 12.39 -33.92 2.14
C GLN C 285 11.42 -33.51 3.25
N LEU C 286 11.65 -32.35 3.88
CA LEU C 286 10.78 -31.90 4.97
C LEU C 286 9.47 -31.32 4.49
N SER C 287 8.39 -31.80 5.09
CA SER C 287 7.02 -31.42 4.72
C SER C 287 6.74 -29.93 4.83
N VAL C 288 5.88 -29.45 3.94
CA VAL C 288 5.46 -28.06 3.90
C VAL C 288 4.86 -27.69 5.24
N ALA C 289 4.09 -28.61 5.82
CA ALA C 289 3.44 -28.41 7.10
C ALA C 289 4.44 -28.38 8.25
N GLU C 290 5.50 -29.16 8.12
CA GLU C 290 6.53 -29.29 9.14
C GLU C 290 7.43 -28.07 9.33
N ILE C 291 7.92 -27.49 8.23
CA ILE C 291 8.80 -26.32 8.32
C ILE C 291 8.10 -25.08 8.83
N THR C 292 6.81 -24.99 8.51
CA THR C 292 5.96 -23.93 9.03
C THR C 292 5.88 -24.15 10.53
N ASN C 293 5.68 -25.42 10.91
CA ASN C 293 5.61 -25.81 12.32
C ASN C 293 6.89 -25.50 13.08
N ALA C 294 8.03 -25.50 12.38
CA ALA C 294 9.33 -25.22 12.98
C ALA C 294 9.58 -23.73 13.07
N CYS C 295 8.69 -22.96 12.45
CA CYS C 295 8.78 -21.51 12.43
C CYS C 295 8.24 -20.88 13.69
N PHE C 296 7.38 -21.62 14.36
CA PHE C 296 6.80 -21.18 15.62
C PHE C 296 7.44 -22.03 16.68
N GLU C 297 8.74 -21.86 16.78
CA GLU C 297 9.57 -22.62 17.66
C GLU C 297 10.71 -21.69 18.07
N PRO C 298 10.81 -21.38 19.37
CA PRO C 298 11.86 -20.47 19.88
C PRO C 298 13.31 -20.84 19.54
N ALA C 299 13.61 -22.13 19.61
CA ALA C 299 14.96 -22.67 19.36
C ALA C 299 15.52 -22.36 17.97
N ASN C 300 14.68 -21.80 17.10
CA ASN C 300 15.01 -21.54 15.71
C ASN C 300 14.91 -20.07 15.32
N GLN C 301 14.90 -19.19 16.32
CA GLN C 301 14.75 -17.76 16.05
C GLN C 301 16.04 -17.07 15.49
N MET C 302 16.16 -15.75 15.61
CA MET C 302 17.33 -15.02 15.14
C MET C 302 17.75 -14.06 16.23
N VAL C 303 16.91 -13.99 17.26
CA VAL C 303 17.12 -13.16 18.44
C VAL C 303 16.59 -13.97 19.58
N LYS C 304 17.51 -14.37 20.45
CA LYS C 304 17.16 -15.19 21.59
C LYS C 304 16.16 -14.45 22.50
N CYS C 305 15.01 -15.09 22.66
CA CYS C 305 13.89 -14.62 23.49
C CYS C 305 12.72 -15.55 23.20
N ASP C 306 11.50 -15.15 23.53
CA ASP C 306 10.33 -15.99 23.25
C ASP C 306 9.00 -15.26 23.23
N PRO C 307 8.33 -15.40 22.10
CA PRO C 307 7.02 -14.76 21.86
C PRO C 307 5.83 -15.55 22.37
N ARG C 308 6.03 -16.66 23.07
CA ARG C 308 4.89 -17.35 23.68
C ARG C 308 4.50 -16.50 24.90
N HIS C 309 5.36 -15.50 25.16
CA HIS C 309 5.27 -14.55 26.24
C HIS C 309 4.58 -13.24 25.82
N GLY C 310 5.21 -12.49 24.90
CA GLY C 310 4.64 -11.25 24.38
C GLY C 310 3.48 -11.47 23.41
N LYS C 311 3.30 -10.55 22.45
CA LYS C 311 2.22 -10.64 21.45
C LYS C 311 2.74 -10.39 20.04
N TYR C 312 1.94 -10.73 19.05
CA TYR C 312 2.30 -10.49 17.65
C TYR C 312 1.44 -9.37 17.11
N MET C 313 2.05 -8.45 16.35
CA MET C 313 1.30 -7.36 15.75
C MET C 313 1.56 -7.23 14.25
N ALA C 314 1.80 -8.37 13.60
CA ALA C 314 2.06 -8.47 12.16
C ALA C 314 2.97 -9.66 11.88
N CYS C 315 2.39 -10.70 11.27
CA CYS C 315 3.13 -11.89 10.90
C CYS C 315 3.31 -11.97 9.39
N CYS C 316 4.45 -12.51 8.98
CA CYS C 316 4.78 -12.63 7.57
C CYS C 316 5.36 -14.02 7.26
N LEU C 317 4.94 -14.65 6.16
CA LEU C 317 5.51 -15.94 5.81
C LEU C 317 6.13 -15.84 4.42
N LEU C 318 7.44 -16.07 4.34
CA LEU C 318 8.14 -15.99 3.06
C LEU C 318 8.73 -17.35 2.68
N TYR C 319 7.99 -18.09 1.84
CA TYR C 319 8.39 -19.41 1.36
C TYR C 319 9.28 -19.33 0.12
N ARG C 320 10.02 -20.40 -0.14
CA ARG C 320 10.93 -20.49 -1.28
C ARG C 320 11.01 -21.94 -1.73
N GLY C 321 10.81 -22.18 -3.03
CA GLY C 321 10.91 -23.51 -3.60
C GLY C 321 9.62 -24.12 -4.08
N ASP C 322 9.55 -25.43 -3.98
CA ASP C 322 8.38 -26.15 -4.43
C ASP C 322 7.27 -26.06 -3.40
N VAL C 323 6.30 -25.18 -3.64
CA VAL C 323 5.16 -24.98 -2.72
C VAL C 323 3.89 -24.43 -3.37
N VAL C 324 2.77 -25.12 -3.16
CA VAL C 324 1.46 -24.65 -3.63
C VAL C 324 0.73 -24.06 -2.40
N PRO C 325 0.02 -22.95 -2.57
CA PRO C 325 -0.73 -22.35 -1.46
C PRO C 325 -1.67 -23.33 -0.76
N LYS C 326 -2.24 -24.28 -1.51
CA LYS C 326 -3.17 -25.28 -1.00
C LYS C 326 -2.71 -25.86 0.34
N ASP C 327 -1.40 -26.10 0.45
CA ASP C 327 -0.79 -26.65 1.68
C ASP C 327 -0.52 -25.56 2.68
N VAL C 328 0.15 -24.51 2.21
CA VAL C 328 0.50 -23.37 3.05
C VAL C 328 -0.69 -22.98 3.92
N ASN C 329 -1.87 -23.16 3.35
CA ASN C 329 -3.12 -22.88 4.04
C ASN C 329 -3.36 -23.89 5.16
N ALA C 330 -3.47 -25.16 4.78
CA ALA C 330 -3.73 -26.25 5.72
C ALA C 330 -2.63 -26.36 6.79
N ALA C 331 -1.45 -25.81 6.50
CA ALA C 331 -0.35 -25.77 7.45
C ALA C 331 -0.59 -24.66 8.48
N ILE C 332 -1.16 -23.55 8.01
CA ILE C 332 -1.51 -22.43 8.88
C ILE C 332 -2.66 -22.85 9.80
N ALA C 333 -3.71 -23.43 9.21
CA ALA C 333 -4.87 -23.88 9.96
C ALA C 333 -4.42 -24.66 11.18
N THR C 334 -3.67 -25.74 10.94
CA THR C 334 -3.17 -26.60 12.02
C THR C 334 -2.10 -25.92 12.88
N ILE C 335 -1.44 -24.87 12.36
CA ILE C 335 -0.44 -24.13 13.13
C ILE C 335 -1.08 -23.21 14.18
N LYS C 336 -2.41 -23.07 14.11
CA LYS C 336 -3.16 -22.26 15.08
C LYS C 336 -3.98 -23.11 16.09
N THR C 337 -4.42 -24.30 15.67
CA THR C 337 -5.22 -25.25 16.50
C THR C 337 -4.64 -25.62 17.89
N LYS C 338 -3.38 -26.06 17.92
CA LYS C 338 -2.71 -26.41 19.18
C LYS C 338 -1.42 -25.59 19.26
N ARG C 339 -1.58 -24.27 19.36
CA ARG C 339 -0.46 -23.34 19.46
C ARG C 339 -0.81 -22.01 20.15
N THR C 340 0.24 -21.22 20.41
CA THR C 340 0.14 -19.90 21.03
C THR C 340 0.02 -18.79 19.94
N ILE C 341 -1.22 -18.66 19.45
CA ILE C 341 -1.60 -17.66 18.44
C ILE C 341 -1.18 -16.28 18.95
N GLN C 342 -1.78 -15.86 20.07
CA GLN C 342 -1.56 -14.60 20.79
C GLN C 342 -1.32 -13.35 19.92
N PHE C 343 -2.32 -12.98 19.11
CA PHE C 343 -2.26 -11.78 18.25
C PHE C 343 -2.77 -10.56 19.02
N VAL C 344 -2.26 -9.39 18.69
CA VAL C 344 -2.57 -8.21 19.48
C VAL C 344 -3.80 -7.35 19.20
N ASP C 345 -4.74 -7.43 20.13
CA ASP C 345 -5.92 -6.56 20.20
C ASP C 345 -6.49 -5.88 18.91
N TRP C 346 -5.78 -4.88 18.40
CA TRP C 346 -6.18 -4.03 17.28
C TRP C 346 -5.56 -4.35 15.91
N CYS C 347 -5.13 -5.58 15.67
CA CYS C 347 -4.47 -5.87 14.41
C CYS C 347 -4.88 -7.20 13.84
N PRO C 348 -5.51 -7.22 12.65
CA PRO C 348 -6.04 -8.43 12.01
C PRO C 348 -5.57 -9.82 12.55
N THR C 349 -4.80 -10.52 11.71
CA THR C 349 -4.10 -11.81 11.95
C THR C 349 -3.29 -11.99 10.66
N GLY C 350 -2.52 -10.92 10.35
CA GLY C 350 -1.64 -10.76 9.20
C GLY C 350 -1.53 -11.91 8.22
N PHE C 351 -0.34 -12.53 8.19
CA PHE C 351 -0.03 -13.66 7.30
C PHE C 351 -0.04 -13.33 5.81
N LYS C 352 0.76 -12.31 5.46
CA LYS C 352 0.97 -11.93 4.09
C LYS C 352 1.91 -13.06 3.67
N VAL C 353 1.35 -14.04 2.96
CA VAL C 353 2.12 -15.19 2.52
C VAL C 353 2.73 -14.90 1.17
N GLY C 354 3.99 -15.24 1.00
CA GLY C 354 4.65 -15.00 -0.26
C GLY C 354 5.46 -16.21 -0.65
N ILE C 355 5.25 -16.71 -1.85
CA ILE C 355 5.98 -17.87 -2.31
C ILE C 355 6.87 -17.47 -3.47
N ASN C 356 8.11 -17.94 -3.44
CA ASN C 356 9.09 -17.64 -4.48
C ASN C 356 9.69 -18.90 -5.08
N TYR C 357 8.92 -19.50 -6.00
CA TYR C 357 9.21 -20.77 -6.69
C TYR C 357 10.66 -21.16 -6.88
N GLU C 358 11.51 -20.15 -7.08
CA GLU C 358 12.94 -20.35 -7.26
C GLU C 358 13.55 -21.04 -5.99
N PRO C 359 14.05 -22.28 -6.17
CA PRO C 359 14.62 -23.11 -5.09
C PRO C 359 15.83 -22.57 -4.33
N PRO C 360 15.95 -22.97 -3.07
CA PRO C 360 17.02 -22.49 -2.18
C PRO C 360 18.37 -23.10 -2.47
N THR C 361 19.21 -22.36 -3.19
CA THR C 361 20.55 -22.81 -3.50
C THR C 361 21.46 -22.49 -2.32
N VAL C 362 22.36 -23.42 -2.02
CA VAL C 362 23.30 -23.24 -0.92
C VAL C 362 24.74 -23.40 -1.40
N VAL C 363 25.68 -22.80 -0.68
CA VAL C 363 27.11 -22.83 -1.01
C VAL C 363 27.63 -24.25 -1.17
N PRO C 364 28.59 -24.46 -2.08
CA PRO C 364 29.05 -25.82 -2.45
C PRO C 364 29.76 -26.61 -1.36
N GLY C 365 30.78 -26.03 -0.74
CA GLY C 365 31.50 -26.70 0.33
C GLY C 365 30.88 -26.41 1.68
N GLY C 366 29.70 -25.79 1.66
CA GLY C 366 28.95 -25.40 2.84
C GLY C 366 28.62 -26.51 3.81
N ASP C 367 28.02 -26.14 4.92
CA ASP C 367 27.69 -27.10 5.97
C ASP C 367 26.22 -27.51 5.94
N LEU C 368 25.41 -26.73 5.22
CA LEU C 368 23.97 -26.99 5.04
C LEU C 368 23.75 -27.62 3.67
N ALA C 369 22.75 -28.48 3.57
CA ALA C 369 22.48 -29.18 2.31
C ALA C 369 21.44 -28.49 1.46
N LYS C 370 21.32 -28.93 0.21
CA LYS C 370 20.29 -28.42 -0.67
C LYS C 370 18.98 -28.84 -0.01
N VAL C 371 17.96 -28.02 -0.12
CA VAL C 371 16.66 -28.37 0.45
C VAL C 371 15.54 -28.08 -0.53
N GLN C 372 14.59 -29.01 -0.58
CA GLN C 372 13.46 -28.91 -1.49
C GLN C 372 12.62 -27.62 -1.33
N ARG C 373 12.44 -27.18 -0.09
CA ARG C 373 11.62 -26.00 0.21
C ARG C 373 12.01 -25.37 1.56
N ALA C 374 11.98 -24.04 1.64
CA ALA C 374 12.34 -23.34 2.88
C ALA C 374 11.42 -22.14 3.16
N VAL C 375 11.19 -21.84 4.45
CA VAL C 375 10.32 -20.74 4.90
C VAL C 375 11.10 -19.61 5.60
N CYS C 376 10.48 -18.44 5.77
CA CYS C 376 11.21 -17.34 6.40
C CYS C 376 10.58 -16.63 7.60
N MET C 377 9.26 -16.41 7.57
CA MET C 377 8.55 -15.78 8.70
C MET C 377 9.18 -14.58 9.40
N LEU C 378 8.69 -13.39 9.05
CA LEU C 378 9.17 -12.17 9.69
C LEU C 378 8.02 -11.63 10.51
N SER C 379 8.19 -11.63 11.84
CA SER C 379 7.14 -11.19 12.74
C SER C 379 7.57 -10.02 13.59
N ASN C 380 6.66 -9.07 13.80
CA ASN C 380 6.95 -7.94 14.66
C ASN C 380 6.23 -8.16 15.95
N THR C 381 6.94 -8.77 16.90
CA THR C 381 6.39 -9.08 18.22
C THR C 381 6.81 -8.08 19.27
N THR C 382 6.13 -8.10 20.41
CA THR C 382 6.49 -7.22 21.50
C THR C 382 7.59 -7.86 22.30
N ALA C 383 7.75 -9.18 22.15
CA ALA C 383 8.75 -9.90 22.92
C ALA C 383 10.20 -9.67 22.45
N ILE C 384 10.34 -8.97 21.35
CA ILE C 384 11.66 -8.67 20.82
C ILE C 384 12.31 -7.63 21.73
N ALA C 385 11.48 -6.98 22.55
CA ALA C 385 11.96 -5.97 23.48
C ALA C 385 12.72 -6.59 24.66
N GLU C 386 12.65 -7.91 24.76
CA GLU C 386 13.35 -8.66 25.80
C GLU C 386 14.85 -8.55 25.60
N ALA C 387 15.23 -8.15 24.39
CA ALA C 387 16.62 -7.99 23.99
C ALA C 387 17.03 -6.57 24.26
N TRP C 388 16.09 -5.65 24.22
CA TRP C 388 16.40 -4.28 24.51
C TRP C 388 16.63 -4.13 25.99
N ALA C 389 16.12 -5.08 26.76
CA ALA C 389 16.32 -5.07 28.23
C ALA C 389 17.70 -5.60 28.60
N ARG C 390 18.00 -6.78 28.07
CA ARG C 390 19.24 -7.52 28.29
C ARG C 390 20.44 -6.62 28.04
N LEU C 391 20.27 -5.64 27.15
CA LEU C 391 21.33 -4.70 26.82
C LEU C 391 21.35 -3.52 27.76
N ASP C 392 20.17 -2.99 28.05
CA ASP C 392 20.08 -1.86 28.95
C ASP C 392 20.72 -2.18 30.29
N HIS C 393 20.36 -3.33 30.86
CA HIS C 393 20.89 -3.79 32.15
C HIS C 393 22.41 -3.73 32.16
N LYS C 394 23.06 -4.34 31.17
CA LYS C 394 24.52 -4.31 31.05
C LYS C 394 24.96 -2.86 31.09
N PHE C 395 24.50 -2.05 30.14
CA PHE C 395 24.80 -0.61 30.06
C PHE C 395 24.54 0.13 31.37
N ASP C 396 23.31 0.08 31.87
CA ASP C 396 22.89 0.74 33.10
C ASP C 396 23.84 0.46 34.25
N LEU C 397 24.23 -0.80 34.37
CA LEU C 397 25.04 -1.29 35.46
C LEU C 397 26.48 -0.84 35.40
N MET C 398 27.00 -0.65 34.19
CA MET C 398 28.36 -0.18 33.99
C MET C 398 28.35 1.33 34.15
N TYR C 399 27.40 2.01 33.51
CA TYR C 399 27.27 3.46 33.60
C TYR C 399 27.11 3.91 35.05
N ALA C 400 26.63 3.00 35.90
CA ALA C 400 26.44 3.27 37.32
C ALA C 400 27.74 3.73 37.96
N LYS C 401 28.84 3.60 37.23
CA LYS C 401 30.15 3.97 37.77
C LYS C 401 31.04 4.63 36.73
N ARG C 402 30.44 5.10 35.63
CA ARG C 402 31.18 5.72 34.51
C ARG C 402 32.26 4.77 33.98
N ALA C 403 32.03 3.50 34.23
CA ALA C 403 32.91 2.40 33.87
C ALA C 403 33.97 2.69 32.84
N PHE C 404 33.59 3.07 31.65
CA PHE C 404 34.61 3.31 30.66
C PHE C 404 34.36 4.61 29.95
N VAL C 405 33.29 5.29 30.36
CA VAL C 405 32.89 6.56 29.76
C VAL C 405 34.01 7.51 29.41
N HIS C 406 35.06 7.57 30.22
CA HIS C 406 36.12 8.52 30.00
C HIS C 406 36.80 8.42 28.64
N TRP C 407 36.75 7.24 28.01
CA TRP C 407 37.33 7.05 26.69
C TRP C 407 36.53 7.75 25.61
N TYR C 408 35.26 7.91 25.88
CA TYR C 408 34.36 8.57 24.97
C TYR C 408 34.48 10.04 25.20
N VAL C 409 34.50 10.49 26.45
CA VAL C 409 34.63 11.93 26.72
C VAL C 409 35.94 12.39 26.09
N GLY C 410 36.88 11.46 26.03
CA GLY C 410 38.21 11.69 25.49
C GLY C 410 38.24 12.07 24.03
N GLU C 411 37.43 11.42 23.20
CA GLU C 411 37.40 11.75 21.78
C GLU C 411 36.63 13.03 21.56
N GLY C 412 35.83 13.45 22.54
CA GLY C 412 35.10 14.69 22.44
C GLY C 412 33.59 14.61 22.60
N MET C 413 33.13 13.57 23.31
CA MET C 413 31.71 13.37 23.54
C MET C 413 31.30 13.94 24.89
N GLU C 414 30.01 14.22 25.04
CA GLU C 414 29.46 14.76 26.27
C GLU C 414 28.93 13.65 27.13
N GLU C 415 29.09 13.78 28.45
CA GLU C 415 28.56 12.79 29.35
C GLU C 415 27.06 12.76 29.21
N GLY C 416 26.49 13.89 28.79
CA GLY C 416 25.07 14.04 28.57
C GLY C 416 24.51 13.16 27.47
N GLU C 417 25.27 13.00 26.37
CA GLU C 417 24.85 12.16 25.25
C GLU C 417 24.66 10.70 25.69
N PHE C 418 25.31 10.31 26.78
CA PHE C 418 25.16 8.96 27.30
C PHE C 418 23.80 8.86 27.98
N SER C 419 23.45 9.89 28.75
CA SER C 419 22.15 9.93 29.41
C SER C 419 21.09 9.97 28.35
N GLU C 420 21.12 11.04 27.56
CA GLU C 420 20.20 11.30 26.45
C GLU C 420 19.91 10.08 25.52
N ALA C 421 20.86 9.14 25.41
CA ALA C 421 20.68 7.93 24.58
C ALA C 421 19.99 6.82 25.37
N ARG C 422 20.46 6.54 26.58
CA ARG C 422 19.82 5.52 27.41
C ARG C 422 18.40 5.98 27.65
N GLU C 423 18.26 7.30 27.71
CA GLU C 423 16.98 7.95 27.93
C GLU C 423 15.93 7.56 26.89
N ASP C 424 16.41 7.26 25.69
CA ASP C 424 15.53 6.86 24.60
C ASP C 424 15.21 5.39 24.73
N MET C 425 16.19 4.62 25.18
CA MET C 425 16.03 3.18 25.35
C MET C 425 15.08 2.90 26.49
N ALA C 426 14.98 3.84 27.41
CA ALA C 426 14.05 3.73 28.52
C ALA C 426 12.68 3.89 27.91
N ALA C 427 12.56 4.88 27.02
CA ALA C 427 11.33 5.21 26.31
C ALA C 427 10.87 4.09 25.38
N LEU C 428 11.77 3.61 24.53
CA LEU C 428 11.45 2.53 23.60
C LEU C 428 10.89 1.33 24.36
N GLU C 429 11.63 0.84 25.36
CA GLU C 429 11.18 -0.29 26.17
C GLU C 429 9.78 -0.05 26.74
N LYS C 430 9.40 1.23 26.89
CA LYS C 430 8.08 1.59 27.39
C LYS C 430 7.06 1.42 26.29
N ASP C 431 7.35 1.99 25.13
CA ASP C 431 6.49 1.90 23.94
C ASP C 431 6.19 0.47 23.60
N TYR C 432 7.23 -0.35 23.54
CA TYR C 432 7.09 -1.76 23.22
C TYR C 432 6.06 -2.40 24.14
N GLU C 433 6.27 -2.25 25.44
CA GLU C 433 5.36 -2.80 26.44
C GLU C 433 3.96 -2.19 26.38
N GLU C 434 3.88 -0.93 25.94
CA GLU C 434 2.62 -0.17 25.82
C GLU C 434 1.68 -0.65 24.73
N VAL C 435 2.25 -1.33 23.74
CA VAL C 435 1.44 -1.84 22.66
C VAL C 435 0.61 -3.04 23.12
N GLY C 436 1.01 -3.72 24.19
CA GLY C 436 0.24 -4.84 24.74
C GLY C 436 -1.21 -4.49 25.05
N VAL C 437 -2.13 -5.34 24.57
CA VAL C 437 -3.61 -5.19 24.68
C VAL C 437 -4.15 -3.86 25.25
N ARG D 2 48.44 -1.37 14.26
CA ARG D 2 48.92 -0.93 12.93
C ARG D 2 50.47 -0.79 12.74
N GLU D 3 51.28 -0.71 13.84
CA GLU D 3 52.76 -0.50 13.79
C GLU D 3 53.35 0.17 15.04
N ILE D 4 54.25 -0.48 15.79
CA ILE D 4 54.80 0.15 17.03
C ILE D 4 56.33 0.29 17.19
N VAL D 5 56.79 1.40 17.76
CA VAL D 5 58.23 1.60 18.01
C VAL D 5 58.53 1.22 19.42
N HIS D 6 59.76 0.79 19.64
CA HIS D 6 60.16 0.30 20.95
C HIS D 6 61.40 0.97 21.55
N ILE D 7 61.18 1.82 22.56
CA ILE D 7 62.28 2.48 23.28
C ILE D 7 62.67 1.52 24.40
N GLN D 8 63.97 1.44 24.68
CA GLN D 8 64.51 0.52 25.68
C GLN D 8 65.69 1.18 26.38
N ALA D 9 65.50 1.65 27.62
CA ALA D 9 66.51 2.47 28.32
C ALA D 9 66.93 2.13 29.75
N GLY D 10 68.23 2.25 30.03
CA GLY D 10 68.79 2.03 31.35
C GLY D 10 69.08 0.58 31.69
N GLN D 11 70.33 0.28 32.08
CA GLN D 11 70.84 -1.08 32.36
C GLN D 11 69.85 -2.23 32.48
N CYS D 12 68.87 -2.09 33.37
CA CYS D 12 67.85 -3.10 33.54
C CYS D 12 67.02 -3.18 32.26
N GLY D 13 66.38 -2.07 31.90
CA GLY D 13 65.61 -2.03 30.67
C GLY D 13 66.36 -2.66 29.51
N ASN D 14 67.57 -2.18 29.23
CA ASN D 14 68.35 -2.70 28.12
C ASN D 14 68.54 -4.20 28.16
N GLN D 15 68.93 -4.71 29.32
CA GLN D 15 69.10 -6.14 29.51
C GLN D 15 67.76 -6.89 29.32
N ILE D 16 66.69 -6.38 29.94
CA ILE D 16 65.36 -6.98 29.90
C ILE D 16 64.87 -7.10 28.50
N GLY D 17 64.97 -6.00 27.76
CA GLY D 17 64.49 -5.91 26.39
C GLY D 17 65.33 -6.73 25.43
N ALA D 18 66.63 -6.77 25.69
CA ALA D 18 67.55 -7.53 24.86
C ALA D 18 67.10 -8.98 24.80
N LYS D 19 66.67 -9.52 25.94
CA LYS D 19 66.19 -10.90 25.94
C LYS D 19 64.84 -10.97 25.24
N PHE D 20 64.01 -9.92 25.39
CA PHE D 20 62.74 -9.86 24.72
C PHE D 20 63.02 -10.01 23.24
N TRP D 21 63.83 -9.11 22.71
CA TRP D 21 64.17 -9.10 21.28
C TRP D 21 64.62 -10.43 20.73
N GLU D 22 65.68 -10.99 21.29
CA GLU D 22 66.19 -12.26 20.81
C GLU D 22 65.17 -13.38 21.03
N VAL D 23 64.18 -13.17 21.91
CA VAL D 23 63.17 -14.19 22.15
C VAL D 23 62.06 -14.20 21.09
N ILE D 24 61.63 -13.01 20.67
CA ILE D 24 60.61 -12.93 19.64
C ILE D 24 61.24 -13.14 18.27
N SER D 25 62.50 -12.76 18.14
CA SER D 25 63.20 -12.90 16.89
C SER D 25 63.29 -14.36 16.46
N ASP D 26 63.51 -15.24 17.42
CA ASP D 26 63.60 -16.66 17.12
C ASP D 26 62.19 -17.26 16.98
N GLU D 27 61.19 -16.52 17.46
CA GLU D 27 59.81 -16.95 17.33
C GLU D 27 59.41 -16.74 15.90
N HIS D 28 59.87 -15.63 15.34
CA HIS D 28 59.59 -15.24 13.96
C HIS D 28 60.58 -15.85 12.98
N GLY D 29 61.68 -16.40 13.51
CA GLY D 29 62.71 -17.02 12.70
C GLY D 29 63.61 -16.01 12.03
N ILE D 30 64.37 -15.27 12.84
CA ILE D 30 65.26 -14.25 12.35
C ILE D 30 66.67 -14.47 12.91
N ASP D 31 67.65 -14.38 12.00
CA ASP D 31 69.06 -14.54 12.32
C ASP D 31 69.63 -13.30 13.01
N PRO D 32 70.82 -13.41 13.59
CA PRO D 32 71.50 -12.25 14.17
C PRO D 32 71.43 -11.02 13.26
N THR D 33 71.33 -11.24 11.95
CA THR D 33 71.14 -10.16 10.97
C THR D 33 70.17 -10.67 9.94
N GLY D 34 70.55 -11.78 9.31
CA GLY D 34 69.77 -12.43 8.29
C GLY D 34 68.27 -12.40 8.55
N SER D 35 67.53 -12.83 7.55
CA SER D 35 66.09 -12.85 7.63
C SER D 35 65.58 -14.22 8.05
N TYR D 36 64.44 -14.57 7.49
CA TYR D 36 63.74 -15.81 7.76
C TYR D 36 64.56 -17.09 7.54
N HIS D 37 64.16 -18.13 8.26
CA HIS D 37 64.72 -19.47 8.22
C HIS D 37 63.88 -20.25 9.24
N GLY D 38 63.01 -21.12 8.73
CA GLY D 38 62.11 -21.90 9.57
C GLY D 38 60.85 -22.18 8.77
N ASP D 39 60.51 -23.47 8.67
CA ASP D 39 59.36 -23.97 7.87
C ASP D 39 57.95 -23.39 8.15
N SER D 40 57.86 -22.49 9.14
CA SER D 40 56.61 -21.78 9.48
C SER D 40 56.34 -20.69 8.41
N ASP D 41 55.10 -20.19 8.34
CA ASP D 41 54.75 -19.23 7.30
C ASP D 41 54.07 -18.02 7.85
N LEU D 42 53.28 -18.25 8.90
CA LEU D 42 52.55 -17.20 9.58
C LEU D 42 53.49 -16.05 9.89
N GLN D 43 54.18 -16.16 11.03
CA GLN D 43 55.17 -15.18 11.51
C GLN D 43 55.16 -13.82 10.84
N LEU D 44 55.46 -13.83 9.54
CA LEU D 44 55.59 -12.62 8.72
C LEU D 44 54.38 -11.67 8.55
N GLU D 45 53.14 -12.13 8.75
CA GLU D 45 51.97 -11.23 8.61
C GLU D 45 52.27 -9.93 9.31
N ARG D 46 52.19 -9.98 10.63
CA ARG D 46 52.36 -8.79 11.41
C ARG D 46 53.80 -8.60 11.90
N ILE D 47 54.80 -9.07 11.14
CA ILE D 47 56.21 -8.84 11.52
C ILE D 47 56.50 -7.35 11.40
N ASN D 48 55.66 -6.74 10.58
CA ASN D 48 55.58 -5.33 10.35
C ASN D 48 55.64 -4.60 11.67
N VAL D 49 54.70 -4.95 12.55
CA VAL D 49 54.46 -4.32 13.85
C VAL D 49 55.66 -4.08 14.70
N TYR D 50 56.56 -5.05 14.76
CA TYR D 50 57.76 -4.92 15.59
C TYR D 50 59.08 -4.79 14.82
N TYR D 51 59.04 -4.82 13.49
CA TYR D 51 60.26 -4.73 12.69
C TYR D 51 60.20 -3.84 11.45
N ASN D 52 60.84 -2.67 11.52
CA ASN D 52 60.99 -1.79 10.36
C ASN D 52 62.07 -2.55 9.60
N GLU D 53 61.88 -2.85 8.32
CA GLU D 53 62.86 -3.64 7.56
C GLU D 53 63.67 -2.81 6.56
N ALA D 54 65.00 -2.95 6.59
CA ALA D 54 65.94 -2.18 5.74
C ALA D 54 66.55 -2.90 4.52
N ALA D 55 67.71 -2.41 4.06
CA ALA D 55 68.44 -2.90 2.88
C ALA D 55 68.43 -4.40 2.63
N GLY D 56 68.17 -4.79 1.37
CA GLY D 56 68.11 -6.17 0.95
C GLY D 56 67.07 -7.00 1.69
N ASN D 57 67.52 -8.07 2.33
CA ASN D 57 66.63 -8.92 3.11
C ASN D 57 66.48 -8.29 4.44
N LYS D 58 67.53 -8.41 5.25
CA LYS D 58 67.64 -7.86 6.62
C LYS D 58 66.32 -7.46 7.34
N TYR D 59 66.24 -7.68 8.65
CA TYR D 59 65.01 -7.28 9.33
C TYR D 59 65.04 -6.13 10.36
N VAL D 60 66.17 -5.90 11.02
CA VAL D 60 66.33 -4.80 11.99
C VAL D 60 65.08 -4.28 12.75
N PRO D 61 64.98 -4.60 14.05
CA PRO D 61 63.87 -4.16 14.88
C PRO D 61 63.77 -2.65 15.01
N ARG D 62 62.53 -2.17 15.17
CA ARG D 62 62.25 -0.76 15.36
C ARG D 62 62.55 -0.52 16.81
N ALA D 63 63.85 -0.46 17.14
CA ALA D 63 64.25 -0.28 18.52
C ALA D 63 65.27 0.82 18.74
N ILE D 64 65.03 1.61 19.77
CA ILE D 64 65.91 2.67 20.20
C ILE D 64 66.56 2.26 21.53
N LEU D 65 67.88 2.38 21.61
CA LEU D 65 68.63 1.98 22.81
C LEU D 65 69.21 3.20 23.54
N VAL D 66 68.80 3.38 24.80
CA VAL D 66 69.26 4.54 25.58
C VAL D 66 69.90 4.19 26.91
N ASP D 67 70.96 4.92 27.28
CA ASP D 67 71.64 4.76 28.58
C ASP D 67 72.53 5.97 28.89
N LEU D 68 72.98 6.10 30.13
CA LEU D 68 73.84 7.21 30.47
C LEU D 68 75.29 6.78 30.82
N GLU D 69 75.64 5.54 30.43
CA GLU D 69 76.99 4.96 30.57
C GLU D 69 77.15 3.83 29.53
N PRO D 70 78.22 3.89 28.72
CA PRO D 70 78.47 2.92 27.64
C PRO D 70 78.26 1.44 27.98
N GLY D 71 79.12 0.92 28.87
CA GLY D 71 79.08 -0.47 29.30
C GLY D 71 77.90 -1.35 28.90
N THR D 72 76.76 -1.12 29.56
CA THR D 72 75.52 -1.89 29.36
C THR D 72 75.10 -2.09 27.89
N MET D 73 75.41 -1.10 27.06
CA MET D 73 75.10 -1.13 25.64
C MET D 73 76.01 -2.09 24.88
N ASP D 74 77.30 -2.00 25.18
CA ASP D 74 78.34 -2.83 24.55
C ASP D 74 78.26 -4.28 25.06
N SER D 75 77.42 -4.47 26.06
CA SER D 75 77.09 -5.76 26.63
C SER D 75 76.16 -6.45 25.64
N VAL D 76 75.25 -5.66 25.08
CA VAL D 76 74.32 -6.17 24.08
C VAL D 76 75.05 -6.39 22.77
N ARG D 77 75.75 -5.35 22.26
CA ARG D 77 76.46 -5.44 20.97
C ARG D 77 77.34 -6.68 20.89
N SER D 78 78.15 -6.90 21.90
CA SER D 78 78.98 -8.10 21.95
C SER D 78 78.22 -9.15 22.77
N GLY D 79 77.01 -9.51 22.35
CA GLY D 79 76.20 -10.46 23.09
C GLY D 79 75.31 -11.41 22.29
N PRO D 80 74.01 -11.46 22.65
CA PRO D 80 73.05 -12.38 22.01
C PRO D 80 72.80 -12.08 20.54
N PHE D 81 71.88 -11.16 20.27
CA PHE D 81 71.60 -10.72 18.91
C PHE D 81 72.13 -9.29 18.80
N GLY D 82 73.42 -9.15 19.11
CA GLY D 82 74.09 -7.86 19.11
C GLY D 82 74.13 -7.14 17.78
N GLN D 83 74.32 -7.91 16.72
CA GLN D 83 74.38 -7.36 15.38
C GLN D 83 73.03 -6.89 14.84
N ILE D 84 71.94 -7.35 15.46
CA ILE D 84 70.60 -7.06 14.95
C ILE D 84 70.13 -5.61 14.93
N PHE D 85 70.47 -4.82 15.94
CA PHE D 85 69.99 -3.44 16.05
C PHE D 85 70.72 -2.49 15.14
N ARG D 86 70.01 -1.45 14.68
CA ARG D 86 70.60 -0.45 13.79
C ARG D 86 71.62 0.40 14.53
N PRO D 87 72.86 0.41 14.06
CA PRO D 87 73.98 1.14 14.66
C PRO D 87 73.69 2.53 15.25
N ASP D 88 73.33 3.55 14.45
CA ASP D 88 73.09 4.86 15.04
C ASP D 88 71.73 4.95 15.71
N ASN D 89 71.23 3.81 16.15
CA ASN D 89 70.02 3.79 16.92
C ASN D 89 70.35 3.73 18.41
N PHE D 90 71.62 3.40 18.70
CA PHE D 90 72.15 3.36 20.07
C PHE D 90 72.42 4.80 20.47
N VAL D 91 72.03 5.16 21.70
CA VAL D 91 72.34 6.50 22.19
C VAL D 91 73.07 6.40 23.53
N PHE D 92 74.41 6.54 23.46
CA PHE D 92 75.30 6.47 24.62
C PHE D 92 75.12 7.65 25.54
N GLY D 93 75.55 7.47 26.79
CA GLY D 93 75.48 8.53 27.77
C GLY D 93 76.85 9.13 28.10
N GLN D 94 77.84 8.26 28.30
CA GLN D 94 79.21 8.66 28.59
C GLN D 94 79.40 9.10 30.05
N SER D 95 78.72 10.17 30.42
CA SER D 95 78.80 10.79 31.76
C SER D 95 78.33 9.88 32.91
N GLY D 96 78.35 10.44 34.14
CA GLY D 96 77.85 9.73 35.31
C GLY D 96 76.44 9.18 35.08
N ALA D 97 76.22 7.96 35.56
CA ALA D 97 74.94 7.26 35.45
C ALA D 97 73.89 8.00 36.27
N GLY D 98 73.89 7.72 37.57
CA GLY D 98 72.99 8.34 38.51
C GLY D 98 72.70 7.37 39.64
N ASN D 99 71.69 6.54 39.42
CA ASN D 99 71.14 5.65 40.43
C ASN D 99 70.51 6.58 41.43
N ASN D 100 70.10 7.72 40.88
CA ASN D 100 69.44 8.83 41.55
C ASN D 100 68.57 9.51 40.48
N TRP D 101 67.27 9.42 40.68
CA TRP D 101 66.26 9.92 39.75
C TRP D 101 66.61 11.28 39.22
N ALA D 102 66.72 12.24 40.12
CA ALA D 102 67.05 13.62 39.77
C ALA D 102 67.98 13.70 38.58
N LYS D 103 69.18 13.16 38.72
CA LYS D 103 70.18 13.20 37.66
C LYS D 103 69.60 12.85 36.26
N GLY D 104 68.78 11.81 36.19
CA GLY D 104 68.21 11.35 34.94
C GLY D 104 67.00 12.10 34.40
N HIS D 105 66.25 12.76 35.27
CA HIS D 105 65.07 13.53 34.87
C HIS D 105 65.34 15.06 34.81
N TYR D 106 66.57 15.49 35.13
CA TYR D 106 66.91 16.92 35.07
C TYR D 106 68.28 17.20 34.49
N THR D 107 69.33 17.03 35.30
CA THR D 107 70.70 17.33 34.88
C THR D 107 71.27 16.43 33.79
N GLU D 108 71.88 15.30 34.16
CA GLU D 108 72.50 14.41 33.16
C GLU D 108 71.45 13.84 32.18
N GLY D 109 70.21 13.80 32.61
CA GLY D 109 69.13 13.35 31.76
C GLY D 109 68.90 14.30 30.59
N ALA D 110 68.25 15.44 30.86
CA ALA D 110 67.95 16.47 29.86
C ALA D 110 69.03 16.59 28.78
N GLU D 111 70.29 16.54 29.22
CA GLU D 111 71.47 16.56 28.35
C GLU D 111 71.31 15.71 27.09
N LEU D 112 70.83 14.47 27.27
CA LEU D 112 70.64 13.50 26.18
C LEU D 112 69.30 13.56 25.46
N VAL D 113 68.22 13.53 26.23
CA VAL D 113 66.84 13.58 25.74
C VAL D 113 66.65 13.92 24.26
N ASP D 114 67.04 15.13 23.87
CA ASP D 114 66.89 15.60 22.49
C ASP D 114 67.49 14.66 21.45
N SER D 115 68.73 14.21 21.68
CA SER D 115 69.41 13.28 20.78
C SER D 115 68.73 11.91 20.69
N VAL D 116 67.89 11.58 21.66
CA VAL D 116 67.15 10.32 21.64
C VAL D 116 65.82 10.62 20.98
N LEU D 117 65.14 11.64 21.50
CA LEU D 117 63.85 12.10 21.00
C LEU D 117 63.89 12.29 19.46
N ASP D 118 65.02 12.77 18.98
CA ASP D 118 65.31 13.03 17.57
C ASP D 118 65.59 11.75 16.79
N VAL D 119 65.62 10.62 17.48
CA VAL D 119 65.89 9.35 16.81
C VAL D 119 64.63 8.52 16.88
N VAL D 120 63.82 8.79 17.91
CA VAL D 120 62.52 8.15 17.98
C VAL D 120 61.71 8.85 16.90
N ARG D 121 61.97 10.15 16.73
CA ARG D 121 61.28 10.96 15.75
C ARG D 121 61.51 10.45 14.33
N LYS D 122 62.70 9.89 14.06
CA LYS D 122 63.02 9.35 12.75
C LYS D 122 62.28 8.04 12.51
N GLU D 123 62.31 7.17 13.53
CA GLU D 123 61.68 5.86 13.45
C GLU D 123 60.18 5.97 13.29
N SER D 124 59.62 6.92 14.03
CA SER D 124 58.18 7.15 14.06
C SER D 124 57.67 7.67 12.73
N GLU D 125 58.25 8.76 12.29
CA GLU D 125 57.87 9.37 11.04
C GLU D 125 58.16 8.46 9.84
N SER D 126 58.96 7.41 10.07
CA SER D 126 59.22 6.44 9.01
C SER D 126 58.05 5.47 8.94
N CYS D 127 57.50 5.14 10.10
CA CYS D 127 56.32 4.28 10.22
C CYS D 127 55.20 4.65 9.26
N ASP D 128 54.59 3.66 8.61
CA ASP D 128 53.50 3.92 7.68
C ASP D 128 52.24 4.43 8.40
N CYS D 129 51.93 3.85 9.57
CA CYS D 129 50.84 4.29 10.45
C CYS D 129 51.18 3.91 11.90
N LEU D 130 51.82 4.84 12.62
CA LEU D 130 52.29 4.64 13.98
C LEU D 130 51.22 4.37 15.01
N GLN D 131 51.36 3.26 15.72
CA GLN D 131 50.42 2.83 16.75
C GLN D 131 50.71 3.39 18.13
N GLY D 132 51.98 3.47 18.47
CA GLY D 132 52.38 3.97 19.76
C GLY D 132 53.74 3.45 20.17
N PHE D 133 54.18 3.83 21.37
CA PHE D 133 55.46 3.40 21.82
C PHE D 133 55.34 2.50 23.01
N GLN D 134 56.31 1.62 23.16
CA GLN D 134 56.42 0.82 24.36
C GLN D 134 57.87 0.97 24.87
N LEU D 135 58.03 1.16 26.18
CA LEU D 135 59.36 1.32 26.78
C LEU D 135 59.58 0.37 27.94
N THR D 136 60.83 -0.10 28.08
CA THR D 136 61.24 -0.98 29.16
C THR D 136 62.27 -0.23 29.93
N HIS D 137 62.16 -0.30 31.26
CA HIS D 137 63.03 0.39 32.21
C HIS D 137 62.72 -0.06 33.61
N SER D 138 63.57 0.33 34.57
CA SER D 138 63.33 0.03 36.00
C SER D 138 62.86 1.27 36.75
N LEU D 139 62.05 1.08 37.77
CA LEU D 139 61.53 2.20 38.55
C LEU D 139 62.48 2.64 39.65
N GLY D 140 63.35 1.73 40.08
CA GLY D 140 64.40 1.96 41.08
C GLY D 140 65.61 2.41 40.28
N GLY D 141 66.66 2.94 40.92
CA GLY D 141 67.78 3.45 40.13
C GLY D 141 67.33 4.66 39.27
N GLY D 142 68.19 5.17 38.38
CA GLY D 142 67.81 6.39 37.69
C GLY D 142 68.04 6.63 36.21
N THR D 143 69.01 5.95 35.60
CA THR D 143 69.31 6.15 34.17
C THR D 143 68.18 5.70 33.21
N GLY D 144 67.04 5.33 33.76
CA GLY D 144 65.95 4.85 32.96
C GLY D 144 64.67 5.03 33.72
N SER D 145 64.78 5.24 35.02
CA SER D 145 63.59 5.45 35.80
C SER D 145 63.35 6.94 35.83
N GLY D 146 64.41 7.69 35.58
CA GLY D 146 64.39 9.15 35.62
C GLY D 146 64.47 9.76 34.25
N MET D 147 65.28 9.19 33.37
CA MET D 147 65.33 9.66 32.00
C MET D 147 64.09 9.10 31.31
N GLY D 148 63.75 7.85 31.62
CA GLY D 148 62.58 7.20 31.07
C GLY D 148 61.34 8.00 31.32
N THR D 149 60.96 8.21 32.58
CA THR D 149 59.78 8.99 32.89
C THR D 149 59.83 10.33 32.21
N LEU D 150 61.05 10.79 31.90
CA LEU D 150 61.21 12.06 31.17
C LEU D 150 60.91 11.81 29.69
N LEU D 151 61.61 10.84 29.11
CA LEU D 151 61.44 10.49 27.71
C LEU D 151 59.97 10.43 27.41
N ILE D 152 59.18 9.79 28.29
CA ILE D 152 57.74 9.67 28.05
C ILE D 152 56.98 10.97 28.24
N SER D 153 57.42 11.79 29.19
CA SER D 153 56.78 13.08 29.40
C SER D 153 56.94 13.96 28.16
N LYS D 154 57.96 13.63 27.37
CA LYS D 154 58.27 14.37 26.16
C LYS D 154 57.75 13.68 24.91
N ILE D 155 57.33 12.41 25.02
CA ILE D 155 56.75 11.73 23.87
C ILE D 155 55.33 12.26 23.77
N ARG D 156 54.57 12.20 24.86
CA ARG D 156 53.25 12.85 24.91
C ARG D 156 53.68 14.29 24.76
N GLU D 157 52.97 15.10 23.99
CA GLU D 157 53.36 16.48 23.71
C GLU D 157 53.75 16.48 22.24
N GLU D 158 54.55 15.50 21.85
CA GLU D 158 54.90 15.37 20.45
C GLU D 158 53.99 14.31 19.84
N TYR D 159 53.37 13.50 20.71
CA TYR D 159 52.50 12.39 20.32
C TYR D 159 51.36 12.15 21.31
N PRO D 160 50.49 13.15 21.53
CA PRO D 160 49.35 12.99 22.47
C PRO D 160 48.46 11.90 21.90
N ASP D 161 48.30 12.06 20.59
CA ASP D 161 47.70 11.17 19.64
C ASP D 161 47.72 9.70 20.02
N ARG D 162 48.88 9.09 19.78
CA ARG D 162 49.19 7.68 19.98
C ARG D 162 49.34 7.33 21.44
N ILE D 163 49.36 6.03 21.76
CA ILE D 163 49.43 5.60 23.17
C ILE D 163 50.78 5.11 23.72
N MET D 164 50.91 5.31 25.02
CA MET D 164 52.11 5.02 25.79
C MET D 164 52.09 3.72 26.63
N ASN D 165 52.98 2.80 26.30
CA ASN D 165 52.98 1.50 26.94
C ASN D 165 54.30 1.23 27.60
N THR D 166 54.29 0.74 28.83
CA THR D 166 55.55 0.45 29.48
C THR D 166 55.51 -0.83 30.27
N PHE D 167 56.70 -1.45 30.35
CA PHE D 167 56.94 -2.60 31.17
C PHE D 167 57.89 -2.00 32.17
N SER D 168 57.48 -1.88 33.43
CA SER D 168 58.35 -1.31 34.45
C SER D 168 58.63 -2.26 35.63
N VAL D 169 59.91 -2.55 35.88
CA VAL D 169 60.27 -3.41 36.98
C VAL D 169 60.29 -2.62 38.27
N VAL D 170 59.32 -2.87 39.14
CA VAL D 170 59.24 -2.24 40.46
C VAL D 170 60.19 -3.01 41.42
N PRO D 171 61.08 -2.30 42.11
CA PRO D 171 62.11 -2.93 42.92
C PRO D 171 61.73 -3.27 44.37
N SER D 172 62.55 -4.10 45.00
CA SER D 172 62.27 -4.63 46.34
C SER D 172 63.45 -4.49 47.28
N PRO D 173 63.23 -4.77 48.57
CA PRO D 173 64.31 -4.75 49.57
C PRO D 173 65.31 -5.89 49.38
N LYS D 174 64.88 -7.03 48.85
CA LYS D 174 65.78 -8.15 48.58
C LYS D 174 66.13 -8.06 47.11
N VAL D 175 67.39 -8.34 46.77
CA VAL D 175 67.90 -8.22 45.39
C VAL D 175 67.73 -6.78 44.82
N SER D 176 68.57 -5.91 45.39
CA SER D 176 68.62 -4.48 45.16
C SER D 176 70.05 -3.98 45.38
N ASP D 177 70.48 -2.98 44.61
CA ASP D 177 71.83 -2.42 44.74
C ASP D 177 71.91 -1.13 45.55
N THR D 178 70.77 -0.44 45.70
CA THR D 178 70.66 0.87 46.38
C THR D 178 69.66 1.04 47.54
N VAL D 179 70.08 1.79 48.55
CA VAL D 179 69.22 2.13 49.66
C VAL D 179 68.10 3.07 49.23
N VAL D 180 68.36 3.87 48.18
CA VAL D 180 67.43 4.91 47.70
C VAL D 180 66.26 4.48 46.83
N GLU D 181 66.29 3.27 46.27
CA GLU D 181 65.22 2.76 45.37
C GLU D 181 63.80 3.28 45.63
N PRO D 182 63.30 3.15 46.87
CA PRO D 182 62.02 3.73 47.26
C PRO D 182 61.80 5.19 46.81
N TYR D 183 62.86 6.02 46.83
CA TYR D 183 62.81 7.42 46.40
C TYR D 183 62.64 7.44 44.88
N ASN D 184 63.50 6.69 44.21
CA ASN D 184 63.46 6.59 42.77
C ASN D 184 62.13 6.01 42.32
N ALA D 185 61.65 5.00 43.05
CA ALA D 185 60.40 4.35 42.68
C ALA D 185 59.21 5.27 42.75
N THR D 186 59.00 5.85 43.93
CA THR D 186 57.89 6.73 44.16
C THR D 186 57.86 7.87 43.18
N LEU D 187 59.05 8.41 42.90
CA LEU D 187 59.20 9.55 42.01
C LEU D 187 58.75 9.30 40.59
N SER D 188 58.83 8.03 40.17
CA SER D 188 58.43 7.59 38.83
C SER D 188 56.95 7.17 38.79
N VAL D 189 56.55 6.34 39.76
CA VAL D 189 55.17 5.88 39.87
C VAL D 189 54.22 7.04 39.60
N HIS D 190 54.50 8.18 40.24
CA HIS D 190 53.76 9.43 40.05
C HIS D 190 53.72 9.82 38.56
N GLN D 191 54.89 9.90 37.95
CA GLN D 191 55.01 10.22 36.56
C GLN D 191 54.20 9.23 35.70
N LEU D 192 54.38 7.92 35.91
CA LEU D 192 53.66 6.92 35.11
C LEU D 192 52.18 7.16 35.18
N VAL D 193 51.63 7.28 36.39
CA VAL D 193 50.21 7.55 36.57
C VAL D 193 49.69 8.60 35.58
N GLU D 194 50.46 9.66 35.36
CA GLU D 194 50.00 10.78 34.54
C GLU D 194 50.11 10.65 33.04
N ASN D 195 51.25 10.16 32.54
CA ASN D 195 51.43 10.09 31.09
C ASN D 195 51.47 8.73 30.39
N THR D 196 50.89 7.68 30.97
CA THR D 196 50.83 6.42 30.22
C THR D 196 49.43 5.81 30.25
N ASP D 197 49.13 5.06 29.20
CA ASP D 197 47.83 4.46 29.04
C ASP D 197 47.76 3.09 29.72
N GLU D 198 48.78 2.26 29.55
CA GLU D 198 48.87 0.99 30.29
C GLU D 198 50.29 0.76 30.77
N THR D 199 50.44 0.25 31.99
CA THR D 199 51.77 -0.11 32.49
C THR D 199 51.69 -1.49 33.12
N TYR D 200 52.64 -2.34 32.72
CA TYR D 200 52.75 -3.69 33.23
C TYR D 200 53.72 -3.61 34.37
N CYS D 201 53.41 -4.26 35.48
CA CYS D 201 54.29 -4.24 36.65
C CYS D 201 55.00 -5.53 36.76
N ILE D 202 56.30 -5.46 36.69
CA ILE D 202 57.08 -6.64 36.88
C ILE D 202 57.78 -6.35 38.19
N ASP D 203 57.30 -6.97 39.28
CA ASP D 203 57.91 -6.78 40.60
C ASP D 203 59.10 -7.70 40.78
N ASN D 204 60.23 -7.16 41.21
CA ASN D 204 61.39 -8.00 41.39
C ASN D 204 61.27 -8.90 42.63
N GLU D 205 60.47 -8.45 43.61
CA GLU D 205 60.18 -9.24 44.81
C GLU D 205 59.45 -10.49 44.33
N ALA D 206 58.43 -10.30 43.51
CA ALA D 206 57.68 -11.42 42.96
C ALA D 206 58.65 -12.32 42.24
N LEU D 207 59.41 -11.71 41.33
CA LEU D 207 60.40 -12.40 40.51
C LEU D 207 61.32 -13.30 41.30
N TYR D 208 62.00 -12.76 42.31
CA TYR D 208 62.87 -13.57 43.16
C TYR D 208 62.09 -14.75 43.79
N ASP D 209 60.90 -14.48 44.29
CA ASP D 209 60.06 -15.48 44.93
C ASP D 209 59.79 -16.66 44.01
N ILE D 210 59.54 -16.38 42.74
CA ILE D 210 59.26 -17.42 41.77
C ILE D 210 60.46 -18.37 41.56
N CYS D 211 61.68 -17.84 41.62
CA CYS D 211 62.88 -18.62 41.35
C CYS D 211 63.29 -19.54 42.48
N PHE D 212 63.22 -19.01 43.70
CA PHE D 212 63.66 -19.72 44.90
C PHE D 212 62.47 -20.34 45.65
N ARG D 213 61.41 -19.56 45.89
CA ARG D 213 60.23 -20.06 46.61
C ARG D 213 59.48 -21.17 45.85
N THR D 214 59.64 -21.22 44.52
CA THR D 214 59.05 -22.26 43.67
C THR D 214 59.86 -22.55 42.38
N LEU D 215 61.06 -23.09 42.55
CA LEU D 215 61.94 -23.47 41.42
C LEU D 215 63.35 -23.96 41.85
N LYS D 216 63.54 -24.28 43.14
CA LYS D 216 64.82 -24.77 43.72
C LYS D 216 66.12 -23.98 43.36
N LEU D 217 65.97 -22.87 42.61
CA LEU D 217 67.09 -22.03 42.17
C LEU D 217 67.60 -21.11 43.28
N THR D 218 68.72 -21.53 43.93
CA THR D 218 69.36 -20.80 45.04
C THR D 218 69.70 -19.35 44.70
N THR D 219 70.96 -19.06 44.35
CA THR D 219 71.38 -17.71 43.96
C THR D 219 70.72 -17.28 42.62
N PRO D 220 69.69 -16.43 42.66
CA PRO D 220 69.02 -16.01 41.43
C PRO D 220 69.83 -14.89 40.76
N THR D 221 70.43 -15.22 39.61
CA THR D 221 71.20 -14.26 38.84
C THR D 221 70.25 -13.21 38.39
N TYR D 222 70.79 -12.19 37.78
CA TYR D 222 69.91 -11.25 37.12
C TYR D 222 69.42 -12.02 35.88
N GLY D 223 70.21 -13.05 35.50
CA GLY D 223 69.94 -13.94 34.39
C GLY D 223 68.62 -14.67 34.56
N ASP D 224 68.68 -15.91 35.05
CA ASP D 224 67.44 -16.64 35.31
C ASP D 224 66.66 -15.79 36.32
N LEU D 225 65.84 -14.93 35.76
CA LEU D 225 65.05 -13.94 36.47
C LEU D 225 64.59 -13.09 35.31
N ASN D 226 65.54 -12.72 34.45
CA ASN D 226 65.21 -12.00 33.24
C ASN D 226 64.45 -12.97 32.34
N HIS D 227 64.87 -14.24 32.37
CA HIS D 227 64.23 -15.32 31.60
C HIS D 227 62.72 -15.36 31.86
N LEU D 228 62.31 -15.00 33.08
CA LEU D 228 60.89 -14.92 33.45
C LEU D 228 60.22 -13.75 32.74
N VAL D 229 60.72 -12.55 33.02
CA VAL D 229 60.22 -11.33 32.40
C VAL D 229 60.18 -11.43 30.88
N SER D 230 61.28 -11.91 30.30
CA SER D 230 61.44 -12.09 28.86
C SER D 230 60.38 -13.02 28.27
N ALA D 231 60.06 -14.10 28.98
CA ALA D 231 59.04 -15.03 28.49
C ALA D 231 57.67 -14.39 28.63
N THR D 232 57.46 -13.70 29.76
CA THR D 232 56.20 -13.04 30.02
C THR D 232 55.90 -12.00 28.96
N MET D 233 56.91 -11.20 28.65
CA MET D 233 56.74 -10.16 27.66
C MET D 233 56.35 -10.67 26.28
N SER D 234 56.82 -11.85 25.89
CA SER D 234 56.42 -12.40 24.59
C SER D 234 54.96 -12.81 24.67
N GLY D 235 54.56 -13.39 25.80
CA GLY D 235 53.19 -13.81 26.00
C GLY D 235 52.22 -12.65 25.93
N VAL D 236 52.59 -11.54 26.56
CA VAL D 236 51.73 -10.40 26.58
C VAL D 236 51.51 -9.74 25.21
N THR D 237 52.48 -9.86 24.30
CA THR D 237 52.35 -9.21 23.00
C THR D 237 51.87 -10.11 21.89
N THR D 238 52.01 -11.41 22.08
CA THR D 238 51.58 -12.39 21.06
C THR D 238 50.47 -11.92 20.09
N CYS D 239 49.27 -11.69 20.63
CA CYS D 239 48.11 -11.26 19.85
C CYS D 239 48.37 -10.03 18.96
N LEU D 240 49.29 -9.14 19.33
CA LEU D 240 49.56 -8.07 18.36
C LEU D 240 50.62 -8.42 17.34
N ARG D 241 51.43 -9.44 17.58
CA ARG D 241 52.48 -9.79 16.60
C ARG D 241 52.21 -11.05 15.78
N PHE D 242 50.99 -11.59 15.74
CA PHE D 242 50.93 -12.92 15.13
C PHE D 242 49.85 -13.46 14.17
N PRO D 243 48.64 -13.64 14.69
CA PRO D 243 47.63 -14.43 13.97
C PRO D 243 46.77 -13.69 12.99
N GLY D 244 45.50 -13.71 13.35
CA GLY D 244 44.40 -13.17 12.59
C GLY D 244 43.22 -13.79 13.34
N GLN D 245 43.12 -13.39 14.61
CA GLN D 245 42.03 -13.79 15.50
C GLN D 245 41.48 -12.42 15.98
N LEU D 246 42.31 -11.72 16.75
CA LEU D 246 41.98 -10.40 17.22
C LEU D 246 42.48 -9.46 16.14
N ASN D 247 43.70 -8.99 16.38
CA ASN D 247 44.52 -8.01 15.61
C ASN D 247 45.26 -7.05 16.56
N ALA D 248 44.53 -6.67 17.62
CA ALA D 248 45.03 -5.83 18.74
C ALA D 248 45.52 -4.40 18.44
N ASP D 249 44.59 -3.47 18.40
CA ASP D 249 44.95 -2.09 18.19
C ASP D 249 45.82 -1.52 19.30
N LEU D 250 46.09 -2.32 20.36
CA LEU D 250 46.86 -1.89 21.55
C LEU D 250 46.15 -0.73 22.21
N ARG D 251 45.24 -0.10 21.46
CA ARG D 251 44.37 0.95 21.92
C ARG D 251 43.10 0.19 22.26
N LYS D 252 42.78 -0.82 21.47
CA LYS D 252 41.61 -1.61 21.80
C LYS D 252 41.92 -2.22 23.14
N LEU D 253 43.14 -2.73 23.26
CA LEU D 253 43.58 -3.34 24.51
C LEU D 253 43.44 -2.37 25.66
N ALA D 254 43.79 -1.11 25.43
CA ALA D 254 43.66 -0.13 26.47
C ALA D 254 42.19 0.13 26.74
N VAL D 255 41.44 0.66 25.79
CA VAL D 255 40.03 0.96 26.01
C VAL D 255 39.26 -0.14 26.72
N ASN D 256 39.75 -1.36 26.60
CA ASN D 256 39.05 -2.51 27.17
C ASN D 256 39.55 -3.05 28.52
N MET D 257 40.78 -2.68 28.88
CA MET D 257 41.34 -3.18 30.10
C MET D 257 41.30 -2.15 31.19
N VAL D 258 41.33 -0.88 30.81
CA VAL D 258 41.38 0.17 31.81
C VAL D 258 40.09 0.94 31.96
N PRO D 259 39.28 0.55 32.93
CA PRO D 259 38.01 1.22 33.15
C PRO D 259 38.21 2.61 33.69
N PHE D 260 39.24 2.81 34.49
CA PHE D 260 39.42 4.15 35.02
C PHE D 260 40.70 4.86 34.63
N PRO D 261 40.55 6.15 34.31
CA PRO D 261 41.60 6.96 33.73
C PRO D 261 42.94 6.65 34.33
N ARG D 262 43.07 6.66 35.67
CA ARG D 262 44.35 6.50 36.38
C ARG D 262 45.18 5.24 36.03
N LEU D 263 45.42 5.16 34.70
CA LEU D 263 46.19 4.17 33.86
C LEU D 263 46.33 2.71 34.33
N HIS D 264 45.66 2.43 35.42
CA HIS D 264 45.71 1.15 36.05
C HIS D 264 46.77 0.15 35.56
N PHE D 265 47.43 -0.36 36.58
CA PHE D 265 48.58 -1.18 36.40
C PHE D 265 48.21 -2.65 36.49
N PHE D 266 48.71 -3.34 35.48
CA PHE D 266 48.45 -4.74 35.26
C PHE D 266 49.43 -5.65 35.96
N MET D 267 48.93 -6.70 36.60
CA MET D 267 49.86 -7.69 37.09
C MET D 267 49.77 -8.91 36.17
N PRO D 268 50.91 -9.27 35.57
CA PRO D 268 51.01 -10.36 34.60
C PRO D 268 51.30 -11.67 35.26
N GLY D 269 51.04 -12.77 34.57
CA GLY D 269 51.28 -14.10 35.09
C GLY D 269 51.53 -15.07 33.95
N PHE D 270 52.40 -16.05 34.17
CA PHE D 270 52.75 -17.00 33.12
C PHE D 270 52.37 -18.43 33.50
N ALA D 271 52.24 -19.31 32.50
CA ALA D 271 51.83 -20.71 32.75
C ALA D 271 52.95 -21.62 33.24
N PRO D 272 53.66 -22.33 32.35
CA PRO D 272 54.77 -23.20 32.77
C PRO D 272 56.07 -22.40 32.91
N LEU D 273 57.03 -22.81 33.76
CA LEU D 273 58.23 -21.95 33.96
C LEU D 273 59.54 -22.58 34.42
N THR D 274 60.62 -21.79 34.26
CA THR D 274 62.04 -22.08 34.67
C THR D 274 63.05 -22.30 33.51
N SER D 275 64.34 -21.99 33.79
CA SER D 275 65.45 -22.15 32.84
C SER D 275 66.51 -23.12 33.33
N LEU D 284 51.11 -30.38 31.53
CA LEU D 284 50.48 -29.10 31.26
C LEU D 284 49.15 -29.38 30.60
N THR D 285 48.21 -29.90 31.37
CA THR D 285 46.91 -30.37 30.87
C THR D 285 45.87 -29.37 30.33
N VAL D 286 45.90 -28.12 30.80
CA VAL D 286 44.97 -27.02 30.45
C VAL D 286 44.19 -26.65 31.72
N PRO D 287 43.35 -27.55 32.25
CA PRO D 287 42.77 -27.30 33.57
C PRO D 287 43.97 -27.05 34.47
N GLU D 288 45.04 -27.81 34.25
CA GLU D 288 46.30 -27.70 35.00
C GLU D 288 46.98 -26.36 34.71
N LEU D 289 46.80 -25.88 33.49
CA LEU D 289 47.37 -24.61 33.05
C LEU D 289 46.64 -23.38 33.61
N THR D 290 45.31 -23.41 33.63
CA THR D 290 44.53 -22.32 34.18
C THR D 290 44.74 -22.22 35.69
N GLN D 291 44.58 -23.34 36.40
CA GLN D 291 44.73 -23.40 37.85
C GLN D 291 46.00 -22.71 38.29
N GLN D 292 47.03 -22.78 37.44
CA GLN D 292 48.35 -22.21 37.69
C GLN D 292 48.44 -20.73 37.33
N MET D 293 47.91 -20.38 36.16
CA MET D 293 47.95 -19.01 35.64
C MET D 293 47.09 -18.01 36.44
N PHE D 294 46.31 -18.54 37.38
CA PHE D 294 45.43 -17.73 38.20
C PHE D 294 45.84 -17.85 39.65
N ASP D 295 47.06 -18.31 39.87
CA ASP D 295 47.58 -18.52 41.22
C ASP D 295 48.54 -17.41 41.63
N ALA D 296 48.39 -16.91 42.85
CA ALA D 296 49.25 -15.85 43.38
C ALA D 296 50.70 -16.25 43.19
N LYS D 297 51.00 -17.46 43.66
CA LYS D 297 52.30 -18.11 43.55
C LYS D 297 52.87 -18.05 42.11
N ASN D 298 52.09 -17.50 41.18
CA ASN D 298 52.48 -17.40 39.77
C ASN D 298 52.27 -16.02 39.08
N MET D 299 52.06 -14.98 39.89
CA MET D 299 51.90 -13.61 39.40
C MET D 299 53.27 -12.99 39.26
N MET D 300 53.39 -12.00 38.39
CA MET D 300 54.67 -11.36 38.16
C MET D 300 54.86 -10.18 39.08
N ALA D 301 53.85 -9.89 39.89
CA ALA D 301 53.94 -8.80 40.86
C ALA D 301 53.66 -9.33 42.26
N ALA D 302 54.39 -8.82 43.24
CA ALA D 302 54.18 -9.25 44.63
C ALA D 302 52.84 -8.73 45.11
N CYS D 303 51.84 -9.60 44.97
CA CYS D 303 50.49 -9.31 45.35
C CYS D 303 49.90 -10.66 45.59
N ASP D 304 48.57 -10.71 45.62
CA ASP D 304 47.84 -11.93 45.84
C ASP D 304 46.39 -11.61 45.60
N PRO D 305 45.95 -11.82 44.36
CA PRO D 305 44.53 -11.57 44.03
C PRO D 305 43.70 -12.50 44.92
N ARG D 306 43.17 -11.92 45.97
CA ARG D 306 42.38 -12.61 46.97
C ARG D 306 42.05 -11.39 47.81
N HIS D 307 43.13 -10.72 48.21
CA HIS D 307 43.08 -9.50 48.96
C HIS D 307 42.70 -8.44 47.95
N GLY D 308 41.71 -8.73 47.13
CA GLY D 308 41.32 -7.78 46.13
C GLY D 308 40.71 -8.43 44.92
N ARG D 309 39.77 -7.70 44.33
CA ARG D 309 38.99 -8.13 43.19
C ARG D 309 39.69 -7.78 41.90
N TYR D 310 39.27 -8.41 40.81
CA TYR D 310 39.80 -8.13 39.48
C TYR D 310 38.85 -7.13 38.80
N LEU D 311 39.40 -6.09 38.20
CA LEU D 311 38.59 -5.12 37.48
C LEU D 311 38.26 -5.74 36.15
N THR D 312 39.31 -6.13 35.43
CA THR D 312 39.19 -6.83 34.16
C THR D 312 40.40 -7.70 33.99
N VAL D 313 40.20 -8.83 33.32
CA VAL D 313 41.26 -9.78 33.09
C VAL D 313 41.32 -10.15 31.64
N ALA D 314 42.52 -10.40 31.16
CA ALA D 314 42.74 -10.78 29.79
C ALA D 314 43.75 -11.91 29.75
N ALA D 315 43.37 -13.04 29.16
CA ALA D 315 44.24 -14.21 29.12
C ALA D 315 44.48 -14.65 27.71
N VAL D 316 45.71 -15.06 27.43
CA VAL D 316 46.08 -15.50 26.10
C VAL D 316 46.87 -16.82 26.11
N PHE D 317 46.24 -17.88 25.60
CA PHE D 317 46.83 -19.22 25.57
C PHE D 317 47.76 -19.39 24.41
N ARG D 318 48.35 -20.58 24.28
CA ARG D 318 49.30 -20.84 23.20
C ARG D 318 49.55 -22.32 22.95
N GLY D 319 49.56 -22.72 21.69
CA GLY D 319 49.79 -24.11 21.32
C GLY D 319 48.56 -24.85 20.84
N ARG D 320 48.79 -25.96 20.14
CA ARG D 320 47.67 -26.73 19.62
C ARG D 320 46.87 -27.34 20.77
N MET D 321 45.73 -26.72 21.07
CA MET D 321 44.79 -27.24 22.07
C MET D 321 43.38 -26.79 21.68
N SER D 322 42.35 -27.51 22.14
CA SER D 322 40.96 -27.20 21.77
C SER D 322 40.29 -26.12 22.64
N MET D 323 39.94 -25.00 22.01
CA MET D 323 39.25 -23.87 22.68
C MET D 323 38.00 -24.37 23.44
N LYS D 324 37.37 -25.43 22.92
CA LYS D 324 36.23 -26.06 23.60
C LYS D 324 36.57 -26.26 25.06
N GLU D 325 37.80 -26.73 25.35
CA GLU D 325 38.22 -26.94 26.72
C GLU D 325 38.52 -25.61 27.41
N VAL D 326 39.26 -24.73 26.73
CA VAL D 326 39.64 -23.43 27.30
C VAL D 326 38.45 -22.61 27.78
N ASP D 327 37.47 -22.37 26.89
CA ASP D 327 36.26 -21.59 27.21
C ASP D 327 35.50 -22.19 28.40
N GLU D 328 35.64 -23.50 28.57
CA GLU D 328 35.02 -24.27 29.63
C GLU D 328 35.73 -24.10 30.94
N GLN D 329 37.06 -24.22 30.91
CA GLN D 329 37.88 -24.07 32.11
C GLN D 329 37.86 -22.61 32.55
N MET D 330 37.95 -21.70 31.57
CA MET D 330 37.95 -20.24 31.80
C MET D 330 36.68 -19.77 32.47
N LEU D 331 35.59 -20.52 32.31
CA LEU D 331 34.33 -20.20 32.98
C LEU D 331 34.39 -20.82 34.38
N ASN D 332 35.05 -21.97 34.46
CA ASN D 332 35.17 -22.70 35.71
C ASN D 332 36.08 -22.05 36.74
N VAL D 333 36.84 -21.04 36.33
CA VAL D 333 37.70 -20.34 37.29
C VAL D 333 36.87 -19.27 37.99
N GLN D 334 36.19 -18.45 37.17
CA GLN D 334 35.32 -17.38 37.66
C GLN D 334 33.98 -17.98 38.03
N ASN D 335 34.05 -19.00 38.87
CA ASN D 335 32.91 -19.71 39.38
C ASN D 335 33.32 -20.30 40.72
N LYS D 336 34.41 -21.07 40.70
CA LYS D 336 34.99 -21.61 41.91
C LYS D 336 35.61 -20.41 42.63
N ASN D 337 35.70 -19.29 41.92
CA ASN D 337 36.22 -18.03 42.46
C ASN D 337 35.34 -16.82 42.07
N SER D 338 34.11 -17.09 41.65
CA SER D 338 33.16 -16.07 41.18
C SER D 338 32.89 -14.87 42.08
N SER D 339 33.50 -14.83 43.25
CA SER D 339 33.30 -13.68 44.11
C SER D 339 34.35 -12.61 43.82
N TYR D 340 35.48 -13.02 43.24
CA TYR D 340 36.64 -12.14 42.98
C TYR D 340 36.69 -11.42 41.63
N PHE D 341 35.54 -11.38 40.96
CA PHE D 341 35.44 -10.72 39.69
C PHE D 341 34.33 -9.71 39.83
N VAL D 342 34.74 -8.47 40.06
CA VAL D 342 33.81 -7.35 40.17
C VAL D 342 32.56 -7.61 39.32
N GLU D 343 31.37 -7.52 39.90
CA GLU D 343 30.16 -7.80 39.13
C GLU D 343 29.51 -6.56 38.52
N TRP D 344 30.14 -5.40 38.62
CA TRP D 344 29.57 -4.20 37.99
C TRP D 344 30.09 -3.93 36.56
N ILE D 345 30.93 -4.84 36.08
CA ILE D 345 31.48 -4.81 34.72
C ILE D 345 31.16 -6.20 34.19
N PRO D 346 30.28 -6.30 33.20
CA PRO D 346 29.85 -7.58 32.63
C PRO D 346 30.95 -8.49 32.13
N ASN D 347 30.90 -8.98 30.90
CA ASN D 347 31.91 -9.95 30.43
C ASN D 347 33.28 -9.36 30.49
N ASN D 348 33.81 -9.33 31.71
CA ASN D 348 35.09 -8.70 32.06
C ASN D 348 36.31 -9.59 32.08
N VAL D 349 36.21 -10.73 31.43
CA VAL D 349 37.34 -11.64 31.37
C VAL D 349 37.32 -12.28 29.99
N LYS D 350 38.28 -11.85 29.14
CA LYS D 350 38.36 -12.32 27.77
C LYS D 350 39.60 -13.14 27.51
N THR D 351 39.42 -14.19 26.72
CA THR D 351 40.48 -15.14 26.43
C THR D 351 40.75 -15.30 24.96
N ALA D 352 42.03 -15.30 24.62
CA ALA D 352 42.49 -15.40 23.24
C ALA D 352 43.39 -16.62 23.13
N VAL D 353 43.26 -17.37 22.03
CA VAL D 353 44.12 -18.53 21.84
C VAL D 353 44.90 -18.38 20.55
N CYS D 354 46.19 -18.72 20.58
CA CYS D 354 47.05 -18.69 19.40
C CYS D 354 47.77 -20.03 19.34
N ASP D 355 48.02 -20.56 18.13
CA ASP D 355 48.59 -21.91 18.01
C ASP D 355 50.07 -22.08 17.67
N ILE D 356 50.87 -21.04 17.89
CA ILE D 356 52.31 -21.15 17.66
C ILE D 356 53.07 -21.17 19.01
N PRO D 357 53.44 -22.38 19.45
CA PRO D 357 54.15 -22.59 20.71
C PRO D 357 55.35 -21.69 20.91
N PRO D 358 55.59 -21.29 22.17
CA PRO D 358 56.78 -20.50 22.52
C PRO D 358 58.08 -21.35 22.49
N ARG D 359 59.14 -20.86 23.15
CA ARG D 359 60.41 -21.60 23.29
C ARG D 359 60.03 -22.96 23.89
N GLY D 360 60.92 -23.95 23.92
CA GLY D 360 60.56 -25.26 24.46
C GLY D 360 59.04 -25.47 24.41
N LEU D 361 58.40 -25.44 25.58
CA LEU D 361 56.94 -25.52 25.79
C LEU D 361 55.97 -25.96 24.67
N LYS D 362 55.30 -27.09 24.88
CA LYS D 362 54.29 -27.60 23.94
C LYS D 362 52.99 -26.81 24.13
N MET D 363 52.72 -26.44 25.38
CA MET D 363 51.55 -25.69 25.79
C MET D 363 52.01 -24.50 26.62
N SER D 364 51.25 -23.41 26.60
CA SER D 364 51.61 -22.23 27.37
C SER D 364 50.44 -21.28 27.52
N ALA D 365 50.45 -20.48 28.57
CA ALA D 365 49.44 -19.46 28.79
C ALA D 365 50.05 -18.29 29.50
N THR D 366 49.46 -17.13 29.31
CA THR D 366 49.93 -15.95 30.00
C THR D 366 48.71 -15.15 30.42
N PHE D 367 48.87 -14.23 31.36
CA PHE D 367 47.72 -13.57 31.96
C PHE D 367 47.95 -12.11 32.23
N ILE D 368 46.95 -11.28 31.94
CA ILE D 368 47.05 -9.85 32.20
C ILE D 368 45.93 -9.48 33.16
N GLY D 369 46.28 -8.90 34.30
CA GLY D 369 45.23 -8.57 35.24
C GLY D 369 45.19 -7.21 35.89
N ASN D 370 44.10 -6.50 35.63
CA ASN D 370 43.89 -5.21 36.27
C ASN D 370 43.19 -5.49 37.57
N SER D 371 43.96 -5.71 38.65
CA SER D 371 43.38 -6.06 39.95
C SER D 371 43.69 -5.09 41.06
N THR D 372 42.66 -4.75 41.84
CA THR D 372 42.78 -3.80 42.97
C THR D 372 43.75 -4.26 44.05
N ALA D 373 44.27 -5.47 43.89
CA ALA D 373 45.22 -6.07 44.80
C ALA D 373 46.58 -5.46 44.56
N ILE D 374 46.76 -4.93 43.36
CA ILE D 374 47.97 -4.24 42.98
C ILE D 374 48.23 -3.15 44.02
N GLN D 375 47.16 -2.69 44.68
CA GLN D 375 47.20 -1.67 45.74
C GLN D 375 48.31 -2.07 46.70
N GLU D 376 48.35 -3.36 47.01
CA GLU D 376 49.32 -3.97 47.93
C GLU D 376 50.76 -3.60 47.61
N LEU D 377 51.07 -3.60 46.31
CA LEU D 377 52.40 -3.28 45.81
C LEU D 377 52.73 -1.81 46.04
N PHE D 378 51.84 -0.91 45.65
CA PHE D 378 52.09 0.52 45.83
C PHE D 378 52.27 0.87 47.31
N LYS D 379 51.46 0.23 48.16
CA LYS D 379 51.52 0.43 49.59
C LYS D 379 52.89 0.09 50.17
N ARG D 380 53.50 -1.01 49.71
CA ARG D 380 54.78 -1.47 50.25
C ARG D 380 56.00 -0.65 49.83
N ILE D 381 55.93 0.04 48.69
CA ILE D 381 57.04 0.93 48.32
C ILE D 381 56.83 2.27 49.01
N SER D 382 55.56 2.66 49.19
CA SER D 382 55.22 3.89 49.90
C SER D 382 55.50 3.75 51.41
N GLU D 383 55.76 2.50 51.80
CA GLU D 383 56.04 2.11 53.18
C GLU D 383 57.49 2.37 53.56
N GLN D 384 58.39 2.11 52.61
CA GLN D 384 59.82 2.36 52.80
C GLN D 384 60.13 3.80 52.40
N PHE D 385 59.22 4.44 51.68
CA PHE D 385 59.43 5.82 51.29
C PHE D 385 59.20 6.75 52.50
N THR D 386 57.95 6.81 52.98
CA THR D 386 57.56 7.65 54.15
C THR D 386 58.30 7.20 55.37
N ALA D 387 58.91 6.02 55.29
CA ALA D 387 59.71 5.44 56.35
C ALA D 387 61.14 6.00 56.33
N MET D 388 61.51 6.64 55.22
CA MET D 388 62.82 7.25 55.07
C MET D 388 62.69 8.76 54.95
N PHE D 389 61.72 9.20 54.17
CA PHE D 389 61.48 10.63 53.97
C PHE D 389 60.92 11.27 55.23
N ARG D 390 60.67 10.42 56.22
CA ARG D 390 60.24 10.80 57.56
C ARG D 390 61.21 11.86 58.03
N ARG D 391 62.33 11.38 58.56
CA ARG D 391 63.42 12.20 59.05
C ARG D 391 64.36 12.43 57.86
N LYS D 392 63.83 13.05 56.80
CA LYS D 392 64.55 13.33 55.55
C LYS D 392 65.88 12.57 55.43
N ALA D 393 65.84 11.35 54.90
CA ALA D 393 67.03 10.51 54.75
C ALA D 393 68.02 11.01 53.71
N PHE D 394 68.56 10.09 52.92
CA PHE D 394 69.52 10.37 51.86
C PHE D 394 69.11 11.49 50.90
N LEU D 395 68.02 12.16 51.24
CA LEU D 395 67.41 13.22 50.45
C LEU D 395 68.36 14.28 49.92
N HIS D 396 69.37 14.66 50.69
CA HIS D 396 70.30 15.69 50.25
C HIS D 396 71.01 15.37 48.93
N TRP D 397 70.91 14.12 48.45
CA TRP D 397 71.51 13.74 47.17
C TRP D 397 70.74 14.30 45.99
N TYR D 398 69.45 14.56 46.20
CA TYR D 398 68.56 15.13 45.21
C TYR D 398 68.48 16.65 45.40
N THR D 399 68.15 17.10 46.61
CA THR D 399 68.12 18.53 46.93
C THR D 399 69.21 19.14 46.10
N GLY D 400 70.40 18.55 46.20
CA GLY D 400 71.60 19.03 45.52
C GLY D 400 71.56 19.10 44.02
N GLU D 401 70.91 18.14 43.37
CA GLU D 401 70.86 18.14 41.91
C GLU D 401 69.83 19.13 41.37
N GLY D 402 69.16 19.86 42.27
CA GLY D 402 68.25 20.91 41.88
C GLY D 402 66.79 20.80 42.30
N MET D 403 66.41 19.65 42.84
CA MET D 403 65.02 19.37 43.21
C MET D 403 64.53 20.09 44.45
N ASP D 404 63.22 20.27 44.56
CA ASP D 404 62.67 20.87 45.77
C ASP D 404 62.12 19.85 46.75
N GLU D 405 62.22 20.20 48.04
CA GLU D 405 61.75 19.35 49.13
C GLU D 405 60.31 18.90 48.97
N MET D 406 59.44 19.83 48.58
CA MET D 406 58.01 19.53 48.44
C MET D 406 57.63 18.75 47.18
N GLU D 407 58.58 18.55 46.26
CA GLU D 407 58.34 17.75 45.05
C GLU D 407 58.32 16.27 45.44
N PHE D 408 58.78 16.00 46.67
CA PHE D 408 58.76 14.66 47.25
C PHE D 408 57.39 14.46 47.88
N THR D 409 56.97 15.38 48.76
CA THR D 409 55.64 15.28 49.37
C THR D 409 54.53 15.21 48.28
N GLU D 410 54.71 16.01 47.23
CA GLU D 410 53.77 16.07 46.10
C GLU D 410 53.66 14.75 45.36
N ALA D 411 54.74 13.98 45.39
CA ALA D 411 54.77 12.67 44.74
C ALA D 411 54.14 11.66 45.68
N GLU D 412 54.58 11.68 46.93
CA GLU D 412 54.06 10.79 47.96
C GLU D 412 52.53 10.92 48.03
N SER D 413 52.04 12.17 48.09
CA SER D 413 50.62 12.48 48.15
C SER D 413 49.83 11.93 46.99
N ASN D 414 50.35 12.13 45.77
CA ASN D 414 49.68 11.61 44.58
C ASN D 414 49.59 10.09 44.68
N MET D 415 50.69 9.46 45.12
CA MET D 415 50.79 8.03 45.20
C MET D 415 49.84 7.32 46.15
N ASN D 416 49.67 7.89 47.34
CA ASN D 416 48.75 7.34 48.35
C ASN D 416 47.29 7.39 47.92
N ASP D 417 46.99 8.37 47.06
CA ASP D 417 45.65 8.52 46.54
C ASP D 417 45.38 7.31 45.68
N LEU D 418 46.37 6.96 44.85
CA LEU D 418 46.26 5.83 43.95
C LEU D 418 45.90 4.57 44.71
N VAL D 419 46.35 4.50 45.97
CA VAL D 419 46.04 3.39 46.88
C VAL D 419 44.63 3.61 47.38
N SER D 420 44.31 4.86 47.71
CA SER D 420 43.00 5.25 48.23
C SER D 420 41.89 5.23 47.19
N GLU D 421 42.25 4.90 45.96
CA GLU D 421 41.31 4.82 44.86
C GLU D 421 41.07 3.37 44.53
N TYR D 422 42.15 2.61 44.42
CA TYR D 422 42.06 1.18 44.20
C TYR D 422 41.24 0.53 45.32
N GLN D 423 41.45 1.03 46.55
CA GLN D 423 40.78 0.55 47.76
C GLN D 423 39.34 1.07 47.83
N GLN D 424 39.04 2.01 46.94
CA GLN D 424 37.70 2.57 46.84
C GLN D 424 36.85 1.70 45.95
N TYR D 425 37.51 0.99 45.04
CA TYR D 425 36.79 0.18 44.07
C TYR D 425 36.65 -1.28 44.48
N GLN D 426 36.75 -1.55 45.77
CA GLN D 426 36.39 -2.88 46.18
C GLN D 426 35.01 -2.62 46.81
N ASP D 427 34.16 -2.05 45.95
CA ASP D 427 32.80 -1.58 46.26
C ASP D 427 31.67 -2.63 46.09
N ALA D 428 30.70 -2.36 45.20
CA ALA D 428 29.55 -3.28 44.97
C ALA D 428 28.67 -2.80 43.82
N ALA E 1 -88.05 -1.03 -27.20
CA ALA E 1 -88.86 -0.97 -25.94
C ALA E 1 -90.06 0.03 -26.02
N ASP E 2 -89.72 1.27 -26.39
CA ASP E 2 -90.61 2.43 -26.51
C ASP E 2 -89.60 3.61 -26.50
N MET E 3 -89.01 3.94 -27.65
CA MET E 3 -87.93 4.94 -27.68
C MET E 3 -88.15 6.31 -28.33
N GLU E 4 -88.68 6.35 -29.55
CA GLU E 4 -88.81 7.56 -30.37
C GLU E 4 -87.43 8.28 -30.50
N VAL E 5 -86.87 8.29 -31.72
CA VAL E 5 -85.56 8.88 -32.00
C VAL E 5 -85.63 10.10 -32.92
N ILE E 6 -84.86 11.15 -32.63
CA ILE E 6 -84.81 12.34 -33.49
C ILE E 6 -83.55 12.20 -34.35
N GLU E 7 -83.52 12.76 -35.57
CA GLU E 7 -82.31 12.63 -36.44
C GLU E 7 -81.62 13.88 -36.99
N LEU E 8 -80.56 14.26 -36.31
CA LEU E 8 -79.75 15.42 -36.67
C LEU E 8 -78.74 15.08 -37.78
N ASN E 9 -79.01 15.51 -39.02
CA ASN E 9 -78.06 15.31 -40.14
C ASN E 9 -78.10 13.98 -40.94
N LYS E 10 -78.06 14.10 -42.26
CA LYS E 10 -78.02 12.97 -43.17
C LYS E 10 -77.08 13.37 -44.28
N CYS E 11 -75.84 12.87 -44.22
CA CYS E 11 -74.83 13.23 -45.20
C CYS E 11 -74.85 12.40 -46.49
N THR E 12 -73.67 12.32 -47.13
CA THR E 12 -73.51 11.56 -48.36
C THR E 12 -73.10 10.13 -48.08
N SER E 13 -72.21 9.98 -47.11
CA SER E 13 -71.75 8.68 -46.69
C SER E 13 -71.89 8.63 -45.16
N GLY E 14 -73.08 9.01 -44.68
CA GLY E 14 -73.37 9.01 -43.25
C GLY E 14 -74.82 9.24 -42.88
N GLN E 15 -75.09 9.23 -41.59
CA GLN E 15 -76.43 9.45 -41.03
C GLN E 15 -76.28 9.48 -39.51
N SER E 16 -76.67 10.59 -38.88
CA SER E 16 -76.59 10.68 -37.43
C SER E 16 -77.98 10.84 -36.89
N PHE E 17 -78.25 10.17 -35.78
CA PHE E 17 -79.54 10.26 -35.14
C PHE E 17 -79.39 9.96 -33.68
N GLU E 18 -79.98 10.77 -32.83
CA GLU E 18 -79.88 10.51 -31.41
C GLU E 18 -81.13 9.72 -31.02
N VAL E 19 -81.00 8.84 -30.03
CA VAL E 19 -82.17 8.10 -29.51
C VAL E 19 -82.28 8.23 -27.98
N ILE E 20 -83.13 9.17 -27.53
CA ILE E 20 -83.37 9.42 -26.12
C ILE E 20 -84.22 8.26 -25.63
N LEU E 21 -83.85 7.70 -24.50
CA LEU E 21 -84.51 6.50 -23.99
C LEU E 21 -85.46 6.76 -22.84
N LYS E 22 -85.05 7.59 -21.89
CA LYS E 22 -85.89 7.93 -20.72
C LYS E 22 -85.64 9.33 -20.15
N PRO E 23 -86.74 10.04 -19.83
CA PRO E 23 -86.67 11.40 -19.25
C PRO E 23 -85.69 11.54 -18.07
N PRO E 24 -84.53 12.17 -18.27
CA PRO E 24 -83.48 12.30 -17.22
C PRO E 24 -83.89 12.62 -15.74
N SER E 25 -84.96 13.40 -15.49
CA SER E 25 -85.44 13.72 -14.13
C SER E 25 -84.44 14.41 -13.15
N PHE E 26 -84.38 15.75 -13.21
CA PHE E 26 -83.51 16.59 -12.36
C PHE E 26 -83.99 18.06 -12.35
N ASP E 27 -83.04 18.98 -12.25
CA ASP E 27 -83.29 20.44 -12.25
C ASP E 27 -81.97 21.21 -12.21
N PRO E 42 -57.84 32.23 -19.76
CA PRO E 42 -56.44 32.68 -19.83
C PRO E 42 -55.34 31.67 -19.36
N SER E 43 -54.71 30.98 -20.31
CA SER E 43 -53.58 30.09 -20.00
C SER E 43 -52.31 30.89 -19.53
N LEU E 44 -52.23 32.17 -19.91
CA LEU E 44 -51.15 33.14 -19.55
C LEU E 44 -49.75 32.96 -20.19
N GLU E 45 -49.39 33.88 -21.11
CA GLU E 45 -48.10 33.82 -21.81
C GLU E 45 -46.91 34.06 -20.85
N GLU E 46 -46.89 35.27 -20.25
CA GLU E 46 -45.85 35.71 -19.32
C GLU E 46 -45.15 34.54 -18.66
N ILE E 47 -45.94 33.53 -18.28
CA ILE E 47 -45.49 32.31 -17.61
C ILE E 47 -44.53 31.34 -18.37
N GLN E 48 -43.47 31.92 -18.93
CA GLN E 48 -42.33 31.18 -19.48
C GLN E 48 -41.21 31.53 -18.47
N LYS E 49 -41.55 32.44 -17.55
CA LYS E 49 -40.70 32.85 -16.46
C LYS E 49 -40.82 31.78 -15.38
N LYS E 50 -41.88 30.98 -15.41
CA LYS E 50 -42.01 29.85 -14.47
C LYS E 50 -40.97 28.80 -14.91
N LEU E 51 -40.86 28.66 -16.22
CA LEU E 51 -39.95 27.75 -16.91
C LEU E 51 -38.47 28.18 -16.79
N GLU E 52 -38.19 29.47 -16.94
CA GLU E 52 -36.82 29.97 -16.84
C GLU E 52 -36.45 30.41 -15.40
N ALA E 53 -37.08 29.75 -14.43
CA ALA E 53 -36.80 29.94 -13.01
C ALA E 53 -36.11 28.65 -12.62
N ALA E 54 -36.45 27.60 -13.38
CA ALA E 54 -35.88 26.26 -13.24
C ALA E 54 -34.48 26.23 -13.81
N GLU E 55 -34.23 26.97 -14.88
CA GLU E 55 -32.89 27.05 -15.43
C GLU E 55 -32.01 27.63 -14.33
N GLU E 56 -32.39 28.79 -13.80
CA GLU E 56 -31.60 29.47 -12.76
C GLU E 56 -31.63 28.84 -11.37
N ARG E 57 -32.03 27.57 -11.30
CA ARG E 57 -32.04 26.82 -10.06
C ARG E 57 -31.20 25.56 -10.27
N ARG E 58 -31.19 25.08 -11.52
CA ARG E 58 -30.39 23.92 -11.94
C ARG E 58 -28.97 24.39 -12.19
N LYS E 59 -28.85 25.60 -12.73
CA LYS E 59 -27.55 26.18 -12.97
C LYS E 59 -26.96 26.53 -11.63
N TYR E 60 -27.81 26.61 -10.61
CA TYR E 60 -27.35 26.85 -9.24
C TYR E 60 -26.78 25.57 -8.69
N GLN E 61 -27.60 24.51 -8.71
CA GLN E 61 -27.25 23.16 -8.24
C GLN E 61 -25.85 22.72 -8.67
N GLU E 62 -25.56 22.97 -9.95
CA GLU E 62 -24.31 22.62 -10.62
C GLU E 62 -23.22 23.68 -10.35
N ALA E 63 -23.59 24.97 -10.38
CA ALA E 63 -22.63 26.03 -10.07
C ALA E 63 -22.11 25.84 -8.62
N GLU E 64 -22.82 25.01 -7.86
CA GLU E 64 -22.50 24.66 -6.48
C GLU E 64 -21.52 23.49 -6.42
N LEU E 65 -22.00 22.29 -6.74
CA LEU E 65 -21.18 21.08 -6.76
C LEU E 65 -20.12 21.24 -7.83
N LEU E 66 -19.47 22.41 -7.83
CA LEU E 66 -18.41 22.82 -8.75
C LEU E 66 -17.52 23.80 -7.95
N LYS E 67 -18.15 24.82 -7.36
CA LYS E 67 -17.46 25.77 -6.48
C LYS E 67 -17.12 24.98 -5.23
N HIS E 68 -17.81 23.85 -5.09
CA HIS E 68 -17.66 22.91 -3.99
C HIS E 68 -16.72 21.76 -4.38
N LEU E 69 -16.33 21.74 -5.65
CA LEU E 69 -15.45 20.71 -6.17
C LEU E 69 -14.04 21.24 -6.39
N ALA E 70 -13.94 22.47 -6.87
CA ALA E 70 -12.65 23.11 -7.06
C ALA E 70 -12.11 23.41 -5.66
N GLU E 71 -12.97 23.18 -4.67
CA GLU E 71 -12.71 23.34 -3.24
C GLU E 71 -11.84 22.17 -2.82
N LYS E 72 -12.30 20.96 -3.15
CA LYS E 72 -11.52 19.78 -2.89
C LYS E 72 -10.17 19.99 -3.57
N ARG E 73 -10.21 20.44 -4.83
CA ARG E 73 -9.02 20.63 -5.65
C ARG E 73 -7.86 21.36 -4.98
N GLU E 74 -8.15 22.47 -4.33
CA GLU E 74 -7.10 23.28 -3.72
C GLU E 74 -6.79 22.87 -2.27
N HIS E 75 -7.08 21.60 -1.96
CA HIS E 75 -6.78 20.97 -0.68
C HIS E 75 -5.94 19.77 -1.07
N GLU E 76 -5.90 19.53 -2.38
CA GLU E 76 -5.09 18.49 -2.94
C GLU E 76 -3.75 19.17 -3.16
N ARG E 77 -3.79 20.47 -3.47
CA ARG E 77 -2.58 21.22 -3.65
C ARG E 77 -1.93 21.29 -2.26
N GLU E 78 -2.78 21.50 -1.25
CA GLU E 78 -2.38 21.63 0.15
C GLU E 78 -1.74 20.40 0.73
N VAL E 79 -2.19 19.23 0.27
CA VAL E 79 -1.65 17.95 0.75
C VAL E 79 -0.31 17.67 0.09
N ILE E 80 -0.25 17.78 -1.24
CA ILE E 80 1.01 17.58 -1.97
C ILE E 80 2.05 18.52 -1.38
N GLN E 81 1.57 19.63 -0.81
CA GLN E 81 2.35 20.73 -0.21
C GLN E 81 2.86 20.54 1.25
N LYS E 82 1.98 20.09 2.15
CA LYS E 82 2.35 19.82 3.55
C LYS E 82 3.28 18.62 3.57
N ALA E 83 3.35 17.95 2.41
CA ALA E 83 4.18 16.76 2.17
C ALA E 83 5.60 17.19 1.88
N ILE E 84 5.77 17.92 0.79
CA ILE E 84 7.08 18.41 0.42
C ILE E 84 7.61 19.30 1.55
N GLU E 85 6.78 20.19 2.10
CA GLU E 85 7.22 21.06 3.22
C GLU E 85 7.40 20.29 4.57
N GLU E 86 6.84 19.09 4.64
CA GLU E 86 6.98 18.20 5.79
C GLU E 86 8.41 17.68 5.76
N ASN E 87 8.84 17.26 4.57
CA ASN E 87 10.17 16.76 4.31
C ASN E 87 11.25 17.82 4.52
N ASN E 88 11.07 18.99 3.93
CA ASN E 88 12.04 20.06 4.07
C ASN E 88 12.46 20.25 5.53
N ASN E 89 11.47 20.36 6.42
CA ASN E 89 11.68 20.60 7.85
C ASN E 89 12.13 19.40 8.64
N PHE E 90 12.69 18.43 7.91
CA PHE E 90 13.28 17.25 8.50
C PHE E 90 14.72 17.40 8.13
N ILE E 91 14.96 17.80 6.89
CA ILE E 91 16.32 18.03 6.39
C ILE E 91 16.95 19.27 7.05
N LYS E 92 16.44 20.47 6.73
CA LYS E 92 16.95 21.76 7.22
C LYS E 92 16.65 22.05 8.71
N MET E 93 16.54 20.96 9.49
CA MET E 93 16.37 21.01 10.93
C MET E 93 17.28 19.92 11.52
N ALA E 94 17.48 18.83 10.77
CA ALA E 94 18.39 17.75 11.20
C ALA E 94 19.62 17.63 10.30
N LYS E 95 19.88 18.70 9.55
CA LYS E 95 21.12 18.86 8.79
C LYS E 95 21.98 19.75 9.71
N GLU E 96 21.33 20.70 10.41
CA GLU E 96 21.99 21.60 11.38
C GLU E 96 21.87 21.11 12.85
N LYS E 97 21.41 19.87 13.02
CA LYS E 97 21.33 19.21 14.32
C LYS E 97 22.60 18.39 14.36
N LEU E 98 23.09 18.04 13.18
CA LEU E 98 24.33 17.28 13.06
C LEU E 98 25.49 18.28 13.09
N ALA E 99 25.46 19.24 12.17
CA ALA E 99 26.52 20.22 12.02
C ALA E 99 26.86 21.01 13.29
N GLN E 100 25.85 21.42 14.05
CA GLN E 100 26.07 22.17 15.31
C GLN E 100 26.25 21.23 16.53
N LYS E 101 26.59 19.98 16.22
CA LYS E 101 26.89 18.95 17.22
C LYS E 101 28.27 18.39 16.87
N MET E 102 28.68 18.57 15.63
CA MET E 102 30.02 18.19 15.20
C MET E 102 30.88 19.46 15.20
N GLU E 103 30.45 20.40 16.05
CA GLU E 103 31.08 21.70 16.31
C GLU E 103 31.18 21.77 17.82
N SER E 104 30.35 20.95 18.46
CA SER E 104 30.32 20.72 19.88
C SER E 104 31.53 19.82 20.08
N ASN E 105 31.74 18.98 19.08
CA ASN E 105 32.80 18.00 19.08
C ASN E 105 34.21 18.51 18.87
N LYS E 106 34.45 19.16 17.73
CA LYS E 106 35.76 19.75 17.45
C LYS E 106 36.19 20.59 18.67
N GLU E 107 35.34 21.54 19.11
CA GLU E 107 35.63 22.44 20.24
C GLU E 107 35.97 21.70 21.56
N ASN E 108 35.32 20.56 21.79
CA ASN E 108 35.49 19.74 22.99
C ASN E 108 36.84 19.03 23.09
N ARG E 109 37.17 18.25 22.05
CA ARG E 109 38.42 17.48 21.99
C ARG E 109 39.59 18.39 21.85
N GLU E 110 39.49 19.36 20.93
CA GLU E 110 40.54 20.33 20.73
C GLU E 110 40.88 21.01 22.06
N ALA E 111 39.83 21.19 22.89
CA ALA E 111 39.95 21.79 24.22
C ALA E 111 40.49 20.81 25.25
N HIS E 112 40.14 19.53 25.09
CA HIS E 112 40.63 18.44 25.94
C HIS E 112 42.14 18.25 25.65
N LEU E 113 42.52 18.25 24.36
CA LEU E 113 43.92 18.09 23.92
C LEU E 113 44.76 19.35 24.18
N ALA E 114 44.11 20.50 24.34
CA ALA E 114 44.77 21.78 24.64
C ALA E 114 44.98 22.01 26.16
N ALA E 115 44.18 21.31 26.97
CA ALA E 115 44.30 21.37 28.41
C ALA E 115 45.34 20.35 28.83
N MET E 116 45.51 19.32 27.99
CA MET E 116 46.50 18.22 28.21
C MET E 116 47.94 18.61 27.87
N LEU E 117 48.11 19.73 27.16
CA LEU E 117 49.44 20.23 26.83
C LEU E 117 49.75 21.36 27.79
N GLU E 118 48.70 22.11 28.14
CA GLU E 118 48.79 23.24 29.07
C GLU E 118 49.44 22.83 30.38
N ARG E 119 48.99 21.69 30.89
CA ARG E 119 49.54 21.11 32.12
C ARG E 119 50.92 20.50 31.84
N LEU E 120 51.11 20.03 30.62
CA LEU E 120 52.35 19.39 30.22
C LEU E 120 53.50 20.33 29.92
N GLN E 121 53.23 21.43 29.23
CA GLN E 121 54.29 22.37 28.92
C GLN E 121 54.70 23.18 30.16
N GLU E 122 54.03 22.91 31.28
CA GLU E 122 54.31 23.67 32.51
C GLU E 122 55.08 22.86 33.58
N LYS E 123 54.90 21.53 33.59
CA LYS E 123 55.69 20.62 34.44
C LYS E 123 56.78 20.19 33.45
N ASP E 124 57.38 21.22 32.86
CA ASP E 124 58.34 21.16 31.78
C ASP E 124 59.11 22.45 31.93
N LYS E 125 58.37 23.58 31.92
CA LYS E 125 58.91 24.93 32.11
C LYS E 125 59.13 25.22 33.59
N HIS E 126 59.03 24.15 34.39
CA HIS E 126 59.30 24.18 35.83
C HIS E 126 60.65 23.47 36.03
N ALA E 127 60.87 22.41 35.24
CA ALA E 127 62.13 21.67 35.24
C ALA E 127 63.25 22.61 34.81
N GLU E 128 63.02 23.29 33.69
CA GLU E 128 63.94 24.30 33.13
C GLU E 128 64.27 25.38 34.17
N GLU E 129 63.22 25.89 34.83
CA GLU E 129 63.35 26.94 35.87
C GLU E 129 63.89 26.42 37.22
N VAL E 130 63.94 25.10 37.39
CA VAL E 130 64.54 24.50 38.60
C VAL E 130 65.67 23.48 38.23
N ARG E 131 66.51 23.96 37.30
CA ARG E 131 67.73 23.34 36.82
C ARG E 131 68.58 24.60 36.86
N LYS E 132 67.89 25.73 36.67
CA LYS E 132 68.48 27.07 36.76
C LYS E 132 68.51 27.42 38.24
N ASN E 133 68.12 26.45 39.07
CA ASN E 133 68.19 26.54 40.53
C ASN E 133 69.42 25.77 41.01
N LYS E 134 69.88 24.85 40.15
CA LYS E 134 71.09 24.07 40.41
C LYS E 134 72.30 24.90 39.99
N GLU E 135 72.07 26.04 39.32
CA GLU E 135 73.12 26.98 38.92
C GLU E 135 73.47 27.89 40.08
N LEU E 136 72.45 28.26 40.87
CA LEU E 136 72.62 29.06 42.07
C LEU E 136 72.94 28.16 43.28
N LYS E 137 72.47 26.90 43.21
CA LYS E 137 72.68 25.89 44.26
C LYS E 137 74.13 25.35 44.34
N GLU E 138 74.39 24.25 43.62
CA GLU E 138 75.70 23.57 43.61
C GLU E 138 76.90 24.49 43.32
MG MG F . -38.07 9.11 -22.53
PG GTP G . -38.03 8.08 -25.37
O1G GTP G . -37.50 7.18 -26.46
O2G GTP G . -37.54 9.55 -25.49
O3G GTP G . -37.60 7.73 -23.91
O3B GTP G . -39.65 8.08 -25.53
PB GTP G . -40.49 8.86 -24.37
O1B GTP G . -41.61 9.56 -25.04
O2B GTP G . -39.50 9.68 -23.42
O3A GTP G . -41.19 7.65 -23.52
PA GTP G . -41.81 6.28 -24.13
O1A GTP G . -40.80 5.19 -24.29
O2A GTP G . -42.44 6.65 -25.48
O5' GTP G . -42.91 5.98 -23.00
C5' GTP G . -42.81 4.87 -22.15
C4' GTP G . -44.24 4.35 -22.00
O4' GTP G . -44.74 4.22 -23.30
C3' GTP G . -44.39 2.99 -21.34
O3' GTP G . -45.62 3.10 -20.65
C2' GTP G . -44.48 1.99 -22.47
O2' GTP G . -45.25 0.83 -22.16
C1' GTP G . -45.11 2.87 -23.55
N9 GTP G . -44.79 2.61 -24.96
C8 GTP G . -43.60 2.82 -25.61
N7 GTP G . -43.76 2.47 -26.92
C5 GTP G . -45.04 2.07 -27.10
C6 GTP G . -45.72 1.63 -28.22
O6 GTP G . -45.14 1.55 -29.28
N1 GTP G . -47.05 1.29 -28.11
C2 GTP G . -47.67 1.40 -26.88
N2 GTP G . -48.92 1.09 -26.73
N3 GTP G . -46.99 1.82 -25.78
C4 GTP G . -45.70 2.16 -25.88
MG MG H . -0.35 -4.10 -6.16
PB GDP I . -3.13 -1.27 -7.20
O1B GDP I . -3.97 -0.13 -6.74
O2B GDP I . -3.49 -1.67 -8.64
O3B GDP I . -1.61 -1.03 -7.16
O3A GDP I . -3.53 -2.40 -6.14
PA GDP I . -3.92 -3.92 -6.52
O1A GDP I . -4.19 -3.96 -7.97
O2A GDP I . -2.80 -4.91 -6.09
O5' GDP I . -5.31 -4.18 -5.73
C5' GDP I . -5.29 -4.44 -4.34
C4' GDP I . -6.44 -5.37 -3.97
O4' GDP I . -7.14 -5.73 -5.12
C3' GDP I . -5.93 -6.66 -3.34
O3' GDP I . -6.26 -6.68 -1.98
C2' GDP I . -6.60 -7.80 -4.08
O2' GDP I . -7.49 -8.58 -3.32
C1' GDP I . -7.38 -7.12 -5.17
N9 GDP I . -6.84 -7.67 -6.41
C8 GDP I . -5.55 -7.64 -6.83
N7 GDP I . -5.49 -8.27 -8.02
C5 GDP I . -6.72 -8.69 -8.36
C6 GDP I . -7.22 -9.38 -9.45
O6 GDP I . -6.43 -9.90 -10.23
N1 GDP I . -8.56 -9.69 -9.52
C2 GDP I . -9.41 -9.32 -8.50
N2 GDP I . -10.45 -10.09 -8.27
N3 GDP I . -8.90 -8.63 -7.42
C4 GDP I . -7.59 -8.32 -7.34
O4 CN2 J . -37.30 -1.97 -18.60
C12 CN2 J . -37.35 -0.80 -18.96
C13 CN2 J . -38.61 -0.20 -19.48
S1 CN2 J . -39.04 -1.46 -20.68
N1 CN2 J . -36.36 0.06 -18.97
C11 CN2 J . -35.08 -0.35 -18.50
C14 CN2 J . -35.13 -0.56 -17.01
C15 CN2 J . -36.33 -0.36 -16.31
C10 CN2 J . -34.23 0.82 -18.98
C9 CN2 J . -33.05 1.09 -18.05
C8 CN2 J . -32.24 -0.18 -18.02
C7 CN2 J . -31.09 -0.36 -18.75
C5 CN2 J . -30.39 -1.56 -18.66
C3 CN2 J . -30.88 -2.58 -17.86
C1 CN2 J . -32.05 -2.41 -17.15
O1 CN2 J . -32.51 -3.41 -16.38
C2 CN2 J . -31.88 -3.59 -15.11
O2 CN2 J . -30.18 -3.77 -17.77
C4 CN2 J . -29.02 -3.90 -16.93
O3 CN2 J . -29.23 -1.72 -19.40
C6 CN2 J . -27.92 -1.58 -18.83
C22 CN2 J . -32.75 -1.24 -17.19
C21 CN2 J . -33.99 -0.97 -16.43
C20 CN2 J . -34.07 -1.05 -15.22
C19 CN2 J . -34.77 -1.07 -14.23
C17 CN2 J . -35.88 -0.82 -13.78
C16 CN2 J . -36.78 -0.49 -14.86
O5 CN2 J . -37.94 -0.37 -14.54
O6 CN2 J . -36.31 -0.82 -12.39
C18 CN2 J . -35.86 -1.82 -11.49
MG MG K . 36.22 -1.18 15.38
PG GTP L . 36.78 -3.06 13.31
O1G GTP L . 37.65 -4.14 12.78
O2G GTP L . 37.21 -1.71 12.71
O3G GTP L . 36.85 -2.84 14.86
O3B GTP L . 35.26 -3.43 12.86
PB GTP L . 34.00 -2.72 13.61
O1B GTP L . 32.83 -2.55 12.69
O2B GTP L . 34.52 -1.41 14.29
O3A GTP L . 33.55 -3.74 14.79
PA GTP L . 33.35 -5.33 14.59
O1A GTP L . 34.55 -6.11 15.03
O2A GTP L . 33.03 -5.66 13.13
O5' GTP L . 32.07 -5.57 15.55
C5' GTP L . 32.15 -6.35 16.72
C4' GTP L . 30.86 -7.16 16.80
O4' GTP L . 30.73 -7.84 15.59
C3' GTP L . 30.87 -8.25 17.85
O3' GTP L . 29.50 -8.37 18.11
C2' GTP L . 31.39 -9.48 17.12
O2' GTP L . 30.86 -10.65 17.69
C1' GTP L . 30.77 -9.25 15.77
N9 GTP L . 31.40 -9.75 14.55
C8 GTP L . 32.61 -9.46 13.98
N7 GTP L . 32.73 -10.13 12.81
C5 GTP L . 31.58 -10.82 12.61
C6 GTP L . 31.15 -11.67 11.59
O6 GTP L . 31.91 -11.88 10.65
N1 GTP L . 29.89 -12.25 11.66
C2 GTP L . 29.06 -12.00 12.74
N2 GTP L . 27.86 -12.54 12.84
N3 GTP L . 29.50 -11.17 13.75
C4 GTP L . 30.73 -10.59 13.68
PB GDP M . 69.50 2.34 35.91
O1B GDP M . 68.33 3.21 35.67
O2B GDP M . 69.88 1.60 34.62
O3B GDP M . 70.72 3.18 36.38
O3A GDP M . 68.97 1.35 37.06
PA GDP M . 69.34 -0.22 37.21
O1A GDP M . 69.47 -0.76 35.84
O2A GDP M . 70.66 -0.43 38.04
O5' GDP M . 68.06 -0.96 37.90
C5' GDP M . 67.43 -0.43 39.05
C4' GDP M . 66.64 -1.50 39.79
O4' GDP M . 66.20 -2.48 38.89
C3' GDP M . 67.52 -2.24 40.77
O3' GDP M . 67.30 -1.72 42.06
C2' GDP M . 67.13 -3.72 40.66
O2' GDP M . 66.15 -4.07 41.60
C1' GDP M . 66.48 -3.81 39.31
N9 GDP M . 67.34 -4.42 38.29
C8 GDP M . 68.61 -4.06 37.96
N7 GDP M . 69.02 -4.85 36.96
C5 GDP M . 68.03 -5.69 36.59
C6 GDP M . 67.94 -6.69 35.63
O6 GDP M . 68.95 -7.13 35.09
N1 GDP M . 66.76 -7.39 35.50
C2 GDP M . 65.70 -7.13 36.34
N2 GDP M . 64.94 -8.17 36.67
N3 GDP M . 65.82 -6.14 37.29
C4 GDP M . 66.96 -5.43 37.44
O4 CN2 N . 38.78 -10.61 22.31
C12 CN2 N . 38.79 -9.65 21.53
C13 CN2 N . 37.82 -9.38 20.42
S1 CN2 N . 36.70 -10.75 20.19
N1 CN2 N . 39.63 -8.66 21.49
C11 CN2 N . 40.75 -8.41 22.34
C14 CN2 N . 40.37 -8.06 23.76
C15 CN2 N . 39.03 -8.05 24.20
C10 CN2 N . 41.25 -7.23 21.51
C9 CN2 N . 42.10 -6.24 22.28
C8 CN2 N . 43.16 -7.09 22.90
C7 CN2 N . 44.42 -7.15 22.39
C5 CN2 N . 45.35 -7.97 23.01
C3 CN2 N . 45.03 -8.74 24.13
C1 CN2 N . 43.75 -8.69 24.64
O1 CN2 N . 43.39 -9.45 25.71
C2 CN2 N . 42.78 -10.72 25.43
O2 CN2 N . 45.98 -9.56 24.75
C4 CN2 N . 46.78 -9.16 25.87
O3 CN2 N . 46.62 -7.98 22.48
C6 CN2 N . 47.67 -7.28 23.16
C22 CN2 N . 42.80 -7.89 24.06
C21 CN2 N . 41.42 -7.78 24.55
C20 CN2 N . 41.14 -7.44 25.72
C19 CN2 N . 40.26 -7.21 26.55
C17 CN2 N . 39.05 -7.37 26.78
C16 CN2 N . 38.33 -7.77 25.54
O5 CN2 N . 37.11 -7.91 25.65
O6 CN2 N . 38.37 -7.18 28.04
C18 CN2 N . 38.98 -7.71 29.22
#